data_7X6R
# 
_entry.id   7X6R 
# 
_audit_conform.dict_name       mmcif_pdbx.dic 
_audit_conform.dict_version    5.395 
_audit_conform.dict_location   http://mmcif.pdb.org/dictionaries/ascii/mmcif_pdbx.dic 
# 
loop_
_database_2.database_id 
_database_2.database_code 
_database_2.pdbx_database_accession 
_database_2.pdbx_DOI 
PDB   7X6R         pdb_00007x6r 10.2210/pdb7x6r/pdb 
WWPDB D_1300028165 ?            ?                   
# 
loop_
_pdbx_audit_revision_history.ordinal 
_pdbx_audit_revision_history.data_content_type 
_pdbx_audit_revision_history.major_revision 
_pdbx_audit_revision_history.minor_revision 
_pdbx_audit_revision_history.revision_date 
1 'Structure model' 1 0 2022-12-14 
2 'Structure model' 2 0 2023-11-15 
3 'Structure model' 2 1 2023-11-29 
4 'Structure model' 3 0 2024-07-10 
# 
_pdbx_audit_revision_details.ordinal             1 
_pdbx_audit_revision_details.revision_ordinal    1 
_pdbx_audit_revision_details.data_content_type   'Structure model' 
_pdbx_audit_revision_details.provider            repository 
_pdbx_audit_revision_details.type                'Initial release' 
_pdbx_audit_revision_details.description         ? 
_pdbx_audit_revision_details.details             ? 
# 
loop_
_pdbx_audit_revision_group.ordinal 
_pdbx_audit_revision_group.revision_ordinal 
_pdbx_audit_revision_group.data_content_type 
_pdbx_audit_revision_group.group 
1 2 'Structure model' 'Atomic model'            
2 2 'Structure model' 'Data collection'         
3 2 'Structure model' 'Derived calculations'    
4 3 'Structure model' 'Refinement description'  
5 4 'Structure model' 'Data collection'         
6 4 'Structure model' 'Derived calculations'    
7 4 'Structure model' 'Non-polymer description' 
8 4 'Structure model' 'Structure summary'       
# 
loop_
_pdbx_audit_revision_category.ordinal 
_pdbx_audit_revision_category.revision_ordinal 
_pdbx_audit_revision_category.data_content_type 
_pdbx_audit_revision_category.category 
1  2 'Structure model' atom_site                     
2  2 'Structure model' atom_site_anisotrop           
3  2 'Structure model' chem_comp_atom                
4  2 'Structure model' chem_comp_bond                
5  2 'Structure model' struct_conn                   
6  3 'Structure model' pdbx_initial_refinement_model 
7  4 'Structure model' chem_comp                     
8  4 'Structure model' chem_comp_atom                
9  4 'Structure model' chem_comp_bond                
10 4 'Structure model' entity                        
11 4 'Structure model' struct_conn                   
# 
loop_
_pdbx_audit_revision_item.ordinal 
_pdbx_audit_revision_item.revision_ordinal 
_pdbx_audit_revision_item.data_content_type 
_pdbx_audit_revision_item.item 
1  2 'Structure model' '_atom_site.auth_atom_id'                 
2  2 'Structure model' '_atom_site.label_atom_id'                
3  2 'Structure model' '_atom_site_anisotrop.pdbx_auth_atom_id'  
4  2 'Structure model' '_atom_site_anisotrop.pdbx_label_atom_id' 
5  2 'Structure model' '_struct_conn.pdbx_leaving_atom_flag'     
6  2 'Structure model' '_struct_conn.ptnr1_label_atom_id'        
7  2 'Structure model' '_struct_conn.ptnr2_label_atom_id'        
8  4 'Structure model' '_chem_comp.formula'                      
9  4 'Structure model' '_chem_comp.formula_weight'               
10 4 'Structure model' '_entity.formula_weight'                  
11 4 'Structure model' '_struct_conn.pdbx_leaving_atom_flag'     
# 
_pdbx_database_status.status_code                     REL 
_pdbx_database_status.status_code_sf                  REL 
_pdbx_database_status.status_code_mr                  ? 
_pdbx_database_status.entry_id                        7X6R 
_pdbx_database_status.recvd_initial_deposition_date   2022-03-08 
_pdbx_database_status.SG_entry                        N 
_pdbx_database_status.deposit_site                    PDBJ 
_pdbx_database_status.process_site                    PDBJ 
_pdbx_database_status.status_code_cs                  ? 
_pdbx_database_status.status_code_nmr_data            ? 
_pdbx_database_status.methods_development_category    ? 
_pdbx_database_status.pdb_format_compatible           Y 
# 
_pdbx_contact_author.id                 2 
_pdbx_contact_author.email              mhho@nchu.edu.tw 
_pdbx_contact_author.name_first         Ming-Hon 
_pdbx_contact_author.name_last          Hou 
_pdbx_contact_author.name_mi            ? 
_pdbx_contact_author.role               'principal investigator/group leader' 
_pdbx_contact_author.identifier_ORCID   0000-0003-4170-1527 
# 
loop_
_audit_author.name 
_audit_author.pdbx_ordinal 
_audit_author.identifier_ORCID 
'Kao, S.H.'     1 ? 
'Satange, R.B.' 2 ? 
'Hou, M.H.'     3 ? 
# 
_citation.abstract                  ? 
_citation.abstract_id_CAS           ? 
_citation.book_id_ISBN              ? 
_citation.book_publisher            ? 
_citation.book_publisher_city       ? 
_citation.book_title                ? 
_citation.coordinate_linkage        ? 
_citation.country                   UK 
_citation.database_id_Medline       ? 
_citation.details                   ? 
_citation.id                        primary 
_citation.journal_abbrev            'Nucleic Acids Res.' 
_citation.journal_id_ASTM           NARHAD 
_citation.journal_id_CSD            0389 
_citation.journal_id_ISSN           1362-4962 
_citation.journal_full              ? 
_citation.journal_issue             ? 
_citation.journal_volume            50 
_citation.language                  ? 
_citation.page_first                8867 
_citation.page_last                 8881 
_citation.title                     
;Staggered intercalation of DNA duplexes with base-pair modulation by two distinct drug molecules induces asymmetric backbone twisting and structure polymorphism.
;
_citation.year                      2022 
_citation.database_id_CSD           ? 
_citation.pdbx_database_id_DOI      10.1093/nar/gkac629 
_citation.pdbx_database_id_PubMed   35871296 
_citation.pdbx_database_id_patent   ? 
_citation.unpublished_flag          ? 
# 
loop_
_citation_author.citation_id 
_citation_author.name 
_citation_author.ordinal 
_citation_author.identifier_ORCID 
primary 'Satange, R.' 1 0000-0002-5150-9363 
primary 'Kao, S.H.'   2 ?                   
primary 'Chien, C.M.' 3 ?                   
primary 'Chou, S.H.'  4 ?                   
primary 'Lin, C.C.'   5 ?                   
primary 'Neidle, S.'  6 0000-0003-0622-6548 
primary 'Hou, M.H.'   7 0000-0003-4170-1527 
# 
loop_
_entity.id 
_entity.type 
_entity.src_method 
_entity.pdbx_description 
_entity.formula_weight 
_entity.pdbx_number_of_molecules 
_entity.pdbx_ec 
_entity.pdbx_mutation 
_entity.pdbx_fragment 
_entity.details 
1 polymer     syn 
;DNA (5'-D(P*AP*GP*CP*AP*CP*GP*T)-3')
;
2122.424 1  ? ? ? ? 
2 polymer     syn 
;DNA (5'-D(P*AP*CP*GP*GP*GP*CP*T)-3')
;
2138.423 1  ? ? ? ? 
3 polymer     nat 'Actinomycin D'                        1291.446 1  ? ? ? ? 
4 polymer     nat DSN-ALA-N2C-MVA-DSN-ALA-NCY-MVA        809.008  1  ? ? ? ? 
5 non-polymer syn 'COBALT (II) ION'                      58.933   3  ? ? ? ? 
6 non-polymer syn 2-CARBOXYQUINOXALINE                   174.156  2  ? ? ? ? 
7 water       nat water                                  18.015   23 ? ? ? ? 
# 
loop_
_entity_poly.entity_id 
_entity_poly.type 
_entity_poly.nstd_linkage 
_entity_poly.nstd_monomer 
_entity_poly.pdbx_seq_one_letter_code 
_entity_poly.pdbx_seq_one_letter_code_can 
_entity_poly.pdbx_strand_id 
_entity_poly.pdbx_target_identifier 
1 polydeoxyribonucleotide no no  '(DA)(DG)(DC)(DA)(DC)(DG)(DT)'            AGCACGT     A ? 
2 polydeoxyribonucleotide no no  '(DA)(DC)(DG)(DG)(DG)(DC)(DT)'            ACGGGCT     B ? 
3 'polypeptide(L)'        no yes 'T(DVA)P(SAR)(MVA)(PXZ)T(DVA)P(SAR)(MVA)' TVPGVXTVPGV C ? 
4 'polypeptide(L)'        no yes '(DSN)A(N2C)(MVA)(DSN)A(NCY)(MVA)'        SAXVSAXV    D ? 
# 
loop_
_pdbx_entity_nonpoly.entity_id 
_pdbx_entity_nonpoly.name 
_pdbx_entity_nonpoly.comp_id 
5 'COBALT (II) ION'    CO  
6 2-CARBOXYQUINOXALINE QUI 
7 water                HOH 
# 
loop_
_entity_poly_seq.entity_id 
_entity_poly_seq.num 
_entity_poly_seq.mon_id 
_entity_poly_seq.hetero 
1 1  DA  n 
1 2  DG  n 
1 3  DC  n 
1 4  DA  n 
1 5  DC  n 
1 6  DG  n 
1 7  DT  n 
2 1  DA  n 
2 2  DC  n 
2 3  DG  n 
2 4  DG  n 
2 5  DG  n 
2 6  DC  n 
2 7  DT  n 
3 1  THR n 
3 2  DVA n 
3 3  PRO n 
3 4  SAR n 
3 5  MVA n 
3 6  PXZ n 
3 7  THR n 
3 8  DVA n 
3 9  PRO n 
3 10 SAR n 
3 11 MVA n 
4 1  DSN n 
4 2  ALA n 
4 3  N2C n 
4 4  MVA n 
4 5  DSN n 
4 6  ALA n 
4 7  NCY n 
4 8  MVA n 
# 
loop_
_entity_src_nat.entity_id 
_entity_src_nat.pdbx_src_id 
_entity_src_nat.pdbx_alt_source_flag 
_entity_src_nat.pdbx_beg_seq_num 
_entity_src_nat.pdbx_end_seq_num 
_entity_src_nat.common_name 
_entity_src_nat.pdbx_organism_scientific 
_entity_src_nat.pdbx_ncbi_taxonomy_id 
_entity_src_nat.genus 
_entity_src_nat.species 
_entity_src_nat.strain 
_entity_src_nat.tissue 
_entity_src_nat.tissue_fraction 
_entity_src_nat.pdbx_secretion 
_entity_src_nat.pdbx_fragment 
_entity_src_nat.pdbx_variant 
_entity_src_nat.pdbx_cell_line 
_entity_src_nat.pdbx_atcc 
_entity_src_nat.pdbx_cellular_location 
_entity_src_nat.pdbx_organ 
_entity_src_nat.pdbx_organelle 
_entity_src_nat.pdbx_cell 
_entity_src_nat.pdbx_plasmid_name 
_entity_src_nat.pdbx_plasmid_details 
_entity_src_nat.details 
3 1 sample 1 11 ? Streptomyces 1883 ? ? ? ? ? ? ? ? ? ? ? ? ? ? ? ? ? 
4 1 sample 1 8  ? Streptomyces 1883 ? ? ? ? ? ? ? ? ? ? ? ? ? ? ? ? ? 
# 
loop_
_pdbx_entity_src_syn.entity_id 
_pdbx_entity_src_syn.pdbx_src_id 
_pdbx_entity_src_syn.pdbx_alt_source_flag 
_pdbx_entity_src_syn.pdbx_beg_seq_num 
_pdbx_entity_src_syn.pdbx_end_seq_num 
_pdbx_entity_src_syn.organism_scientific 
_pdbx_entity_src_syn.organism_common_name 
_pdbx_entity_src_syn.ncbi_taxonomy_id 
_pdbx_entity_src_syn.details 
1 1 sample 1 7 'synthetic construct' ? 32630 ? 
2 1 sample 1 7 'synthetic construct' ? 32630 ? 
# 
loop_
_chem_comp.id 
_chem_comp.type 
_chem_comp.mon_nstd_flag 
_chem_comp.name 
_chem_comp.pdbx_synonyms 
_chem_comp.formula 
_chem_comp.formula_weight 
ALA 'L-peptide linking' y ALANINE                                                         ?           'C3 H7 N O2'      89.093  
CO  non-polymer         . 'COBALT (II) ION'                                               ?           'Co 2'            58.933  
DA  'DNA linking'       y "2'-DEOXYADENOSINE-5'-MONOPHOSPHATE"                            ?           'C10 H14 N5 O6 P' 331.222 
DC  'DNA linking'       y "2'-DEOXYCYTIDINE-5'-MONOPHOSPHATE"                             ?           'C9 H14 N3 O7 P'  307.197 
DG  'DNA linking'       y "2'-DEOXYGUANOSINE-5'-MONOPHOSPHATE"                            ?           'C10 H14 N5 O7 P' 347.221 
DSN 'D-peptide linking' . D-SERINE                                                        ?           'C3 H7 N O3'      105.093 
DT  'DNA linking'       y "THYMIDINE-5'-MONOPHOSPHATE"                                    ?           'C10 H15 N2 O8 P' 322.208 
DVA 'D-peptide linking' . D-VALINE                                                        ?           'C5 H11 N O2'     117.146 
HOH non-polymer         . WATER                                                           ?           'H2 O'            18.015  
MVA 'L-peptide linking' n N-METHYLVALINE                                                  ?           'C6 H13 N O2'     131.173 
N2C 'L-peptide linking' . N,S-DIMETHYLCYSTEINE                                            ?           'C5 H11 N O2 S'   149.211 
NCY 'L-peptide linking' . N-METHYLCYSTEINE                                                ?           'C4 H9 N O2 S'    135.185 
PRO 'L-peptide linking' y PROLINE                                                         ?           'C5 H9 N O2'      115.130 
PXZ non-polymer         . 2-AMINO-1,9-DICARBONYL-4,6-DIMETHYL-10-DEHYDRO-PHENOXAZIN-3-ONE PHENOXAZINE 'C16 H12 N2 O6'   328.276 
QUI non-polymer         . 2-CARBOXYQUINOXALINE                                            ?           'C9 H6 N2 O2'     174.156 
SAR 'peptide linking'   n SARCOSINE                                                       ?           'C3 H7 N O2'      89.093  
THR 'L-peptide linking' y THREONINE                                                       ?           'C4 H9 N O3'      119.119 
# 
loop_
_pdbx_poly_seq_scheme.asym_id 
_pdbx_poly_seq_scheme.entity_id 
_pdbx_poly_seq_scheme.seq_id 
_pdbx_poly_seq_scheme.mon_id 
_pdbx_poly_seq_scheme.ndb_seq_num 
_pdbx_poly_seq_scheme.pdb_seq_num 
_pdbx_poly_seq_scheme.auth_seq_num 
_pdbx_poly_seq_scheme.pdb_mon_id 
_pdbx_poly_seq_scheme.auth_mon_id 
_pdbx_poly_seq_scheme.pdb_strand_id 
_pdbx_poly_seq_scheme.pdb_ins_code 
_pdbx_poly_seq_scheme.hetero 
A 1 1  DA  1  1  1  DA  DA  A . n 
A 1 2  DG  2  2  2  DG  DG  A . n 
A 1 3  DC  3  3  3  DC  DC  A . n 
A 1 4  DA  4  4  4  DA  DA  A . n 
A 1 5  DC  5  5  5  DC  DC  A . n 
A 1 6  DG  6  6  6  DG  DG  A . n 
A 1 7  DT  7  7  7  DT  DT  A . n 
B 2 1  DA  1  1  1  DA  DA  B . n 
B 2 2  DC  2  2  2  DC  DC  B . n 
B 2 3  DG  3  3  3  DG  DG  B . n 
B 2 4  DG  4  4  4  DG  DG  B . n 
B 2 5  DG  5  5  5  DG  DG  B . n 
B 2 6  DC  6  6  6  DC  DC  B . n 
B 2 7  DT  7  7  7  DT  DT  B . n 
C 3 1  THR 1  1  1  THR THR C . n 
C 3 2  DVA 2  2  2  DVA DVA C . n 
C 3 3  PRO 3  3  3  PRO PRO C . n 
C 3 4  SAR 4  4  4  SAR SAR C . n 
C 3 5  MVA 5  5  5  MVA MVA C . n 
C 3 6  PXZ 6  6  6  PXZ PXF C . n 
C 3 7  THR 7  7  7  THR THR C . n 
C 3 8  DVA 8  8  8  DVA DVA C . n 
C 3 9  PRO 9  9  9  PRO PRO C . n 
C 3 10 SAR 10 10 10 SAR SAR C . n 
C 3 11 MVA 11 11 11 MVA MVA C . n 
D 4 1  DSN 1  1  2  DSN DSN D . n 
D 4 2  ALA 2  2  3  ALA ALA D . n 
D 4 3  N2C 3  3  4  N2C N2C D . n 
D 4 4  MVA 4  4  5  MVA MVA D . n 
D 4 5  DSN 5  5  6  DSN DSN D . n 
D 4 6  ALA 6  6  7  ALA ALA D . n 
D 4 7  NCY 7  7  8  NCY NCY D . n 
D 4 8  MVA 8  8  9  MVA MVA D . n 
# 
loop_
_pdbx_nonpoly_scheme.asym_id 
_pdbx_nonpoly_scheme.entity_id 
_pdbx_nonpoly_scheme.mon_id 
_pdbx_nonpoly_scheme.ndb_seq_num 
_pdbx_nonpoly_scheme.pdb_seq_num 
_pdbx_nonpoly_scheme.auth_seq_num 
_pdbx_nonpoly_scheme.pdb_mon_id 
_pdbx_nonpoly_scheme.auth_mon_id 
_pdbx_nonpoly_scheme.pdb_strand_id 
_pdbx_nonpoly_scheme.pdb_ins_code 
E 5 CO  1  101 2  CO  CO  A . 
F 5 CO  1  101 1  CO  CO  B . 
G 5 CO  1  102 3  CO  CO  B . 
H 6 QUI 1  101 10 QUI QUI D . 
I 6 QUI 1  102 1  QUI QUI D . 
J 7 HOH 1  201 13 HOH HOH A . 
J 7 HOH 2  202 1  HOH HOH A . 
J 7 HOH 3  203 6  HOH HOH A . 
J 7 HOH 4  204 9  HOH HOH A . 
J 7 HOH 5  205 19 HOH HOH A . 
J 7 HOH 6  206 25 HOH HOH A . 
J 7 HOH 7  207 14 HOH HOH A . 
J 7 HOH 8  208 17 HOH HOH A . 
J 7 HOH 9  209 21 HOH HOH A . 
J 7 HOH 10 210 24 HOH HOH A . 
J 7 HOH 11 211 29 HOH HOH A . 
K 7 HOH 1  201 8  HOH HOH B . 
K 7 HOH 2  202 4  HOH HOH B . 
K 7 HOH 3  203 26 HOH HOH B . 
K 7 HOH 4  204 5  HOH HOH B . 
K 7 HOH 5  205 7  HOH HOH B . 
K 7 HOH 6  206 34 HOH HOH B . 
K 7 HOH 7  207 3  HOH HOH B . 
K 7 HOH 8  208 18 HOH HOH B . 
L 7 HOH 1  101 32 HOH HOH C . 
L 7 HOH 2  102 28 HOH HOH C . 
M 7 HOH 1  201 2  HOH HOH D . 
M 7 HOH 2  202 22 HOH HOH D . 
# 
loop_
_software.citation_id 
_software.classification 
_software.compiler_name 
_software.compiler_version 
_software.contact_author 
_software.contact_author_email 
_software.date 
_software.description 
_software.dependencies 
_software.hardware 
_software.language 
_software.location 
_software.mods 
_software.name 
_software.os 
_software.os_version 
_software.type 
_software.version 
_software.pdbx_ordinal 
? 'data scaling'    ? ? ? ? ? ? ? ? ? ? ? HKL-2000    ? ? ? .         1 
? refinement        ? ? ? ? ? ? ? ? ? ? ? PHENIX      ? ? ? 1.14_3260 2 
? 'data extraction' ? ? ? ? ? ? ? ? ? ? ? PDB_EXTRACT ? ? ? 3.27      3 
? 'data reduction'  ? ? ? ? ? ? ? ? ? ? ? HKL-2000    ? ? ? .         4 
? phasing           ? ? ? ? ? ? ? ? ? ? ? PHENIX      ? ? ? 1.14_3260 5 
# 
_cell.angle_alpha                  90.000 
_cell.angle_alpha_esd              ? 
_cell.angle_beta                   90.000 
_cell.angle_beta_esd               ? 
_cell.angle_gamma                  90.000 
_cell.angle_gamma_esd              ? 
_cell.entry_id                     7X6R 
_cell.details                      ? 
_cell.formula_units_Z              ? 
_cell.length_a                     43.225 
_cell.length_a_esd                 ? 
_cell.length_b                     43.225 
_cell.length_b_esd                 ? 
_cell.length_c                     65.839 
_cell.length_c_esd                 ? 
_cell.volume                       ? 
_cell.volume_esd                   ? 
_cell.Z_PDB                        8 
_cell.reciprocal_angle_alpha       ? 
_cell.reciprocal_angle_beta        ? 
_cell.reciprocal_angle_gamma       ? 
_cell.reciprocal_angle_alpha_esd   ? 
_cell.reciprocal_angle_beta_esd    ? 
_cell.reciprocal_angle_gamma_esd   ? 
_cell.reciprocal_length_a          ? 
_cell.reciprocal_length_b          ? 
_cell.reciprocal_length_c          ? 
_cell.reciprocal_length_a_esd      ? 
_cell.reciprocal_length_b_esd      ? 
_cell.reciprocal_length_c_esd      ? 
_cell.pdbx_unique_axis             ? 
# 
_symmetry.entry_id                         7X6R 
_symmetry.cell_setting                     ? 
_symmetry.Int_Tables_number                89 
_symmetry.space_group_name_Hall            ? 
_symmetry.space_group_name_H-M             'P 4 2 2' 
_symmetry.pdbx_full_space_group_name_H-M   ? 
# 
_exptl.absorpt_coefficient_mu     ? 
_exptl.absorpt_correction_T_max   ? 
_exptl.absorpt_correction_T_min   ? 
_exptl.absorpt_correction_type    ? 
_exptl.absorpt_process_details    ? 
_exptl.entry_id                   7X6R 
_exptl.crystals_number            1 
_exptl.details                    ? 
_exptl.method                     'X-RAY DIFFRACTION' 
_exptl.method_details             ? 
# 
_exptl_crystal.colour                      ? 
_exptl_crystal.density_diffrn              ? 
_exptl_crystal.density_Matthews            2.43 
_exptl_crystal.density_method              ? 
_exptl_crystal.density_percent_sol         49.37 
_exptl_crystal.description                 ? 
_exptl_crystal.F_000                       ? 
_exptl_crystal.id                          1 
_exptl_crystal.preparation                 ? 
_exptl_crystal.size_max                    ? 
_exptl_crystal.size_mid                    ? 
_exptl_crystal.size_min                    ? 
_exptl_crystal.size_rad                    ? 
_exptl_crystal.colour_lustre               ? 
_exptl_crystal.colour_modifier             ? 
_exptl_crystal.colour_primary              ? 
_exptl_crystal.density_meas                ? 
_exptl_crystal.density_meas_esd            ? 
_exptl_crystal.density_meas_gt             ? 
_exptl_crystal.density_meas_lt             ? 
_exptl_crystal.density_meas_temp           ? 
_exptl_crystal.density_meas_temp_esd       ? 
_exptl_crystal.density_meas_temp_gt        ? 
_exptl_crystal.density_meas_temp_lt        ? 
_exptl_crystal.pdbx_crystal_image_url      ? 
_exptl_crystal.pdbx_crystal_image_format   ? 
_exptl_crystal.pdbx_mosaicity              ? 
_exptl_crystal.pdbx_mosaicity_esd          ? 
# 
_exptl_crystal_grow.apparatus       ? 
_exptl_crystal_grow.atmosphere      ? 
_exptl_crystal_grow.crystal_id      1 
_exptl_crystal_grow.details         ? 
_exptl_crystal_grow.method          'VAPOR DIFFUSION, SITTING DROP' 
_exptl_crystal_grow.method_ref      ? 
_exptl_crystal_grow.pH              6.5 
_exptl_crystal_grow.pressure        ? 
_exptl_crystal_grow.pressure_esd    ? 
_exptl_crystal_grow.seeding         ? 
_exptl_crystal_grow.seeding_ref     ? 
_exptl_crystal_grow.temp            293 
_exptl_crystal_grow.temp_details    ? 
_exptl_crystal_grow.temp_esd        ? 
_exptl_crystal_grow.time            ? 
_exptl_crystal_grow.pdbx_details    
;0.25 mM Oligonucleotide, 0.25 mM Echinomycin, 0.125 mM Actinomycin D, 2.5 mM Sodium cacodylate (pH 6.5), 2.5 mM magnesium chloride, 2 mM spermine tetrahydrochloride, 6 mM cobalt chloride, 2% v/v PEG 200, 4% v/v MPD, Reservoir PEG 200 (30%)
;
_exptl_crystal_grow.pdbx_pH_range   ? 
# 
_diffrn.ambient_environment              ? 
_diffrn.ambient_temp                     100 
_diffrn.ambient_temp_details             ? 
_diffrn.ambient_temp_esd                 ? 
_diffrn.crystal_id                       1 
_diffrn.crystal_support                  ? 
_diffrn.crystal_treatment                ? 
_diffrn.details                          ? 
_diffrn.id                               1 
_diffrn.ambient_pressure                 ? 
_diffrn.ambient_pressure_esd             ? 
_diffrn.ambient_pressure_gt              ? 
_diffrn.ambient_pressure_lt              ? 
_diffrn.ambient_temp_gt                  ? 
_diffrn.ambient_temp_lt                  ? 
_diffrn.pdbx_serial_crystal_experiment   N 
# 
_diffrn_detector.details                      ? 
_diffrn_detector.detector                     CCD 
_diffrn_detector.diffrn_id                    1 
_diffrn_detector.type                         'RAYONIX MX300HE' 
_diffrn_detector.area_resol_mean              ? 
_diffrn_detector.dtime                        ? 
_diffrn_detector.pdbx_frames_total            ? 
_diffrn_detector.pdbx_collection_time_total   ? 
_diffrn_detector.pdbx_collection_date         2018-01-11 
_diffrn_detector.pdbx_frequency               ? 
# 
_diffrn_radiation.collimation                      ? 
_diffrn_radiation.diffrn_id                        1 
_diffrn_radiation.filter_edge                      ? 
_diffrn_radiation.inhomogeneity                    ? 
_diffrn_radiation.monochromator                    ? 
_diffrn_radiation.polarisn_norm                    ? 
_diffrn_radiation.polarisn_ratio                   ? 
_diffrn_radiation.probe                            ? 
_diffrn_radiation.type                             ? 
_diffrn_radiation.xray_symbol                      ? 
_diffrn_radiation.wavelength_id                    1 
_diffrn_radiation.pdbx_monochromatic_or_laue_m_l   M 
_diffrn_radiation.pdbx_wavelength_list             ? 
_diffrn_radiation.pdbx_wavelength                  ? 
_diffrn_radiation.pdbx_diffrn_protocol             'SINGLE WAVELENGTH' 
_diffrn_radiation.pdbx_analyzer                    ? 
_diffrn_radiation.pdbx_scattering_type             x-ray 
# 
_diffrn_radiation_wavelength.id           1 
_diffrn_radiation_wavelength.wavelength   1.00000 
_diffrn_radiation_wavelength.wt           1.0 
# 
_diffrn_source.current                     ? 
_diffrn_source.details                     ? 
_diffrn_source.diffrn_id                   1 
_diffrn_source.power                       ? 
_diffrn_source.size                        ? 
_diffrn_source.source                      SYNCHROTRON 
_diffrn_source.target                      ? 
_diffrn_source.type                        'NSRRC BEAMLINE BL15A1' 
_diffrn_source.voltage                     ? 
_diffrn_source.take-off_angle              ? 
_diffrn_source.pdbx_wavelength_list        1.00000 
_diffrn_source.pdbx_wavelength             ? 
_diffrn_source.pdbx_synchrotron_beamline   BL15A1 
_diffrn_source.pdbx_synchrotron_site       NSRRC 
# 
_reflns.B_iso_Wilson_estimate                          ? 
_reflns.entry_id                                       7X6R 
_reflns.data_reduction_details                         ? 
_reflns.data_reduction_method                          ? 
_reflns.d_resolution_high                              1.89 
_reflns.d_resolution_low                               30 
_reflns.details                                        ? 
_reflns.limit_h_max                                    ? 
_reflns.limit_h_min                                    ? 
_reflns.limit_k_max                                    ? 
_reflns.limit_k_min                                    ? 
_reflns.limit_l_max                                    ? 
_reflns.limit_l_min                                    ? 
_reflns.number_all                                     ? 
_reflns.number_obs                                     5402 
_reflns.observed_criterion                             ? 
_reflns.observed_criterion_F_max                       ? 
_reflns.observed_criterion_F_min                       ? 
_reflns.observed_criterion_I_max                       ? 
_reflns.observed_criterion_I_min                       ? 
_reflns.observed_criterion_sigma_F                     ? 
_reflns.observed_criterion_sigma_I                     ? 
_reflns.percent_possible_obs                           99.4 
_reflns.R_free_details                                 ? 
_reflns.Rmerge_F_all                                   ? 
_reflns.Rmerge_F_obs                                   ? 
_reflns.Friedel_coverage                               ? 
_reflns.number_gt                                      ? 
_reflns.threshold_expression                           ? 
_reflns.pdbx_redundancy                                13.3 
_reflns.pdbx_Rmerge_I_obs                              0.040 
_reflns.pdbx_Rmerge_I_all                              ? 
_reflns.pdbx_Rsym_value                                0.040 
_reflns.pdbx_netI_over_av_sigmaI                       ? 
_reflns.pdbx_netI_over_sigmaI                          43.112 
_reflns.pdbx_res_netI_over_av_sigmaI_2                 ? 
_reflns.pdbx_res_netI_over_sigmaI_2                    ? 
_reflns.pdbx_chi_squared                               ? 
_reflns.pdbx_scaling_rejects                           ? 
_reflns.pdbx_d_res_high_opt                            ? 
_reflns.pdbx_d_res_low_opt                             ? 
_reflns.pdbx_d_res_opt_method                          ? 
_reflns.phase_calculation_details                      ? 
_reflns.pdbx_Rrim_I_all                                ? 
_reflns.pdbx_Rpim_I_all                                ? 
_reflns.pdbx_d_opt                                     ? 
_reflns.pdbx_number_measured_all                       ? 
_reflns.pdbx_diffrn_id                                 1 
_reflns.pdbx_ordinal                                   1 
_reflns.pdbx_CC_half                                   ? 
_reflns.pdbx_CC_star                                   ? 
_reflns.pdbx_R_split                                   ? 
_reflns.pdbx_aniso_diffraction_limit_axis_1_ortho[1]   ? 
_reflns.pdbx_aniso_diffraction_limit_axis_1_ortho[2]   ? 
_reflns.pdbx_aniso_diffraction_limit_axis_1_ortho[3]   ? 
_reflns.pdbx_aniso_diffraction_limit_axis_2_ortho[1]   ? 
_reflns.pdbx_aniso_diffraction_limit_axis_2_ortho[2]   ? 
_reflns.pdbx_aniso_diffraction_limit_axis_2_ortho[3]   ? 
_reflns.pdbx_aniso_diffraction_limit_axis_3_ortho[1]   ? 
_reflns.pdbx_aniso_diffraction_limit_axis_3_ortho[2]   ? 
_reflns.pdbx_aniso_diffraction_limit_axis_3_ortho[3]   ? 
_reflns.pdbx_aniso_diffraction_limit_1                 ? 
_reflns.pdbx_aniso_diffraction_limit_2                 ? 
_reflns.pdbx_aniso_diffraction_limit_3                 ? 
_reflns.pdbx_aniso_B_tensor_eigenvector_1_ortho[1]     ? 
_reflns.pdbx_aniso_B_tensor_eigenvector_1_ortho[2]     ? 
_reflns.pdbx_aniso_B_tensor_eigenvector_1_ortho[3]     ? 
_reflns.pdbx_aniso_B_tensor_eigenvector_2_ortho[1]     ? 
_reflns.pdbx_aniso_B_tensor_eigenvector_2_ortho[2]     ? 
_reflns.pdbx_aniso_B_tensor_eigenvector_2_ortho[3]     ? 
_reflns.pdbx_aniso_B_tensor_eigenvector_3_ortho[1]     ? 
_reflns.pdbx_aniso_B_tensor_eigenvector_3_ortho[2]     ? 
_reflns.pdbx_aniso_B_tensor_eigenvector_3_ortho[3]     ? 
_reflns.pdbx_aniso_B_tensor_eigenvalue_1               ? 
_reflns.pdbx_aniso_B_tensor_eigenvalue_2               ? 
_reflns.pdbx_aniso_B_tensor_eigenvalue_3               ? 
_reflns.pdbx_orthogonalization_convention              ? 
_reflns.pdbx_percent_possible_ellipsoidal              ? 
_reflns.pdbx_percent_possible_spherical                ? 
_reflns.pdbx_percent_possible_ellipsoidal_anomalous    ? 
_reflns.pdbx_percent_possible_spherical_anomalous      ? 
_reflns.pdbx_redundancy_anomalous                      ? 
_reflns.pdbx_CC_half_anomalous                         ? 
_reflns.pdbx_absDiff_over_sigma_anomalous              ? 
_reflns.pdbx_percent_possible_anomalous                ? 
_reflns.pdbx_observed_signal_threshold                 ? 
_reflns.pdbx_signal_type                               ? 
_reflns.pdbx_signal_details                            ? 
_reflns.pdbx_signal_software_id                        ? 
# 
_reflns_shell.d_res_high                                    1.89 
_reflns_shell.d_res_low                                     1.92 
_reflns_shell.meanI_over_sigI_all                           ? 
_reflns_shell.meanI_over_sigI_obs                           10.111 
_reflns_shell.number_measured_all                           ? 
_reflns_shell.number_measured_obs                           ? 
_reflns_shell.number_possible                               ? 
_reflns_shell.number_unique_all                             ? 
_reflns_shell.number_unique_obs                             71669 
_reflns_shell.percent_possible_all                          ? 
_reflns_shell.percent_possible_obs                          ? 
_reflns_shell.Rmerge_F_all                                  ? 
_reflns_shell.Rmerge_F_obs                                  ? 
_reflns_shell.Rmerge_I_all                                  ? 
_reflns_shell.Rmerge_I_obs                                  0.343 
_reflns_shell.meanI_over_sigI_gt                            ? 
_reflns_shell.meanI_over_uI_all                             ? 
_reflns_shell.meanI_over_uI_gt                              ? 
_reflns_shell.number_measured_gt                            ? 
_reflns_shell.number_unique_gt                              ? 
_reflns_shell.percent_possible_gt                           ? 
_reflns_shell.Rmerge_F_gt                                   ? 
_reflns_shell.Rmerge_I_gt                                   ? 
_reflns_shell.pdbx_redundancy                               ? 
_reflns_shell.pdbx_Rsym_value                               0.343 
_reflns_shell.pdbx_chi_squared                              ? 
_reflns_shell.pdbx_netI_over_sigmaI_all                     ? 
_reflns_shell.pdbx_netI_over_sigmaI_obs                     ? 
_reflns_shell.pdbx_Rrim_I_all                               ? 
_reflns_shell.pdbx_Rpim_I_all                               ? 
_reflns_shell.pdbx_rejects                                  ? 
_reflns_shell.pdbx_ordinal                                  1 
_reflns_shell.pdbx_diffrn_id                                1 
_reflns_shell.pdbx_CC_half                                  ? 
_reflns_shell.pdbx_CC_star                                  ? 
_reflns_shell.pdbx_R_split                                  ? 
_reflns_shell.pdbx_percent_possible_ellipsoidal             ? 
_reflns_shell.pdbx_percent_possible_spherical               ? 
_reflns_shell.pdbx_percent_possible_ellipsoidal_anomalous   ? 
_reflns_shell.pdbx_percent_possible_spherical_anomalous     ? 
_reflns_shell.pdbx_redundancy_anomalous                     ? 
_reflns_shell.pdbx_CC_half_anomalous                        ? 
_reflns_shell.pdbx_absDiff_over_sigma_anomalous             ? 
_reflns_shell.pdbx_percent_possible_anomalous               ? 
# 
_refine.aniso_B[1][1]                            ? 
_refine.aniso_B[1][2]                            ? 
_refine.aniso_B[1][3]                            ? 
_refine.aniso_B[2][2]                            ? 
_refine.aniso_B[2][3]                            ? 
_refine.aniso_B[3][3]                            ? 
_refine.B_iso_max                                149.050 
_refine.B_iso_mean                               49.3143 
_refine.B_iso_min                                24.230 
_refine.correlation_coeff_Fo_to_Fc               ? 
_refine.correlation_coeff_Fo_to_Fc_free          ? 
_refine.details                                  ? 
_refine.diff_density_max                         ? 
_refine.diff_density_max_esd                     ? 
_refine.diff_density_min                         ? 
_refine.diff_density_min_esd                     ? 
_refine.diff_density_rms                         ? 
_refine.diff_density_rms_esd                     ? 
_refine.entry_id                                 7X6R 
_refine.pdbx_refine_id                           'X-RAY DIFFRACTION' 
_refine.ls_abs_structure_details                 ? 
_refine.ls_abs_structure_Flack                   ? 
_refine.ls_abs_structure_Flack_esd               ? 
_refine.ls_abs_structure_Rogers                  ? 
_refine.ls_abs_structure_Rogers_esd              ? 
_refine.ls_d_res_high                            1.8900 
_refine.ls_d_res_low                             27.7230 
_refine.ls_extinction_coef                       ? 
_refine.ls_extinction_coef_esd                   ? 
_refine.ls_extinction_expression                 ? 
_refine.ls_extinction_method                     ? 
_refine.ls_goodness_of_fit_all                   ? 
_refine.ls_goodness_of_fit_all_esd               ? 
_refine.ls_goodness_of_fit_obs                   ? 
_refine.ls_goodness_of_fit_obs_esd               ? 
_refine.ls_hydrogen_treatment                    ? 
_refine.ls_matrix_type                           ? 
_refine.ls_number_constraints                    ? 
_refine.ls_number_parameters                     ? 
_refine.ls_number_reflns_all                     ? 
_refine.ls_number_reflns_obs                     5355 
_refine.ls_number_reflns_R_free                  538 
_refine.ls_number_reflns_R_work                  4817 
_refine.ls_number_restraints                     ? 
_refine.ls_percent_reflns_obs                    98.5800 
_refine.ls_percent_reflns_R_free                 10.0500 
_refine.ls_R_factor_all                          ? 
_refine.ls_R_factor_obs                          0.2458 
_refine.ls_R_factor_R_free                       0.2592 
_refine.ls_R_factor_R_free_error                 ? 
_refine.ls_R_factor_R_free_error_details         ? 
_refine.ls_R_factor_R_work                       0.2442 
_refine.ls_R_Fsqd_factor_obs                     ? 
_refine.ls_R_I_factor_obs                        ? 
_refine.ls_redundancy_reflns_all                 ? 
_refine.ls_redundancy_reflns_obs                 ? 
_refine.ls_restrained_S_all                      ? 
_refine.ls_restrained_S_obs                      ? 
_refine.ls_shift_over_esd_max                    ? 
_refine.ls_shift_over_esd_mean                   ? 
_refine.ls_structure_factor_coef                 ? 
_refine.ls_weighting_details                     ? 
_refine.ls_weighting_scheme                      ? 
_refine.ls_wR_factor_all                         ? 
_refine.ls_wR_factor_obs                         ? 
_refine.ls_wR_factor_R_free                      ? 
_refine.ls_wR_factor_R_work                      ? 
_refine.occupancy_max                            ? 
_refine.occupancy_min                            ? 
_refine.solvent_model_details                    'FLAT BULK SOLVENT MODEL' 
_refine.solvent_model_param_bsol                 ? 
_refine.solvent_model_param_ksol                 ? 
_refine.pdbx_R_complete                          ? 
_refine.ls_R_factor_gt                           ? 
_refine.ls_goodness_of_fit_gt                    ? 
_refine.ls_goodness_of_fit_ref                   ? 
_refine.ls_shift_over_su_max                     ? 
_refine.ls_shift_over_su_max_lt                  ? 
_refine.ls_shift_over_su_mean                    ? 
_refine.ls_shift_over_su_mean_lt                 ? 
_refine.pdbx_ls_sigma_I                          ? 
_refine.pdbx_ls_sigma_F                          1.350 
_refine.pdbx_ls_sigma_Fsqd                       ? 
_refine.pdbx_data_cutoff_high_absF               ? 
_refine.pdbx_data_cutoff_high_rms_absF           ? 
_refine.pdbx_data_cutoff_low_absF                ? 
_refine.pdbx_isotropic_thermal_model             ? 
_refine.pdbx_ls_cross_valid_method               THROUGHOUT 
_refine.pdbx_method_to_determine_struct          'MOLECULAR REPLACEMENT' 
_refine.pdbx_starting_model                      7DQ0 
_refine.pdbx_stereochemistry_target_values       ML 
_refine.pdbx_R_Free_selection_details            ? 
_refine.pdbx_stereochem_target_val_spec_case     ? 
_refine.pdbx_overall_ESU_R                       ? 
_refine.pdbx_overall_ESU_R_Free                  ? 
_refine.pdbx_solvent_vdw_probe_radii             1.1100 
_refine.pdbx_solvent_ion_probe_radii             ? 
_refine.pdbx_solvent_shrinkage_radii             0.9000 
_refine.pdbx_real_space_R                        ? 
_refine.pdbx_density_correlation                 ? 
_refine.pdbx_pd_number_of_powder_patterns        ? 
_refine.pdbx_pd_number_of_points                 ? 
_refine.pdbx_pd_meas_number_of_points            ? 
_refine.pdbx_pd_proc_ls_prof_R_factor            ? 
_refine.pdbx_pd_proc_ls_prof_wR_factor           ? 
_refine.pdbx_pd_Marquardt_correlation_coeff      ? 
_refine.pdbx_pd_Fsqrd_R_factor                   ? 
_refine.pdbx_pd_ls_matrix_band_width             ? 
_refine.pdbx_overall_phase_error                 35.2200 
_refine.pdbx_overall_SU_R_free_Cruickshank_DPI   ? 
_refine.pdbx_overall_SU_R_free_Blow_DPI          ? 
_refine.pdbx_overall_SU_R_Blow_DPI               ? 
_refine.pdbx_TLS_residual_ADP_flag               ? 
_refine.pdbx_diffrn_id                           1 
_refine.overall_SU_B                             ? 
_refine.overall_SU_ML                            0.2600 
_refine.overall_SU_R_Cruickshank_DPI             ? 
_refine.overall_SU_R_free                        ? 
_refine.overall_FOM_free_R_set                   ? 
_refine.overall_FOM_work_R_set                   ? 
_refine.pdbx_average_fsc_overall                 ? 
_refine.pdbx_average_fsc_work                    ? 
_refine.pdbx_average_fsc_free                    ? 
# 
_refine_hist.pdbx_refine_id                   'X-RAY DIFFRACTION' 
_refine_hist.cycle_id                         final 
_refine_hist.details                          ? 
_refine_hist.d_res_high                       1.8900 
_refine_hist.d_res_low                        27.7230 
_refine_hist.number_atoms_solvent             23 
_refine_hist.number_atoms_total               482 
_refine_hist.number_reflns_all                ? 
_refine_hist.number_reflns_obs                ? 
_refine_hist.number_reflns_R_free             ? 
_refine_hist.number_reflns_R_work             ? 
_refine_hist.R_factor_all                     ? 
_refine_hist.R_factor_obs                     ? 
_refine_hist.R_factor_R_free                  ? 
_refine_hist.R_factor_R_work                  ? 
_refine_hist.pdbx_number_residues_total       34 
_refine_hist.pdbx_B_iso_mean_ligand           36.88 
_refine_hist.pdbx_B_iso_mean_solvent          50.29 
_refine_hist.pdbx_number_atoms_protein        155 
_refine_hist.pdbx_number_atoms_nucleic_acid   289 
_refine_hist.pdbx_number_atoms_ligand         15 
_refine_hist.pdbx_number_atoms_lipid          ? 
_refine_hist.pdbx_number_atoms_carb           ? 
_refine_hist.pdbx_pseudo_atom_details         ? 
# 
loop_
_refine_ls_shell.pdbx_refine_id 
_refine_ls_shell.d_res_high 
_refine_ls_shell.d_res_low 
_refine_ls_shell.number_reflns_all 
_refine_ls_shell.number_reflns_obs 
_refine_ls_shell.number_reflns_R_free 
_refine_ls_shell.number_reflns_R_work 
_refine_ls_shell.percent_reflns_obs 
_refine_ls_shell.percent_reflns_R_free 
_refine_ls_shell.R_factor_all 
_refine_ls_shell.R_factor_obs 
_refine_ls_shell.R_factor_R_free 
_refine_ls_shell.R_factor_R_free_error 
_refine_ls_shell.R_factor_R_work 
_refine_ls_shell.redundancy_reflns_all 
_refine_ls_shell.redundancy_reflns_obs 
_refine_ls_shell.wR_factor_all 
_refine_ls_shell.wR_factor_obs 
_refine_ls_shell.wR_factor_R_free 
_refine_ls_shell.wR_factor_R_work 
_refine_ls_shell.pdbx_R_complete 
_refine_ls_shell.pdbx_total_number_of_bins_used 
_refine_ls_shell.pdbx_phase_error 
_refine_ls_shell.pdbx_fsc_work 
_refine_ls_shell.pdbx_fsc_free 
'X-RAY DIFFRACTION' 1.8900 2.0797  . . 131 1169 99.0000  . . . 0.4115 0.0000 0.3222 . . . . . . . . . . . 
'X-RAY DIFFRACTION' 2.0797 2.3805  . . 132 1175 99.0000  . . . 0.3092 0.0000 0.2911 . . . . . . . . . . . 
'X-RAY DIFFRACTION' 2.3805 2.9986  . . 134 1207 100.0000 . . . 0.3452 0.0000 0.3079 . . . . . . . . . . . 
'X-RAY DIFFRACTION' 2.9986 27.7230 . . 141 1266 96.0000  . . . 0.2127 0.0000 0.2071 . . . . . . . . . . . 
# 
_struct.entry_id                     7X6R 
_struct.title                        'Crystal structure of actinomycin D-echinomycin-d(AGCACGT/ACGGGCT) complex' 
_struct.pdbx_model_details           ? 
_struct.pdbx_formula_weight          ? 
_struct.pdbx_formula_weight_method   ? 
_struct.pdbx_model_type_details      ? 
_struct.pdbx_CASP_flag               N 
# 
_struct_keywords.entry_id        7X6R 
_struct_keywords.text            
'A:G mismatch, Single-strand DNA distortion, Actinomycin D, Echinomycin, mismatch binding drug, DNA, DNA-ANTIBIOTIC complex' 
_struct_keywords.pdbx_keywords   DNA/ANTIBIOTIC 
# 
loop_
_struct_asym.id 
_struct_asym.pdbx_blank_PDB_chainid_flag 
_struct_asym.pdbx_modified 
_struct_asym.entity_id 
_struct_asym.details 
A N N 1 ? 
B N N 2 ? 
C N N 3 ? 
D N N 4 ? 
E N N 5 ? 
F N N 5 ? 
G N N 5 ? 
H N N 6 ? 
I N N 6 ? 
J N N 7 ? 
K N N 7 ? 
L N N 7 ? 
M N N 7 ? 
# 
loop_
_struct_ref.id 
_struct_ref.db_name 
_struct_ref.db_code 
_struct_ref.pdbx_db_accession 
_struct_ref.pdbx_db_isoform 
_struct_ref.entity_id 
_struct_ref.pdbx_seq_one_letter_code 
_struct_ref.pdbx_align_begin 
1 PDB 7X6R 7X6R ? 1 ? 1 
2 PDB 7X6R 7X6R ? 2 ? 1 
3 PDB 7X6R 7X6R ? 3 ? 1 
4 PDB 7X6R 7X6R ? 4 ? 1 
# 
loop_
_struct_ref_seq.align_id 
_struct_ref_seq.ref_id 
_struct_ref_seq.pdbx_PDB_id_code 
_struct_ref_seq.pdbx_strand_id 
_struct_ref_seq.seq_align_beg 
_struct_ref_seq.pdbx_seq_align_beg_ins_code 
_struct_ref_seq.seq_align_end 
_struct_ref_seq.pdbx_seq_align_end_ins_code 
_struct_ref_seq.pdbx_db_accession 
_struct_ref_seq.db_align_beg 
_struct_ref_seq.pdbx_db_align_beg_ins_code 
_struct_ref_seq.db_align_end 
_struct_ref_seq.pdbx_db_align_end_ins_code 
_struct_ref_seq.pdbx_auth_seq_align_beg 
_struct_ref_seq.pdbx_auth_seq_align_end 
1 1 7X6R A 1 ? 7  ? 7X6R 1 ? 7  ? 1 7  
2 2 7X6R B 1 ? 7  ? 7X6R 1 ? 7  ? 1 7  
3 3 7X6R C 1 ? 11 ? 7X6R 1 ? 11 ? 1 11 
4 4 7X6R D 1 ? 8  ? 7X6R 1 ? 8  ? 1 8  
# 
_pdbx_struct_assembly.id                   1 
_pdbx_struct_assembly.details              author_defined_assembly 
_pdbx_struct_assembly.method_details       ? 
_pdbx_struct_assembly.oligomeric_details   tetrameric 
_pdbx_struct_assembly.oligomeric_count     4 
# 
_pdbx_struct_assembly_gen.assembly_id       1 
_pdbx_struct_assembly_gen.oper_expression   1 
_pdbx_struct_assembly_gen.asym_id_list      A,B,C,D,E,F,G,H,I,J,K,L,M 
# 
_pdbx_struct_assembly_auth_evidence.id                     1 
_pdbx_struct_assembly_auth_evidence.assembly_id            1 
_pdbx_struct_assembly_auth_evidence.experimental_support   none 
_pdbx_struct_assembly_auth_evidence.details                ? 
# 
_pdbx_struct_oper_list.id                   1 
_pdbx_struct_oper_list.type                 'identity operation' 
_pdbx_struct_oper_list.name                 1_555 
_pdbx_struct_oper_list.symmetry_operation   x,y,z 
_pdbx_struct_oper_list.matrix[1][1]         1.0000000000 
_pdbx_struct_oper_list.matrix[1][2]         0.0000000000 
_pdbx_struct_oper_list.matrix[1][3]         0.0000000000 
_pdbx_struct_oper_list.vector[1]            0.0000000000 
_pdbx_struct_oper_list.matrix[2][1]         0.0000000000 
_pdbx_struct_oper_list.matrix[2][2]         1.0000000000 
_pdbx_struct_oper_list.matrix[2][3]         0.0000000000 
_pdbx_struct_oper_list.vector[2]            0.0000000000 
_pdbx_struct_oper_list.matrix[3][1]         0.0000000000 
_pdbx_struct_oper_list.matrix[3][2]         0.0000000000 
_pdbx_struct_oper_list.matrix[3][3]         1.0000000000 
_pdbx_struct_oper_list.vector[3]            0.0000000000 
# 
loop_
_struct_conn.id 
_struct_conn.conn_type_id 
_struct_conn.pdbx_leaving_atom_flag 
_struct_conn.pdbx_PDB_id 
_struct_conn.ptnr1_label_asym_id 
_struct_conn.ptnr1_label_comp_id 
_struct_conn.ptnr1_label_seq_id 
_struct_conn.ptnr1_label_atom_id 
_struct_conn.pdbx_ptnr1_label_alt_id 
_struct_conn.pdbx_ptnr1_PDB_ins_code 
_struct_conn.pdbx_ptnr1_standard_comp_id 
_struct_conn.ptnr1_symmetry 
_struct_conn.ptnr2_label_asym_id 
_struct_conn.ptnr2_label_comp_id 
_struct_conn.ptnr2_label_seq_id 
_struct_conn.ptnr2_label_atom_id 
_struct_conn.pdbx_ptnr2_label_alt_id 
_struct_conn.pdbx_ptnr2_PDB_ins_code 
_struct_conn.ptnr1_auth_asym_id 
_struct_conn.ptnr1_auth_comp_id 
_struct_conn.ptnr1_auth_seq_id 
_struct_conn.ptnr2_auth_asym_id 
_struct_conn.ptnr2_auth_comp_id 
_struct_conn.ptnr2_auth_seq_id 
_struct_conn.ptnr2_symmetry 
_struct_conn.pdbx_ptnr3_label_atom_id 
_struct_conn.pdbx_ptnr3_label_seq_id 
_struct_conn.pdbx_ptnr3_label_comp_id 
_struct_conn.pdbx_ptnr3_label_asym_id 
_struct_conn.pdbx_ptnr3_label_alt_id 
_struct_conn.pdbx_ptnr3_PDB_ins_code 
_struct_conn.details 
_struct_conn.pdbx_dist_value 
_struct_conn.pdbx_value_order 
_struct_conn.pdbx_role 
disulf1  disulf ?    ? D N2C 3  SG    ? ? ? 1_555 D NCY 7  SG ? ? D N2C 3   D NCY 7   1_555 ? ? ? ? ? ? ?            2.845 ? ? 
covale1  covale both ? C THR 1  C     ? ? ? 1_555 C DVA 2  N  ? ? C THR 1   C DVA 2   1_555 ? ? ? ? ? ? ?            1.330 ? ? 
covale2  covale one  ? C THR 1  OG1   ? ? ? 1_555 C MVA 5  C  ? ? C THR 1   C MVA 5   1_555 ? ? ? ? ? ? ?            1.375 ? ? 
covale3  covale both ? C THR 1  N     ? ? ? 1_555 C PXZ 6  C0 ? ? C THR 1   C PXZ 6   1_555 ? ? ? ? ? ? ?            1.429 ? ? 
covale4  covale both ? C DVA 2  C     ? ? ? 1_555 C PRO 3  N  ? ? C DVA 2   C PRO 3   1_555 ? ? ? ? ? ? ?            1.342 ? ? 
covale5  covale both ? C PRO 3  C     ? ? ? 1_555 C SAR 4  N  ? ? C PRO 3   C SAR 4   1_555 ? ? ? ? ? ? ?            1.332 ? ? 
covale6  covale both ? C SAR 4  C     ? ? ? 1_555 C MVA 5  N  ? ? C SAR 4   C MVA 5   1_555 ? ? ? ? ? ? ?            1.331 ? ? 
covale7  covale both ? C PXZ 6  "C0'" ? ? ? 1_555 C THR 7  N  ? ? C PXZ 6   C THR 7   1_555 ? ? ? ? ? ? ?            1.431 ? ? 
covale8  covale both ? C THR 7  C     ? ? ? 1_555 C DVA 8  N  ? ? C THR 7   C DVA 8   1_555 ? ? ? ? ? ? ?            1.328 ? ? 
covale9  covale one  ? C THR 7  OG1   ? ? ? 1_555 C MVA 11 C  ? ? C THR 7   C MVA 11  1_555 ? ? ? ? ? ? ?            1.386 ? ? 
covale10 covale both ? C DVA 8  C     ? ? ? 1_555 C PRO 9  N  ? ? C DVA 8   C PRO 9   1_555 ? ? ? ? ? ? ?            1.345 ? ? 
covale11 covale both ? C PRO 9  C     ? ? ? 1_555 C SAR 10 N  ? ? C PRO 9   C SAR 10  1_555 ? ? ? ? ? ? ?            1.329 ? ? 
covale12 covale both ? C SAR 10 C     ? ? ? 1_555 C MVA 11 N  ? ? C SAR 10  C MVA 11  1_555 ? ? ? ? ? ? ?            1.332 ? ? 
covale13 covale both ? D DSN 1  C     ? ? ? 1_555 D ALA 2  N  ? ? D DSN 1   D ALA 2   1_555 ? ? ? ? ? ? ?            1.329 ? ? 
covale14 covale one  ? D DSN 1  OG    ? ? ? 1_555 D MVA 8  C  ? ? D DSN 1   D MVA 8   1_555 ? ? ? ? ? ? ?            1.378 ? ? 
covale15 covale both ? D DSN 1  N     ? ? ? 1_555 I QUI .  C  ? ? D DSN 1   D QUI 102 1_555 ? ? ? ? ? ? ?            1.428 ? ? 
covale16 covale both ? D ALA 2  C     ? ? ? 1_555 D N2C 3  N  ? ? D ALA 2   D N2C 3   1_555 ? ? ? ? ? ? ?            1.335 ? ? 
covale17 covale both ? D N2C 3  C     ? ? ? 1_555 D MVA 4  N  ? ? D N2C 3   D MVA 4   1_555 ? ? ? ? ? ? ?            1.323 ? ? 
covale18 covale both ? D N2C 3  CB    ? ? ? 1_555 D NCY 7  SG ? ? D N2C 3   D NCY 7   1_555 ? ? ? ? ? ? ?            1.770 ? ? 
covale19 covale one  ? D MVA 4  C     ? ? ? 1_555 D DSN 5  OG ? ? D MVA 4   D DSN 5   1_555 ? ? ? ? ? ? ?            1.372 ? ? 
covale20 covale both ? D DSN 5  C     ? ? ? 1_555 D ALA 6  N  ? ? D DSN 5   D ALA 6   1_555 ? ? ? ? ? ? ?            1.328 ? ? 
covale21 covale both ? D DSN 5  N     ? ? ? 1_555 H QUI .  C  ? ? D DSN 5   D QUI 101 1_555 ? ? ? ? ? ? ?            1.431 ? ? 
covale22 covale both ? D ALA 6  C     ? ? ? 1_555 D NCY 7  N  ? ? D ALA 6   D NCY 7   1_555 ? ? ? ? ? ? ?            1.332 ? ? 
covale23 covale both ? D NCY 7  C     ? ? ? 1_555 D MVA 8  N  ? ? D NCY 7   D MVA 8   1_555 ? ? ? ? ? ? ?            1.329 ? ? 
metalc1  metalc ?    ? A DG  6  N7    ? ? ? 1_555 E CO  .  CO ? ? A DG  6   A CO  101 1_555 ? ? ? ? ? ? ?            2.130 ? ? 
metalc2  metalc ?    ? A DG  6  N7    ? ? ? 1_555 E CO  .  CO ? ? A DG  6   A CO  101 2_875 ? ? ? ? ? ? ?            2.130 ? ? 
metalc3  metalc ?    ? E CO  .  CO    ? ? ? 1_555 J HOH .  O  ? ? A CO  101 A HOH 201 1_555 ? ? ? ? ? ? ?            2.046 ? ? 
metalc4  metalc ?    ? E CO  .  CO    ? ? ? 1_555 J HOH .  O  ? ? A CO  101 A HOH 201 2_875 ? ? ? ? ? ? ?            2.047 ? ? 
metalc5  metalc ?    ? E CO  .  CO    ? ? ? 1_555 M HOH .  O  ? ? A CO  101 D HOH 201 1_555 ? ? ? ? ? ? ?            2.098 ? ? 
metalc6  metalc ?    ? E CO  .  CO    ? ? ? 1_555 M HOH .  O  ? ? A CO  101 D HOH 201 2_875 ? ? ? ? ? ? ?            2.098 ? ? 
metalc7  metalc ?    ? B DG  3  N7    ? ? ? 1_555 G CO  .  CO ? ? B DG  3   B CO  102 1_555 ? ? ? ? ? ? ?            2.117 ? ? 
metalc8  metalc ?    ? B DG  4  N7    ? ? ? 1_555 F CO  .  CO ? ? B DG  4   B CO  101 1_555 ? ? ? ? ? ? ?            2.059 ? ? 
metalc9  metalc ?    ? F CO  .  CO    ? ? ? 1_555 K HOH .  O  ? ? B CO  101 B HOH 201 1_555 ? ? ? ? ? ? ?            1.944 ? ? 
metalc10 metalc ?    ? F CO  .  CO    ? ? ? 1_555 K HOH .  O  ? ? B CO  101 B HOH 202 1_555 ? ? ? ? ? ? ?            1.701 ? ? 
metalc11 metalc ?    ? F CO  .  CO    ? ? ? 1_555 K HOH .  O  ? ? B CO  101 B HOH 205 1_555 ? ? ? ? ? ? ?            2.001 ? ? 
metalc12 metalc ?    ? F CO  .  CO    ? ? ? 1_555 K HOH .  O  ? ? B CO  101 B HOH 207 1_555 ? ? ? ? ? ? ?            2.035 ? ? 
hydrog1  hydrog ?    ? A DA  1  N1    ? ? ? 1_555 B DT  7  N3 ? ? A DA  1   B DT  7   1_555 ? ? ? ? ? ? WATSON-CRICK ?     ? ? 
hydrog2  hydrog ?    ? A DA  1  N6    ? ? ? 1_555 B DT  7  O4 ? ? A DA  1   B DT  7   1_555 ? ? ? ? ? ? WATSON-CRICK ?     ? ? 
hydrog3  hydrog ?    ? A DG  2  N1    ? ? ? 1_555 B DC  6  N3 ? ? A DG  2   B DC  6   1_555 ? ? ? ? ? ? WATSON-CRICK ?     ? ? 
hydrog4  hydrog ?    ? A DG  2  N2    ? ? ? 1_555 B DC  6  O2 ? ? A DG  2   B DC  6   1_555 ? ? ? ? ? ? WATSON-CRICK ?     ? ? 
hydrog5  hydrog ?    ? A DG  2  O6    ? ? ? 1_555 B DC  6  N4 ? ? A DG  2   B DC  6   1_555 ? ? ? ? ? ? WATSON-CRICK ?     ? ? 
hydrog6  hydrog ?    ? A DC  3  N3    ? ? ? 1_555 B DG  4  N1 ? ? A DC  3   B DG  4   1_555 ? ? ? ? ? ? WATSON-CRICK ?     ? ? 
hydrog7  hydrog ?    ? A DC  3  N4    ? ? ? 1_555 B DG  4  O6 ? ? A DC  3   B DG  4   1_555 ? ? ? ? ? ? WATSON-CRICK ?     ? ? 
hydrog8  hydrog ?    ? A DC  3  O2    ? ? ? 1_555 B DG  4  N2 ? ? A DC  3   B DG  4   1_555 ? ? ? ? ? ? WATSON-CRICK ?     ? ? 
hydrog9  hydrog ?    ? A DC  3  N3    ? ? ? 1_555 B DG  5  N1 ? ? A DC  3   B DG  5   1_555 ? ? ? ? ? ? WATSON-CRICK ?     ? ? 
hydrog10 hydrog ?    ? A DC  3  N4    ? ? ? 1_555 B DG  5  O6 ? ? A DC  3   B DG  5   1_555 ? ? ? ? ? ? WATSON-CRICK ?     ? ? 
hydrog11 hydrog ?    ? A DC  3  O2    ? ? ? 1_555 B DG  5  N2 ? ? A DC  3   B DG  5   1_555 ? ? ? ? ? ? WATSON-CRICK ?     ? ? 
hydrog12 hydrog ?    ? A DA  4  N1    ? ? ? 1_555 B DG  4  N1 ? ? A DA  4   B DG  4   1_555 ? ? ? ? ? ? TYPE_8_PAIR  ?     ? ? 
hydrog13 hydrog ?    ? A DA  4  N6    ? ? ? 1_555 B DG  4  O6 ? ? A DA  4   B DG  4   1_555 ? ? ? ? ? ? TYPE_8_PAIR  ?     ? ? 
hydrog14 hydrog ?    ? A DC  5  N3    ? ? ? 1_555 B DG  3  N1 ? ? A DC  5   B DG  3   1_555 ? ? ? ? ? ? WATSON-CRICK ?     ? ? 
hydrog15 hydrog ?    ? A DC  5  N4    ? ? ? 1_555 B DG  3  O6 ? ? A DC  5   B DG  3   1_555 ? ? ? ? ? ? WATSON-CRICK ?     ? ? 
hydrog16 hydrog ?    ? A DC  5  O2    ? ? ? 1_555 B DG  3  N2 ? ? A DC  5   B DG  3   1_555 ? ? ? ? ? ? WATSON-CRICK ?     ? ? 
hydrog17 hydrog ?    ? A DG  6  N1    ? ? ? 1_555 B DC  2  N3 ? ? A DG  6   B DC  2   1_555 ? ? ? ? ? ? WATSON-CRICK ?     ? ? 
hydrog18 hydrog ?    ? A DG  6  N2    ? ? ? 1_555 B DC  2  O2 ? ? A DG  6   B DC  2   1_555 ? ? ? ? ? ? WATSON-CRICK ?     ? ? 
hydrog19 hydrog ?    ? A DG  6  O6    ? ? ? 1_555 B DC  2  N4 ? ? A DG  6   B DC  2   1_555 ? ? ? ? ? ? WATSON-CRICK ?     ? ? 
hydrog20 hydrog ?    ? A DT  7  N3    ? ? ? 1_555 B DA  1  N7 ? ? A DT  7   B DA  1   1_555 ? ? ? ? ? ? HOOGSTEEN    ?     ? ? 
hydrog21 hydrog ?    ? A DT  7  O4    ? ? ? 1_555 B DA  1  N6 ? ? A DT  7   B DA  1   1_555 ? ? ? ? ? ? HOOGSTEEN    ?     ? ? 
# 
loop_
_struct_conn_type.id 
_struct_conn_type.criteria 
_struct_conn_type.reference 
disulf ? ? 
covale ? ? 
metalc ? ? 
hydrog ? ? 
# 
loop_
_pdbx_struct_conn_angle.id 
_pdbx_struct_conn_angle.ptnr1_label_atom_id 
_pdbx_struct_conn_angle.ptnr1_label_alt_id 
_pdbx_struct_conn_angle.ptnr1_label_asym_id 
_pdbx_struct_conn_angle.ptnr1_label_comp_id 
_pdbx_struct_conn_angle.ptnr1_label_seq_id 
_pdbx_struct_conn_angle.ptnr1_auth_atom_id 
_pdbx_struct_conn_angle.ptnr1_auth_asym_id 
_pdbx_struct_conn_angle.ptnr1_auth_comp_id 
_pdbx_struct_conn_angle.ptnr1_auth_seq_id 
_pdbx_struct_conn_angle.ptnr1_PDB_ins_code 
_pdbx_struct_conn_angle.ptnr1_symmetry 
_pdbx_struct_conn_angle.ptnr2_label_atom_id 
_pdbx_struct_conn_angle.ptnr2_label_alt_id 
_pdbx_struct_conn_angle.ptnr2_label_asym_id 
_pdbx_struct_conn_angle.ptnr2_label_comp_id 
_pdbx_struct_conn_angle.ptnr2_label_seq_id 
_pdbx_struct_conn_angle.ptnr2_auth_atom_id 
_pdbx_struct_conn_angle.ptnr2_auth_asym_id 
_pdbx_struct_conn_angle.ptnr2_auth_comp_id 
_pdbx_struct_conn_angle.ptnr2_auth_seq_id 
_pdbx_struct_conn_angle.ptnr2_PDB_ins_code 
_pdbx_struct_conn_angle.ptnr2_symmetry 
_pdbx_struct_conn_angle.ptnr3_label_atom_id 
_pdbx_struct_conn_angle.ptnr3_label_alt_id 
_pdbx_struct_conn_angle.ptnr3_label_asym_id 
_pdbx_struct_conn_angle.ptnr3_label_comp_id 
_pdbx_struct_conn_angle.ptnr3_label_seq_id 
_pdbx_struct_conn_angle.ptnr3_auth_atom_id 
_pdbx_struct_conn_angle.ptnr3_auth_asym_id 
_pdbx_struct_conn_angle.ptnr3_auth_comp_id 
_pdbx_struct_conn_angle.ptnr3_auth_seq_id 
_pdbx_struct_conn_angle.ptnr3_PDB_ins_code 
_pdbx_struct_conn_angle.ptnr3_symmetry 
_pdbx_struct_conn_angle.value 
_pdbx_struct_conn_angle.value_esd 
1  N7 ? A DG  6 ? A DG  6   ? 1_555 CO ? E CO . ? A CO 101 ? 1_555 N7 ? A DG  6 ? A DG  6   ? 1_555 0.0   ? 
2  N7 ? A DG  6 ? A DG  6   ? 1_555 CO ? E CO . ? A CO 101 ? 1_555 O  ? J HOH . ? A HOH 201 ? 1_555 95.0  ? 
3  N7 ? A DG  6 ? A DG  6   ? 1_555 CO ? E CO . ? A CO 101 ? 1_555 O  ? J HOH . ? A HOH 201 ? 1_555 95.0  ? 
4  N7 ? A DG  6 ? A DG  6   ? 1_555 CO ? E CO . ? A CO 101 ? 1_555 O  ? J HOH . ? A HOH 201 ? 2_875 87.4  ? 
5  N7 ? A DG  6 ? A DG  6   ? 1_555 CO ? E CO . ? A CO 101 ? 1_555 O  ? J HOH . ? A HOH 201 ? 2_875 87.4  ? 
6  O  ? J HOH . ? A HOH 201 ? 1_555 CO ? E CO . ? A CO 101 ? 1_555 O  ? J HOH . ? A HOH 201 ? 2_875 97.6  ? 
7  N7 ? A DG  6 ? A DG  6   ? 1_555 CO ? E CO . ? A CO 101 ? 1_555 O  ? M HOH . ? D HOH 201 ? 1_555 87.4  ? 
8  N7 ? A DG  6 ? A DG  6   ? 1_555 CO ? E CO . ? A CO 101 ? 1_555 O  ? M HOH . ? D HOH 201 ? 1_555 87.4  ? 
9  O  ? J HOH . ? A HOH 201 ? 1_555 CO ? E CO . ? A CO 101 ? 1_555 O  ? M HOH . ? D HOH 201 ? 1_555 88.1  ? 
10 O  ? J HOH . ? A HOH 201 ? 2_875 CO ? E CO . ? A CO 101 ? 1_555 O  ? M HOH . ? D HOH 201 ? 1_555 172.6 ? 
11 N7 ? A DG  6 ? A DG  6   ? 1_555 CO ? E CO . ? A CO 101 ? 1_555 O  ? M HOH . ? D HOH 201 ? 2_875 89.9  ? 
12 N7 ? A DG  6 ? A DG  6   ? 1_555 CO ? E CO . ? A CO 101 ? 1_555 O  ? M HOH . ? D HOH 201 ? 2_875 89.9  ? 
13 O  ? J HOH . ? A HOH 201 ? 1_555 CO ? E CO . ? A CO 101 ? 1_555 O  ? M HOH . ? D HOH 201 ? 2_875 172.6 ? 
14 O  ? J HOH . ? A HOH 201 ? 2_875 CO ? E CO . ? A CO 101 ? 1_555 O  ? M HOH . ? D HOH 201 ? 2_875 88.1  ? 
15 O  ? M HOH . ? D HOH 201 ? 1_555 CO ? E CO . ? A CO 101 ? 1_555 O  ? M HOH . ? D HOH 201 ? 2_875 86.6  ? 
16 N7 ? B DG  4 ? B DG  4   ? 1_555 CO ? F CO . ? B CO 101 ? 1_555 O  ? K HOH . ? B HOH 201 ? 1_555 107.6 ? 
17 N7 ? B DG  4 ? B DG  4   ? 1_555 CO ? F CO . ? B CO 101 ? 1_555 O  ? K HOH . ? B HOH 202 ? 1_555 92.2  ? 
18 O  ? K HOH . ? B HOH 201 ? 1_555 CO ? F CO . ? B CO 101 ? 1_555 O  ? K HOH . ? B HOH 202 ? 1_555 97.8  ? 
19 N7 ? B DG  4 ? B DG  4   ? 1_555 CO ? F CO . ? B CO 101 ? 1_555 O  ? K HOH . ? B HOH 205 ? 1_555 98.7  ? 
20 O  ? K HOH . ? B HOH 201 ? 1_555 CO ? F CO . ? B CO 101 ? 1_555 O  ? K HOH . ? B HOH 205 ? 1_555 95.5  ? 
21 O  ? K HOH . ? B HOH 202 ? 1_555 CO ? F CO . ? B CO 101 ? 1_555 O  ? K HOH . ? B HOH 205 ? 1_555 159.4 ? 
22 N7 ? B DG  4 ? B DG  4   ? 1_555 CO ? F CO . ? B CO 101 ? 1_555 O  ? K HOH . ? B HOH 207 ? 1_555 172.8 ? 
23 O  ? K HOH . ? B HOH 201 ? 1_555 CO ? F CO . ? B CO 101 ? 1_555 O  ? K HOH . ? B HOH 207 ? 1_555 73.9  ? 
24 O  ? K HOH . ? B HOH 202 ? 1_555 CO ? F CO . ? B CO 101 ? 1_555 O  ? K HOH . ? B HOH 207 ? 1_555 94.6  ? 
25 O  ? K HOH . ? B HOH 205 ? 1_555 CO ? F CO . ? B CO 101 ? 1_555 O  ? K HOH . ? B HOH 207 ? 1_555 74.1  ? 
# 
loop_
_struct_mon_prot_cis.pdbx_id 
_struct_mon_prot_cis.label_comp_id 
_struct_mon_prot_cis.label_seq_id 
_struct_mon_prot_cis.label_asym_id 
_struct_mon_prot_cis.label_alt_id 
_struct_mon_prot_cis.pdbx_PDB_ins_code 
_struct_mon_prot_cis.auth_comp_id 
_struct_mon_prot_cis.auth_seq_id 
_struct_mon_prot_cis.auth_asym_id 
_struct_mon_prot_cis.pdbx_label_comp_id_2 
_struct_mon_prot_cis.pdbx_label_seq_id_2 
_struct_mon_prot_cis.pdbx_label_asym_id_2 
_struct_mon_prot_cis.pdbx_PDB_ins_code_2 
_struct_mon_prot_cis.pdbx_auth_comp_id_2 
_struct_mon_prot_cis.pdbx_auth_seq_id_2 
_struct_mon_prot_cis.pdbx_auth_asym_id_2 
_struct_mon_prot_cis.pdbx_PDB_model_num 
_struct_mon_prot_cis.pdbx_omega_angle 
1 DVA 2 C . ? DVA 2 C PRO 3  C ? PRO 3  C 1 9.13  
2 PRO 3 C . ? PRO 3 C SAR 4  C ? SAR 4  C 1 -8.58 
3 DVA 8 C . ? DVA 8 C PRO 9  C ? PRO 9  C 1 9.07  
4 PRO 9 C . ? PRO 9 C SAR 10 C ? SAR 10 C 1 -6.22 
# 
loop_
_pdbx_validate_close_contact.id 
_pdbx_validate_close_contact.PDB_model_num 
_pdbx_validate_close_contact.auth_atom_id_1 
_pdbx_validate_close_contact.auth_asym_id_1 
_pdbx_validate_close_contact.auth_comp_id_1 
_pdbx_validate_close_contact.auth_seq_id_1 
_pdbx_validate_close_contact.PDB_ins_code_1 
_pdbx_validate_close_contact.label_alt_id_1 
_pdbx_validate_close_contact.auth_atom_id_2 
_pdbx_validate_close_contact.auth_asym_id_2 
_pdbx_validate_close_contact.auth_comp_id_2 
_pdbx_validate_close_contact.auth_seq_id_2 
_pdbx_validate_close_contact.PDB_ins_code_2 
_pdbx_validate_close_contact.label_alt_id_2 
_pdbx_validate_close_contact.dist 
1 1 CO  B CO  101 ? ? O  B HOH 204 ? ? 1.68 
2 1 OG1 C THR 1   ? ? O  C MVA 5   ? ? 2.14 
3 1 OG1 C THR 1   ? ? CA C MVA 5   ? ? 2.14 
4 1 OG  D DSN 1   ? ? O  D MVA 8   ? ? 2.15 
5 1 OG1 C THR 7   ? ? CA C MVA 11  ? ? 2.16 
6 1 CB  C THR 7   ? ? C  C MVA 11  ? ? 2.16 
7 1 O   B HOH 202 ? ? O  B HOH 204 ? ? 2.17 
# 
loop_
_pdbx_molecule_features.prd_id 
_pdbx_molecule_features.name 
_pdbx_molecule_features.type 
_pdbx_molecule_features.class 
_pdbx_molecule_features.details 
PRD_000001 'Actinomycin D' Polypeptide           Antibiotic 
;ACTINOMYCIN D CONSISTS OF TWO PENTAMER
RINGS LINKED BY THE CHROMOPHORE (PXZ)
;
PRD_000491 Echinomycin     'Cyclic depsipeptide' Antibiotic 
;ECHINOMYCIN IS A BICYCLIC OCTADEPSIPEPTIDE.
BICYCLIZATION IS ACHIEVED BY LINKING THE N- AND
THE C- TERMINI, AND A THIOACETAL BOND BETWEEN
RESIDUES 3 AND 7.
THE TWO QUINOXALINE CHROMOPHORES ARE LINKED
TO THE D-SERINE RESIDUES, RESIDUES 1 AND 5.
;
# 
loop_
_pdbx_molecule.instance_id 
_pdbx_molecule.prd_id 
_pdbx_molecule.asym_id 
1 PRD_000001 C 
2 PRD_000491 D 
2 PRD_000491 I 
# 
loop_
_pdbx_struct_special_symmetry.id 
_pdbx_struct_special_symmetry.PDB_model_num 
_pdbx_struct_special_symmetry.auth_asym_id 
_pdbx_struct_special_symmetry.auth_comp_id 
_pdbx_struct_special_symmetry.auth_seq_id 
_pdbx_struct_special_symmetry.PDB_ins_code 
_pdbx_struct_special_symmetry.label_asym_id 
_pdbx_struct_special_symmetry.label_comp_id 
_pdbx_struct_special_symmetry.label_seq_id 
1 1 A CO  101 ? E CO  . 
2 1 A HOH 203 ? J HOH . 
3 1 A HOH 207 ? J HOH . 
4 1 A HOH 209 ? J HOH . 
5 1 B HOH 206 ? K HOH . 
6 1 B HOH 208 ? K HOH . 
7 1 C HOH 101 ? L HOH . 
# 
_pdbx_refine_tls.id               1 
_pdbx_refine_tls.pdbx_refine_id   'X-RAY DIFFRACTION' 
_pdbx_refine_tls.details          ? 
_pdbx_refine_tls.method           refined 
_pdbx_refine_tls.origin_x         -1.4285 
_pdbx_refine_tls.origin_y         2.3245 
_pdbx_refine_tls.origin_z         -2.5019 
_pdbx_refine_tls.T[1][1]          0.3473 
_pdbx_refine_tls.T[1][1]_esd      ? 
_pdbx_refine_tls.T[1][2]          -0.0137 
_pdbx_refine_tls.T[1][2]_esd      ? 
_pdbx_refine_tls.T[1][3]          0.0662 
_pdbx_refine_tls.T[1][3]_esd      ? 
_pdbx_refine_tls.T[2][2]          0.2990 
_pdbx_refine_tls.T[2][2]_esd      ? 
_pdbx_refine_tls.T[2][3]          0.0189 
_pdbx_refine_tls.T[2][3]_esd      ? 
_pdbx_refine_tls.T[3][3]          0.2898 
_pdbx_refine_tls.T[3][3]_esd      ? 
_pdbx_refine_tls.L[1][1]          4.8509 
_pdbx_refine_tls.L[1][1]_esd      ? 
_pdbx_refine_tls.L[1][2]          3.9361 
_pdbx_refine_tls.L[1][2]_esd      ? 
_pdbx_refine_tls.L[1][3]          0.0952 
_pdbx_refine_tls.L[1][3]_esd      ? 
_pdbx_refine_tls.L[2][2]          10.3447 
_pdbx_refine_tls.L[2][2]_esd      ? 
_pdbx_refine_tls.L[2][3]          -2.1160 
_pdbx_refine_tls.L[2][3]_esd      ? 
_pdbx_refine_tls.L[3][3]          2.6460 
_pdbx_refine_tls.L[3][3]_esd      ? 
_pdbx_refine_tls.S[1][1]          0.0131 
_pdbx_refine_tls.S[1][1]_esd      ? 
_pdbx_refine_tls.S[1][2]          -0.4932 
_pdbx_refine_tls.S[1][2]_esd      ? 
_pdbx_refine_tls.S[1][3]          -0.3629 
_pdbx_refine_tls.S[1][3]_esd      ? 
_pdbx_refine_tls.S[2][1]          0.0513 
_pdbx_refine_tls.S[2][1]_esd      ? 
_pdbx_refine_tls.S[2][2]          -0.2358 
_pdbx_refine_tls.S[2][2]_esd      ? 
_pdbx_refine_tls.S[2][3]          0.0518 
_pdbx_refine_tls.S[2][3]_esd      ? 
_pdbx_refine_tls.S[3][1]          0.2818 
_pdbx_refine_tls.S[3][1]_esd      ? 
_pdbx_refine_tls.S[3][2]          0.1760 
_pdbx_refine_tls.S[3][2]_esd      ? 
_pdbx_refine_tls.S[3][3]          0.1986 
_pdbx_refine_tls.S[3][3]_esd      ? 
# 
loop_
_pdbx_refine_tls_group.id 
_pdbx_refine_tls_group.pdbx_refine_id 
_pdbx_refine_tls_group.refine_tls_id 
_pdbx_refine_tls_group.beg_label_asym_id 
_pdbx_refine_tls_group.beg_label_seq_id 
_pdbx_refine_tls_group.beg_auth_asym_id 
_pdbx_refine_tls_group.beg_auth_seq_id 
_pdbx_refine_tls_group.beg_PDB_ins_code 
_pdbx_refine_tls_group.end_label_asym_id 
_pdbx_refine_tls_group.end_label_seq_id 
_pdbx_refine_tls_group.end_auth_asym_id 
_pdbx_refine_tls_group.end_auth_seq_id 
_pdbx_refine_tls_group.end_PDB_ins_code 
_pdbx_refine_tls_group.selection 
_pdbx_refine_tls_group.selection_details 
1 'X-RAY DIFFRACTION' 1 ? ? A 1 ? ? ? A 7  ? ? all 
2 'X-RAY DIFFRACTION' 1 ? ? B 1 ? ? ? B 7  ? ? all 
3 'X-RAY DIFFRACTION' 1 ? ? C 1 ? ? ? C 11 ? ? all 
4 'X-RAY DIFFRACTION' 1 ? ? D 1 ? ? ? D 10 ? ? all 
5 'X-RAY DIFFRACTION' 1 ? ? E 1 ? ? ? E 3  ? ? all 
6 'X-RAY DIFFRACTION' 1 ? ? S 1 ? ? ? S 34 ? ? all 
# 
_pdbx_entry_details.entry_id                 7X6R 
_pdbx_entry_details.has_ligand_of_interest   N 
_pdbx_entry_details.compound_details         
;ACTINOMYCIN D IS A BICYCLIC PEPTIDE, A MEMBER OF THE
ACTINOMYCIN FAMILY.
HERE, ACTINOMYCIN D IS REPRESENTED BY THE SEQUENCE (SEQRES)
THE ECHINOMYCIN IS A BICYCLIC OCTADEPSIPEPTIDE, A MEMBER
OF THE QUINOXALINE CLASS OF ANTIBIOTICS.
HERE, ECHINOMYCIN IS REPRESENTED BY GROUPING TOGETHER THE
SEQUENCE (SEQRES) AND TWO LIGANDS (HET) QUI.
;
_pdbx_entry_details.source_details           ? 
_pdbx_entry_details.nonpolymer_details       ? 
_pdbx_entry_details.sequence_details         ? 
# 
_pdbx_distant_solvent_atoms.id                                1 
_pdbx_distant_solvent_atoms.PDB_model_num                     1 
_pdbx_distant_solvent_atoms.auth_atom_id                      O 
_pdbx_distant_solvent_atoms.label_alt_id                      ? 
_pdbx_distant_solvent_atoms.auth_asym_id                      C 
_pdbx_distant_solvent_atoms.auth_comp_id                      HOH 
_pdbx_distant_solvent_atoms.auth_seq_id                       102 
_pdbx_distant_solvent_atoms.PDB_ins_code                      ? 
_pdbx_distant_solvent_atoms.neighbor_macromolecule_distance   6.19 
_pdbx_distant_solvent_atoms.neighbor_ligand_distance          . 
# 
loop_
_chem_comp_atom.comp_id 
_chem_comp_atom.atom_id 
_chem_comp_atom.type_symbol 
_chem_comp_atom.pdbx_aromatic_flag 
_chem_comp_atom.pdbx_stereo_config 
_chem_comp_atom.pdbx_ordinal 
ALA N      N  N N 1   
ALA CA     C  N S 2   
ALA C      C  N N 3   
ALA O      O  N N 4   
ALA CB     C  N N 5   
ALA OXT    O  N N 6   
ALA H      H  N N 7   
ALA H2     H  N N 8   
ALA HA     H  N N 9   
ALA HB1    H  N N 10  
ALA HB2    H  N N 11  
ALA HB3    H  N N 12  
ALA HXT    H  N N 13  
CO  CO     CO N N 14  
DA  OP3    O  N N 15  
DA  P      P  N N 16  
DA  OP1    O  N N 17  
DA  OP2    O  N N 18  
DA  "O5'"  O  N N 19  
DA  "C5'"  C  N N 20  
DA  "C4'"  C  N R 21  
DA  "O4'"  O  N N 22  
DA  "C3'"  C  N S 23  
DA  "O3'"  O  N N 24  
DA  "C2'"  C  N N 25  
DA  "C1'"  C  N R 26  
DA  N9     N  Y N 27  
DA  C8     C  Y N 28  
DA  N7     N  Y N 29  
DA  C5     C  Y N 30  
DA  C6     C  Y N 31  
DA  N6     N  N N 32  
DA  N1     N  Y N 33  
DA  C2     C  Y N 34  
DA  N3     N  Y N 35  
DA  C4     C  Y N 36  
DA  HOP3   H  N N 37  
DA  HOP2   H  N N 38  
DA  "H5'"  H  N N 39  
DA  "H5''" H  N N 40  
DA  "H4'"  H  N N 41  
DA  "H3'"  H  N N 42  
DA  "HO3'" H  N N 43  
DA  "H2'"  H  N N 44  
DA  "H2''" H  N N 45  
DA  "H1'"  H  N N 46  
DA  H8     H  N N 47  
DA  H61    H  N N 48  
DA  H62    H  N N 49  
DA  H2     H  N N 50  
DC  OP3    O  N N 51  
DC  P      P  N N 52  
DC  OP1    O  N N 53  
DC  OP2    O  N N 54  
DC  "O5'"  O  N N 55  
DC  "C5'"  C  N N 56  
DC  "C4'"  C  N R 57  
DC  "O4'"  O  N N 58  
DC  "C3'"  C  N S 59  
DC  "O3'"  O  N N 60  
DC  "C2'"  C  N N 61  
DC  "C1'"  C  N R 62  
DC  N1     N  N N 63  
DC  C2     C  N N 64  
DC  O2     O  N N 65  
DC  N3     N  N N 66  
DC  C4     C  N N 67  
DC  N4     N  N N 68  
DC  C5     C  N N 69  
DC  C6     C  N N 70  
DC  HOP3   H  N N 71  
DC  HOP2   H  N N 72  
DC  "H5'"  H  N N 73  
DC  "H5''" H  N N 74  
DC  "H4'"  H  N N 75  
DC  "H3'"  H  N N 76  
DC  "HO3'" H  N N 77  
DC  "H2'"  H  N N 78  
DC  "H2''" H  N N 79  
DC  "H1'"  H  N N 80  
DC  H41    H  N N 81  
DC  H42    H  N N 82  
DC  H5     H  N N 83  
DC  H6     H  N N 84  
DG  OP3    O  N N 85  
DG  P      P  N N 86  
DG  OP1    O  N N 87  
DG  OP2    O  N N 88  
DG  "O5'"  O  N N 89  
DG  "C5'"  C  N N 90  
DG  "C4'"  C  N R 91  
DG  "O4'"  O  N N 92  
DG  "C3'"  C  N S 93  
DG  "O3'"  O  N N 94  
DG  "C2'"  C  N N 95  
DG  "C1'"  C  N R 96  
DG  N9     N  Y N 97  
DG  C8     C  Y N 98  
DG  N7     N  Y N 99  
DG  C5     C  Y N 100 
DG  C6     C  N N 101 
DG  O6     O  N N 102 
DG  N1     N  N N 103 
DG  C2     C  N N 104 
DG  N2     N  N N 105 
DG  N3     N  N N 106 
DG  C4     C  Y N 107 
DG  HOP3   H  N N 108 
DG  HOP2   H  N N 109 
DG  "H5'"  H  N N 110 
DG  "H5''" H  N N 111 
DG  "H4'"  H  N N 112 
DG  "H3'"  H  N N 113 
DG  "HO3'" H  N N 114 
DG  "H2'"  H  N N 115 
DG  "H2''" H  N N 116 
DG  "H1'"  H  N N 117 
DG  H8     H  N N 118 
DG  H1     H  N N 119 
DG  H21    H  N N 120 
DG  H22    H  N N 121 
DSN N      N  N N 122 
DSN CA     C  N R 123 
DSN C      C  N N 124 
DSN O      O  N N 125 
DSN OXT    O  N N 126 
DSN CB     C  N N 127 
DSN OG     O  N N 128 
DSN H      H  N N 129 
DSN H2     H  N N 130 
DSN HA     H  N N 131 
DSN HXT    H  N N 132 
DSN HB2    H  N N 133 
DSN HB3    H  N N 134 
DSN HG     H  N N 135 
DT  OP3    O  N N 136 
DT  P      P  N N 137 
DT  OP1    O  N N 138 
DT  OP2    O  N N 139 
DT  "O5'"  O  N N 140 
DT  "C5'"  C  N N 141 
DT  "C4'"  C  N R 142 
DT  "O4'"  O  N N 143 
DT  "C3'"  C  N S 144 
DT  "O3'"  O  N N 145 
DT  "C2'"  C  N N 146 
DT  "C1'"  C  N R 147 
DT  N1     N  N N 148 
DT  C2     C  N N 149 
DT  O2     O  N N 150 
DT  N3     N  N N 151 
DT  C4     C  N N 152 
DT  O4     O  N N 153 
DT  C5     C  N N 154 
DT  C7     C  N N 155 
DT  C6     C  N N 156 
DT  HOP3   H  N N 157 
DT  HOP2   H  N N 158 
DT  "H5'"  H  N N 159 
DT  "H5''" H  N N 160 
DT  "H4'"  H  N N 161 
DT  "H3'"  H  N N 162 
DT  "HO3'" H  N N 163 
DT  "H2'"  H  N N 164 
DT  "H2''" H  N N 165 
DT  "H1'"  H  N N 166 
DT  H3     H  N N 167 
DT  H71    H  N N 168 
DT  H72    H  N N 169 
DT  H73    H  N N 170 
DT  H6     H  N N 171 
DVA N      N  N N 172 
DVA CA     C  N R 173 
DVA CB     C  N N 174 
DVA CG1    C  N N 175 
DVA CG2    C  N N 176 
DVA C      C  N N 177 
DVA O      O  N N 178 
DVA OXT    O  N N 179 
DVA H      H  N N 180 
DVA H2     H  N N 181 
DVA HA     H  N N 182 
DVA HB     H  N N 183 
DVA HG11   H  N N 184 
DVA HG12   H  N N 185 
DVA HG13   H  N N 186 
DVA HG21   H  N N 187 
DVA HG22   H  N N 188 
DVA HG23   H  N N 189 
DVA HXT    H  N N 190 
HOH O      O  N N 191 
HOH H1     H  N N 192 
HOH H2     H  N N 193 
MVA N      N  N N 194 
MVA CN     C  N N 195 
MVA CA     C  N S 196 
MVA CB     C  N N 197 
MVA CG1    C  N N 198 
MVA CG2    C  N N 199 
MVA C      C  N N 200 
MVA O      O  N N 201 
MVA OXT    O  N N 202 
MVA H      H  N N 203 
MVA HN1    H  N N 204 
MVA HN2    H  N N 205 
MVA HN3    H  N N 206 
MVA HA     H  N N 207 
MVA HB     H  N N 208 
MVA HG11   H  N N 209 
MVA HG12   H  N N 210 
MVA HG13   H  N N 211 
MVA HG21   H  N N 212 
MVA HG22   H  N N 213 
MVA HG23   H  N N 214 
MVA HXT    H  N N 215 
N2C N      N  N N 216 
N2C CA     C  N R 217 
N2C CB     C  N N 218 
N2C SG     S  N N 219 
N2C CD     C  N N 220 
N2C CN     C  N N 221 
N2C C      C  N N 222 
N2C O      O  N N 223 
N2C OXT    O  N N 224 
N2C H      H  N N 225 
N2C HA     H  N N 226 
N2C HB2    H  N N 227 
N2C HB3    H  N N 228 
N2C HD1    H  N N 229 
N2C HD2    H  N N 230 
N2C HD3    H  N N 231 
N2C HN1    H  N N 232 
N2C HN2    H  N N 233 
N2C HN3    H  N N 234 
N2C HXT    H  N N 235 
NCY N      N  N N 236 
NCY CA     C  N R 237 
NCY CB     C  N N 238 
NCY SG     S  N N 239 
NCY CN     C  N N 240 
NCY C      C  N N 241 
NCY O      O  N N 242 
NCY OXT    O  N N 243 
NCY H      H  N N 244 
NCY HA     H  N N 245 
NCY HB2    H  N N 246 
NCY HB3    H  N N 247 
NCY HG     H  N N 248 
NCY HCN1   H  N N 249 
NCY HCN2   H  N N 250 
NCY HCN3   H  N N 251 
NCY HXT    H  N N 252 
PRO N      N  N N 253 
PRO CA     C  N S 254 
PRO C      C  N N 255 
PRO O      O  N N 256 
PRO CB     C  N N 257 
PRO CG     C  N N 258 
PRO CD     C  N N 259 
PRO OXT    O  N N 260 
PRO H      H  N N 261 
PRO HA     H  N N 262 
PRO HB2    H  N N 263 
PRO HB3    H  N N 264 
PRO HG2    H  N N 265 
PRO HG3    H  N N 266 
PRO HD2    H  N N 267 
PRO HD3    H  N N 268 
PRO HXT    H  N N 269 
PXZ C1     C  N N 270 
PXZ C0     C  N N 271 
PXZ O1     O  N N 272 
PXZ C2     C  N N 273 
PXZ N2     N  N N 274 
PXZ C3     C  N N 275 
PXZ O3     O  N N 276 
PXZ C4     C  N N 277 
PXZ O5     O  N N 278 
PXZ C6     C  Y N 279 
PXZ C7     C  Y N 280 
PXZ C8     C  Y N 281 
PXZ C9     C  Y N 282 
PXZ "C0'"  C  N N 283 
PXZ "O1'"  O  N N 284 
PXZ N10    N  N N 285 
PXZ C11    C  N N 286 
PXZ C12    C  N N 287 
PXZ C13    C  Y N 288 
PXZ C14    C  Y N 289 
PXZ C15    C  N N 290 
PXZ C16    C  N N 291 
PXZ HN21   H  N N 292 
PXZ HN22   H  N N 293 
PXZ H7     H  N N 294 
PXZ H8     H  N N 295 
PXZ H151   H  N N 296 
PXZ H152   H  N N 297 
PXZ H153   H  N N 298 
PXZ H161   H  N N 299 
PXZ H162   H  N N 300 
PXZ H163   H  N N 301 
PXZ "OXT'" O  N N 302 
PXZ OXT    O  N N 303 
PXZ "HXT'" H  N N 304 
PXZ HXT    H  N N 305 
QUI N1     N  Y N 306 
QUI C2     C  Y N 307 
QUI C3     C  Y N 308 
QUI N4     N  Y N 309 
QUI C5     C  Y N 310 
QUI C6     C  Y N 311 
QUI C7     C  Y N 312 
QUI C8     C  Y N 313 
QUI C9     C  Y N 314 
QUI C10    C  Y N 315 
QUI C      C  N N 316 
QUI O1     O  N N 317 
QUI O2     O  N N 318 
QUI H3     H  N N 319 
QUI H5     H  N N 320 
QUI H6     H  N N 321 
QUI H7     H  N N 322 
QUI H8     H  N N 323 
QUI HO2    H  N N 324 
SAR N      N  N N 325 
SAR CA     C  N N 326 
SAR C      C  N N 327 
SAR O      O  N N 328 
SAR CN     C  N N 329 
SAR OXT    O  N N 330 
SAR H      H  N N 331 
SAR HA2    H  N N 332 
SAR HA3    H  N N 333 
SAR HN1    H  N N 334 
SAR HN2    H  N N 335 
SAR HN3    H  N N 336 
SAR HXT    H  N N 337 
THR N      N  N N 338 
THR CA     C  N S 339 
THR C      C  N N 340 
THR O      O  N N 341 
THR CB     C  N R 342 
THR OG1    O  N N 343 
THR CG2    C  N N 344 
THR OXT    O  N N 345 
THR H      H  N N 346 
THR H2     H  N N 347 
THR HA     H  N N 348 
THR HB     H  N N 349 
THR HG1    H  N N 350 
THR HG21   H  N N 351 
THR HG22   H  N N 352 
THR HG23   H  N N 353 
THR HXT    H  N N 354 
# 
loop_
_chem_comp_bond.comp_id 
_chem_comp_bond.atom_id_1 
_chem_comp_bond.atom_id_2 
_chem_comp_bond.value_order 
_chem_comp_bond.pdbx_aromatic_flag 
_chem_comp_bond.pdbx_stereo_config 
_chem_comp_bond.pdbx_ordinal 
ALA N      CA     sing N N 1   
ALA N      H      sing N N 2   
ALA N      H2     sing N N 3   
ALA CA     C      sing N N 4   
ALA CA     CB     sing N N 5   
ALA CA     HA     sing N N 6   
ALA C      O      doub N N 7   
ALA C      OXT    sing N N 8   
ALA CB     HB1    sing N N 9   
ALA CB     HB2    sing N N 10  
ALA CB     HB3    sing N N 11  
ALA OXT    HXT    sing N N 12  
DA  OP3    P      sing N N 13  
DA  OP3    HOP3   sing N N 14  
DA  P      OP1    doub N N 15  
DA  P      OP2    sing N N 16  
DA  P      "O5'"  sing N N 17  
DA  OP2    HOP2   sing N N 18  
DA  "O5'"  "C5'"  sing N N 19  
DA  "C5'"  "C4'"  sing N N 20  
DA  "C5'"  "H5'"  sing N N 21  
DA  "C5'"  "H5''" sing N N 22  
DA  "C4'"  "O4'"  sing N N 23  
DA  "C4'"  "C3'"  sing N N 24  
DA  "C4'"  "H4'"  sing N N 25  
DA  "O4'"  "C1'"  sing N N 26  
DA  "C3'"  "O3'"  sing N N 27  
DA  "C3'"  "C2'"  sing N N 28  
DA  "C3'"  "H3'"  sing N N 29  
DA  "O3'"  "HO3'" sing N N 30  
DA  "C2'"  "C1'"  sing N N 31  
DA  "C2'"  "H2'"  sing N N 32  
DA  "C2'"  "H2''" sing N N 33  
DA  "C1'"  N9     sing N N 34  
DA  "C1'"  "H1'"  sing N N 35  
DA  N9     C8     sing Y N 36  
DA  N9     C4     sing Y N 37  
DA  C8     N7     doub Y N 38  
DA  C8     H8     sing N N 39  
DA  N7     C5     sing Y N 40  
DA  C5     C6     sing Y N 41  
DA  C5     C4     doub Y N 42  
DA  C6     N6     sing N N 43  
DA  C6     N1     doub Y N 44  
DA  N6     H61    sing N N 45  
DA  N6     H62    sing N N 46  
DA  N1     C2     sing Y N 47  
DA  C2     N3     doub Y N 48  
DA  C2     H2     sing N N 49  
DA  N3     C4     sing Y N 50  
DC  OP3    P      sing N N 51  
DC  OP3    HOP3   sing N N 52  
DC  P      OP1    doub N N 53  
DC  P      OP2    sing N N 54  
DC  P      "O5'"  sing N N 55  
DC  OP2    HOP2   sing N N 56  
DC  "O5'"  "C5'"  sing N N 57  
DC  "C5'"  "C4'"  sing N N 58  
DC  "C5'"  "H5'"  sing N N 59  
DC  "C5'"  "H5''" sing N N 60  
DC  "C4'"  "O4'"  sing N N 61  
DC  "C4'"  "C3'"  sing N N 62  
DC  "C4'"  "H4'"  sing N N 63  
DC  "O4'"  "C1'"  sing N N 64  
DC  "C3'"  "O3'"  sing N N 65  
DC  "C3'"  "C2'"  sing N N 66  
DC  "C3'"  "H3'"  sing N N 67  
DC  "O3'"  "HO3'" sing N N 68  
DC  "C2'"  "C1'"  sing N N 69  
DC  "C2'"  "H2'"  sing N N 70  
DC  "C2'"  "H2''" sing N N 71  
DC  "C1'"  N1     sing N N 72  
DC  "C1'"  "H1'"  sing N N 73  
DC  N1     C2     sing N N 74  
DC  N1     C6     sing N N 75  
DC  C2     O2     doub N N 76  
DC  C2     N3     sing N N 77  
DC  N3     C4     doub N N 78  
DC  C4     N4     sing N N 79  
DC  C4     C5     sing N N 80  
DC  N4     H41    sing N N 81  
DC  N4     H42    sing N N 82  
DC  C5     C6     doub N N 83  
DC  C5     H5     sing N N 84  
DC  C6     H6     sing N N 85  
DG  OP3    P      sing N N 86  
DG  OP3    HOP3   sing N N 87  
DG  P      OP1    doub N N 88  
DG  P      OP2    sing N N 89  
DG  P      "O5'"  sing N N 90  
DG  OP2    HOP2   sing N N 91  
DG  "O5'"  "C5'"  sing N N 92  
DG  "C5'"  "C4'"  sing N N 93  
DG  "C5'"  "H5'"  sing N N 94  
DG  "C5'"  "H5''" sing N N 95  
DG  "C4'"  "O4'"  sing N N 96  
DG  "C4'"  "C3'"  sing N N 97  
DG  "C4'"  "H4'"  sing N N 98  
DG  "O4'"  "C1'"  sing N N 99  
DG  "C3'"  "O3'"  sing N N 100 
DG  "C3'"  "C2'"  sing N N 101 
DG  "C3'"  "H3'"  sing N N 102 
DG  "O3'"  "HO3'" sing N N 103 
DG  "C2'"  "C1'"  sing N N 104 
DG  "C2'"  "H2'"  sing N N 105 
DG  "C2'"  "H2''" sing N N 106 
DG  "C1'"  N9     sing N N 107 
DG  "C1'"  "H1'"  sing N N 108 
DG  N9     C8     sing Y N 109 
DG  N9     C4     sing Y N 110 
DG  C8     N7     doub Y N 111 
DG  C8     H8     sing N N 112 
DG  N7     C5     sing Y N 113 
DG  C5     C6     sing N N 114 
DG  C5     C4     doub Y N 115 
DG  C6     O6     doub N N 116 
DG  C6     N1     sing N N 117 
DG  N1     C2     sing N N 118 
DG  N1     H1     sing N N 119 
DG  C2     N2     sing N N 120 
DG  C2     N3     doub N N 121 
DG  N2     H21    sing N N 122 
DG  N2     H22    sing N N 123 
DG  N3     C4     sing N N 124 
DSN N      CA     sing N N 125 
DSN N      H      sing N N 126 
DSN N      H2     sing N N 127 
DSN CA     C      sing N N 128 
DSN CA     CB     sing N N 129 
DSN CA     HA     sing N N 130 
DSN C      O      doub N N 131 
DSN C      OXT    sing N N 132 
DSN OXT    HXT    sing N N 133 
DSN CB     OG     sing N N 134 
DSN CB     HB2    sing N N 135 
DSN CB     HB3    sing N N 136 
DSN OG     HG     sing N N 137 
DT  OP3    P      sing N N 138 
DT  OP3    HOP3   sing N N 139 
DT  P      OP1    doub N N 140 
DT  P      OP2    sing N N 141 
DT  P      "O5'"  sing N N 142 
DT  OP2    HOP2   sing N N 143 
DT  "O5'"  "C5'"  sing N N 144 
DT  "C5'"  "C4'"  sing N N 145 
DT  "C5'"  "H5'"  sing N N 146 
DT  "C5'"  "H5''" sing N N 147 
DT  "C4'"  "O4'"  sing N N 148 
DT  "C4'"  "C3'"  sing N N 149 
DT  "C4'"  "H4'"  sing N N 150 
DT  "O4'"  "C1'"  sing N N 151 
DT  "C3'"  "O3'"  sing N N 152 
DT  "C3'"  "C2'"  sing N N 153 
DT  "C3'"  "H3'"  sing N N 154 
DT  "O3'"  "HO3'" sing N N 155 
DT  "C2'"  "C1'"  sing N N 156 
DT  "C2'"  "H2'"  sing N N 157 
DT  "C2'"  "H2''" sing N N 158 
DT  "C1'"  N1     sing N N 159 
DT  "C1'"  "H1'"  sing N N 160 
DT  N1     C2     sing N N 161 
DT  N1     C6     sing N N 162 
DT  C2     O2     doub N N 163 
DT  C2     N3     sing N N 164 
DT  N3     C4     sing N N 165 
DT  N3     H3     sing N N 166 
DT  C4     O4     doub N N 167 
DT  C4     C5     sing N N 168 
DT  C5     C7     sing N N 169 
DT  C5     C6     doub N N 170 
DT  C7     H71    sing N N 171 
DT  C7     H72    sing N N 172 
DT  C7     H73    sing N N 173 
DT  C6     H6     sing N N 174 
DVA N      CA     sing N N 175 
DVA N      H      sing N N 176 
DVA N      H2     sing N N 177 
DVA CA     CB     sing N N 178 
DVA CA     C      sing N N 179 
DVA CA     HA     sing N N 180 
DVA CB     CG1    sing N N 181 
DVA CB     CG2    sing N N 182 
DVA CB     HB     sing N N 183 
DVA CG1    HG11   sing N N 184 
DVA CG1    HG12   sing N N 185 
DVA CG1    HG13   sing N N 186 
DVA CG2    HG21   sing N N 187 
DVA CG2    HG22   sing N N 188 
DVA CG2    HG23   sing N N 189 
DVA C      O      doub N N 190 
DVA C      OXT    sing N N 191 
DVA OXT    HXT    sing N N 192 
HOH O      H1     sing N N 193 
HOH O      H2     sing N N 194 
MVA N      CN     sing N N 195 
MVA N      CA     sing N N 196 
MVA N      H      sing N N 197 
MVA CN     HN1    sing N N 198 
MVA CN     HN2    sing N N 199 
MVA CN     HN3    sing N N 200 
MVA CA     CB     sing N N 201 
MVA CA     C      sing N N 202 
MVA CA     HA     sing N N 203 
MVA CB     CG1    sing N N 204 
MVA CB     CG2    sing N N 205 
MVA CB     HB     sing N N 206 
MVA CG1    HG11   sing N N 207 
MVA CG1    HG12   sing N N 208 
MVA CG1    HG13   sing N N 209 
MVA CG2    HG21   sing N N 210 
MVA CG2    HG22   sing N N 211 
MVA CG2    HG23   sing N N 212 
MVA C      O      doub N N 213 
MVA C      OXT    sing N N 214 
MVA OXT    HXT    sing N N 215 
N2C N      CA     sing N N 216 
N2C N      CN     sing N N 217 
N2C N      H      sing N N 218 
N2C CA     CB     sing N N 219 
N2C CA     C      sing N N 220 
N2C CA     HA     sing N N 221 
N2C CB     SG     sing N N 222 
N2C CB     HB2    sing N N 223 
N2C CB     HB3    sing N N 224 
N2C SG     CD     sing N N 225 
N2C CD     HD1    sing N N 226 
N2C CD     HD2    sing N N 227 
N2C CD     HD3    sing N N 228 
N2C CN     HN1    sing N N 229 
N2C CN     HN2    sing N N 230 
N2C CN     HN3    sing N N 231 
N2C C      O      doub N N 232 
N2C C      OXT    sing N N 233 
N2C OXT    HXT    sing N N 234 
NCY N      CA     sing N N 235 
NCY N      CN     sing N N 236 
NCY N      H      sing N N 237 
NCY CA     CB     sing N N 238 
NCY CA     C      sing N N 239 
NCY CA     HA     sing N N 240 
NCY CB     SG     sing N N 241 
NCY CB     HB2    sing N N 242 
NCY CB     HB3    sing N N 243 
NCY SG     HG     sing N N 244 
NCY CN     HCN1   sing N N 245 
NCY CN     HCN2   sing N N 246 
NCY CN     HCN3   sing N N 247 
NCY C      O      doub N N 248 
NCY C      OXT    sing N N 249 
NCY OXT    HXT    sing N N 250 
PRO N      CA     sing N N 251 
PRO N      CD     sing N N 252 
PRO N      H      sing N N 253 
PRO CA     C      sing N N 254 
PRO CA     CB     sing N N 255 
PRO CA     HA     sing N N 256 
PRO C      O      doub N N 257 
PRO C      OXT    sing N N 258 
PRO CB     CG     sing N N 259 
PRO CB     HB2    sing N N 260 
PRO CB     HB3    sing N N 261 
PRO CG     CD     sing N N 262 
PRO CG     HG2    sing N N 263 
PRO CG     HG3    sing N N 264 
PRO CD     HD2    sing N N 265 
PRO CD     HD3    sing N N 266 
PRO OXT    HXT    sing N N 267 
PXZ C1     C0     sing N N 268 
PXZ C1     C2     doub N N 269 
PXZ C1     C11    sing N N 270 
PXZ C0     O1     doub N N 271 
PXZ C2     N2     sing N N 272 
PXZ C2     C3     sing N N 273 
PXZ N2     HN21   sing N N 274 
PXZ N2     HN22   sing N N 275 
PXZ C3     O3     doub N N 276 
PXZ C3     C4     sing N N 277 
PXZ C4     C12    doub N N 278 
PXZ C4     C15    sing N N 279 
PXZ O5     C12    sing N N 280 
PXZ O5     C13    sing N N 281 
PXZ C6     C7     doub Y N 282 
PXZ C6     C13    sing Y N 283 
PXZ C6     C16    sing N N 284 
PXZ C7     C8     sing Y N 285 
PXZ C7     H7     sing N N 286 
PXZ C8     C9     doub Y N 287 
PXZ C8     H8     sing N N 288 
PXZ C9     "C0'"  sing N N 289 
PXZ C9     C14    sing Y N 290 
PXZ "C0'"  "O1'"  doub N N 291 
PXZ N10    C11    doub N N 292 
PXZ N10    C14    sing N N 293 
PXZ C11    C12    sing N N 294 
PXZ C13    C14    doub Y N 295 
PXZ C15    H151   sing N N 296 
PXZ C15    H152   sing N N 297 
PXZ C15    H153   sing N N 298 
PXZ C16    H161   sing N N 299 
PXZ C16    H162   sing N N 300 
PXZ C16    H163   sing N N 301 
PXZ "C0'"  "OXT'" sing N N 302 
PXZ C0     OXT    sing N N 303 
PXZ "OXT'" "HXT'" sing N N 304 
PXZ OXT    HXT    sing N N 305 
QUI N1     C2     doub Y N 306 
QUI N1     C9     sing Y N 307 
QUI C2     C3     sing Y N 308 
QUI C2     C      sing N N 309 
QUI C3     N4     doub Y N 310 
QUI C3     H3     sing N N 311 
QUI N4     C10    sing Y N 312 
QUI C5     C6     doub Y N 313 
QUI C5     C10    sing Y N 314 
QUI C5     H5     sing N N 315 
QUI C6     C7     sing Y N 316 
QUI C6     H6     sing N N 317 
QUI C7     C8     doub Y N 318 
QUI C7     H7     sing N N 319 
QUI C8     C9     sing Y N 320 
QUI C8     H8     sing N N 321 
QUI C9     C10    doub Y N 322 
QUI C      O1     doub N N 323 
QUI C      O2     sing N N 324 
QUI O2     HO2    sing N N 325 
SAR N      CA     sing N N 326 
SAR N      CN     sing N N 327 
SAR N      H      sing N N 328 
SAR CA     C      sing N N 329 
SAR CA     HA2    sing N N 330 
SAR CA     HA3    sing N N 331 
SAR C      O      doub N N 332 
SAR C      OXT    sing N N 333 
SAR CN     HN1    sing N N 334 
SAR CN     HN2    sing N N 335 
SAR CN     HN3    sing N N 336 
SAR OXT    HXT    sing N N 337 
THR N      CA     sing N N 338 
THR N      H      sing N N 339 
THR N      H2     sing N N 340 
THR CA     C      sing N N 341 
THR CA     CB     sing N N 342 
THR CA     HA     sing N N 343 
THR C      O      doub N N 344 
THR C      OXT    sing N N 345 
THR CB     OG1    sing N N 346 
THR CB     CG2    sing N N 347 
THR CB     HB     sing N N 348 
THR OG1    HG1    sing N N 349 
THR CG2    HG21   sing N N 350 
THR CG2    HG22   sing N N 351 
THR CG2    HG23   sing N N 352 
THR OXT    HXT    sing N N 353 
# 
_ndb_struct_conf_na.entry_id   7X6R 
_ndb_struct_conf_na.feature    'double helix' 
# 
loop_
_ndb_struct_na_base_pair.model_number 
_ndb_struct_na_base_pair.i_label_asym_id 
_ndb_struct_na_base_pair.i_label_comp_id 
_ndb_struct_na_base_pair.i_label_seq_id 
_ndb_struct_na_base_pair.i_symmetry 
_ndb_struct_na_base_pair.j_label_asym_id 
_ndb_struct_na_base_pair.j_label_comp_id 
_ndb_struct_na_base_pair.j_label_seq_id 
_ndb_struct_na_base_pair.j_symmetry 
_ndb_struct_na_base_pair.shear 
_ndb_struct_na_base_pair.stretch 
_ndb_struct_na_base_pair.stagger 
_ndb_struct_na_base_pair.buckle 
_ndb_struct_na_base_pair.propeller 
_ndb_struct_na_base_pair.opening 
_ndb_struct_na_base_pair.pair_number 
_ndb_struct_na_base_pair.pair_name 
_ndb_struct_na_base_pair.i_auth_asym_id 
_ndb_struct_na_base_pair.i_auth_seq_id 
_ndb_struct_na_base_pair.i_PDB_ins_code 
_ndb_struct_na_base_pair.j_auth_asym_id 
_ndb_struct_na_base_pair.j_auth_seq_id 
_ndb_struct_na_base_pair.j_PDB_ins_code 
_ndb_struct_na_base_pair.hbond_type_28 
_ndb_struct_na_base_pair.hbond_type_12 
1 A DA 1 1_555 B DT 7 1_555 0.131  -0.170 0.119 -5.290  -11.399 0.589   1 A_DA1:DT7_B A 1 ? B 7 ? 20 1 
1 A DG 2 1_555 B DC 6 1_555 -0.376 -0.206 0.708 6.727   8.172   -2.921  2 A_DG2:DC6_B A 2 ? B 6 ? 19 1 
1 A DC 3 1_555 B DG 5 1_555 0.697  -0.303 1.045 -17.171 15.290  -2.053  3 A_DC3:DG5_B A 3 ? B 5 ? 19 1 
1 A DA 4 1_555 B DG 4 1_555 0.119  1.450  0.547 12.955  9.340   -4.639  4 A_DA4:DG4_B A 4 ? B 4 ? 8  1 
1 A DC 5 1_555 B DG 3 1_555 -0.007 -0.054 0.669 -26.144 -2.962  -4.363  5 A_DC5:DG3_B A 5 ? B 3 ? 19 1 
1 A DG 6 1_555 B DC 2 1_555 -0.246 -0.143 0.549 24.783  -4.223  -0.631  6 A_DG6:DC2_B A 6 ? B 2 ? 19 1 
1 A DT 7 1_555 B DA 1 1_555 -0.855 3.565  0.096 1.380   6.594   -75.565 7 A_DT7:DA1_B A 7 ? B 1 ? 23 3 
# 
loop_
_ndb_struct_na_base_pair_step.model_number 
_ndb_struct_na_base_pair_step.i_label_asym_id_1 
_ndb_struct_na_base_pair_step.i_label_comp_id_1 
_ndb_struct_na_base_pair_step.i_label_seq_id_1 
_ndb_struct_na_base_pair_step.i_symmetry_1 
_ndb_struct_na_base_pair_step.j_label_asym_id_1 
_ndb_struct_na_base_pair_step.j_label_comp_id_1 
_ndb_struct_na_base_pair_step.j_label_seq_id_1 
_ndb_struct_na_base_pair_step.j_symmetry_1 
_ndb_struct_na_base_pair_step.i_label_asym_id_2 
_ndb_struct_na_base_pair_step.i_label_comp_id_2 
_ndb_struct_na_base_pair_step.i_label_seq_id_2 
_ndb_struct_na_base_pair_step.i_symmetry_2 
_ndb_struct_na_base_pair_step.j_label_asym_id_2 
_ndb_struct_na_base_pair_step.j_label_comp_id_2 
_ndb_struct_na_base_pair_step.j_label_seq_id_2 
_ndb_struct_na_base_pair_step.j_symmetry_2 
_ndb_struct_na_base_pair_step.shift 
_ndb_struct_na_base_pair_step.slide 
_ndb_struct_na_base_pair_step.rise 
_ndb_struct_na_base_pair_step.tilt 
_ndb_struct_na_base_pair_step.roll 
_ndb_struct_na_base_pair_step.twist 
_ndb_struct_na_base_pair_step.x_displacement 
_ndb_struct_na_base_pair_step.y_displacement 
_ndb_struct_na_base_pair_step.helical_rise 
_ndb_struct_na_base_pair_step.inclination 
_ndb_struct_na_base_pair_step.tip 
_ndb_struct_na_base_pair_step.helical_twist 
_ndb_struct_na_base_pair_step.step_number 
_ndb_struct_na_base_pair_step.step_name 
_ndb_struct_na_base_pair_step.i_auth_asym_id_1 
_ndb_struct_na_base_pair_step.i_auth_seq_id_1 
_ndb_struct_na_base_pair_step.i_PDB_ins_code_1 
_ndb_struct_na_base_pair_step.j_auth_asym_id_1 
_ndb_struct_na_base_pair_step.j_auth_seq_id_1 
_ndb_struct_na_base_pair_step.j_PDB_ins_code_1 
_ndb_struct_na_base_pair_step.i_auth_asym_id_2 
_ndb_struct_na_base_pair_step.i_auth_seq_id_2 
_ndb_struct_na_base_pair_step.i_PDB_ins_code_2 
_ndb_struct_na_base_pair_step.j_auth_asym_id_2 
_ndb_struct_na_base_pair_step.j_auth_seq_id_2 
_ndb_struct_na_base_pair_step.j_PDB_ins_code_2 
1 A DA 1 1_555 B DT 7 1_555 A DG 2 1_555 B DC 6 1_555 -0.091 0.392 3.084 -4.375 5.875 27.704 -0.480 -0.763 3.078 12.005 8.939   
28.638 1 AA_DA1DG2:DC6DT7_BB A 1 ? B 7 ? A 2 ? B 6 ? 
1 A DC 3 1_555 B DG 5 1_555 A DA 4 1_555 B DG 4 1_555 0.327  1.699 2.932 3.189  0.800 7.652  9.666  5.865  2.982 5.665  -22.576 
8.327  2 AA_DC3DA4:DG4DG5_BB A 3 ? B 5 ? A 4 ? B 4 ? 
1 A DC 5 1_555 B DG 3 1_555 A DG 6 1_555 B DC 2 1_555 0.207  1.834 2.401 1.444  2.423 4.633  5.826  5.897  2.925 26.927 -16.050 
5.423  3 AA_DC5DG6:DC2DG3_BB A 5 ? B 3 ? A 6 ? B 2 ? 
1 A DG 6 1_555 B DC 2 1_555 A DT 7 1_555 B DA 1 1_555 0.458  0.012 7.149 -8.553 6.452 63.911 -0.582 -1.214 7.017 6.050  8.020   
64.709 4 AA_DG6DT7:DA1DC2_BB A 6 ? B 2 ? A 7 ? B 1 ? 
# 
loop_
_pdbx_audit_support.funding_organization 
_pdbx_audit_support.country 
_pdbx_audit_support.grant_number 
_pdbx_audit_support.ordinal 
'Ministry of Science and Technology (MoST, Taiwan)' Taiwan 109-2628-M-005-001-MY4 1 
'Ministry of Science and Technology (MoST, Taiwan)' Taiwan 109-2311-B-005-007-MY3 2 
# 
_pdbx_initial_refinement_model.id               1 
_pdbx_initial_refinement_model.entity_id_list   ? 
_pdbx_initial_refinement_model.type             'experimental model' 
_pdbx_initial_refinement_model.source_name      PDB 
_pdbx_initial_refinement_model.accession_code   7DQ0 
_pdbx_initial_refinement_model.details          ? 
# 
_atom_sites.entry_id                    7X6R 
_atom_sites.Cartn_transf_matrix[1][1]   ? 
_atom_sites.Cartn_transf_matrix[1][2]   ? 
_atom_sites.Cartn_transf_matrix[1][3]   ? 
_atom_sites.Cartn_transf_matrix[2][1]   ? 
_atom_sites.Cartn_transf_matrix[2][2]   ? 
_atom_sites.Cartn_transf_matrix[2][3]   ? 
_atom_sites.Cartn_transf_matrix[3][1]   ? 
_atom_sites.Cartn_transf_matrix[3][2]   ? 
_atom_sites.Cartn_transf_matrix[3][3]   ? 
_atom_sites.Cartn_transf_vector[1]      ? 
_atom_sites.Cartn_transf_vector[2]      ? 
_atom_sites.Cartn_transf_vector[3]      ? 
_atom_sites.fract_transf_matrix[1][1]   -0.01021060 
_atom_sites.fract_transf_matrix[1][2]   0.01169721 
_atom_sites.fract_transf_matrix[1][3]   -0.01715072 
_atom_sites.fract_transf_matrix[2][1]   -0.00139740 
_atom_sites.fract_transf_matrix[2][2]   -0.01945685 
_atom_sites.fract_transf_matrix[2][3]   -0.01243811 
_atom_sites.fract_transf_matrix[3][1]   -0.01359872 
_atom_sites.fract_transf_matrix[3][2]   -0.00292396 
_atom_sites.fract_transf_matrix[3][3]   0.00610172 
_atom_sites.fract_transf_vector[1]      1.290797 
_atom_sites.fract_transf_vector[2]      1.206166 
_atom_sites.fract_transf_vector[3]      1.257664 
_atom_sites.solution_primary            ? 
_atom_sites.solution_secondary          ? 
_atom_sites.solution_hydrogens          ? 
_atom_sites.special_details             ? 
# 
loop_
_atom_type.symbol 
C  
CO 
N  
O  
P  
S  
# 
loop_
_atom_site.group_PDB 
_atom_site.id 
_atom_site.type_symbol 
_atom_site.label_atom_id 
_atom_site.label_alt_id 
_atom_site.label_comp_id 
_atom_site.label_asym_id 
_atom_site.label_entity_id 
_atom_site.label_seq_id 
_atom_site.pdbx_PDB_ins_code 
_atom_site.Cartn_x 
_atom_site.Cartn_y 
_atom_site.Cartn_z 
_atom_site.occupancy 
_atom_site.B_iso_or_equiv 
_atom_site.pdbx_formal_charge 
_atom_site.auth_seq_id 
_atom_site.auth_comp_id 
_atom_site.auth_asym_id 
_atom_site.auth_atom_id 
_atom_site.pdbx_PDB_model_num 
ATOM   1   P  P     . DA  A 1 1  ? -20.454 -0.138  0.440   1.00 140.20 ? 1   DA  A P     1 
ATOM   2   O  OP1   . DA  A 1 1  ? -21.631 0.772   0.365   1.00 149.05 ? 1   DA  A OP1   1 
ATOM   3   O  OP2   . DA  A 1 1  ? -19.578 -0.314  -0.750  1.00 138.11 ? 1   DA  A OP2   1 
ATOM   4   O  "O5'" . DA  A 1 1  ? -19.548 0.216   1.730   1.00 118.58 ? 1   DA  A "O5'" 1 
ATOM   5   C  "C5'" . DA  A 1 1  ? -18.405 1.080   1.601   1.00 91.75  ? 1   DA  A "C5'" 1 
ATOM   6   C  "C4'" . DA  A 1 1  ? -17.734 1.313   2.947   1.00 74.08  ? 1   DA  A "C4'" 1 
ATOM   7   O  "O4'" . DA  A 1 1  ? -17.077 0.098   3.373   1.00 60.42  ? 1   DA  A "O4'" 1 
ATOM   8   C  "C3'" . DA  A 1 1  ? -16.605 2.321   2.921   1.00 53.31  ? 1   DA  A "C3'" 1 
ATOM   9   O  "O3'" . DA  A 1 1  ? -16.263 2.697   4.263   1.00 71.04  ? 1   DA  A "O3'" 1 
ATOM   10  C  "C2'" . DA  A 1 1  ? -15.499 1.488   2.281   1.00 62.68  ? 1   DA  A "C2'" 1 
ATOM   11  C  "C1'" . DA  A 1 1  ? -15.711 0.138   2.967   1.00 56.51  ? 1   DA  A "C1'" 1 
ATOM   12  N  N9    . DA  A 1 1  ? -15.470 -1.019  2.108   1.00 61.29  ? 1   DA  A N9    1 
ATOM   13  C  C8    . DA  A 1 1  ? -15.875 -1.191  0.813   1.00 63.99  ? 1   DA  A C8    1 
ATOM   14  N  N7    . DA  A 1 1  ? -15.540 -2.352  0.303   1.00 58.62  ? 1   DA  A N7    1 
ATOM   15  C  C5    . DA  A 1 1  ? -14.886 -2.991  1.344   1.00 58.26  ? 1   DA  A C5    1 
ATOM   16  C  C6    . DA  A 1 1  ? -14.295 -4.258  1.453   1.00 50.81  ? 1   DA  A C6    1 
ATOM   17  N  N6    . DA  A 1 1  ? -14.256 -5.134  0.448   1.00 60.10  ? 1   DA  A N6    1 
ATOM   18  N  N1    . DA  A 1 1  ? -13.714 -4.580  2.627   1.00 46.60  ? 1   DA  A N1    1 
ATOM   19  C  C2    . DA  A 1 1  ? -13.739 -3.695  3.624   1.00 52.03  ? 1   DA  A C2    1 
ATOM   20  N  N3    . DA  A 1 1  ? -14.282 -2.480  3.646   1.00 60.14  ? 1   DA  A N3    1 
ATOM   21  C  C4    . DA  A 1 1  ? -14.843 -2.186  2.463   1.00 63.34  ? 1   DA  A C4    1 
ATOM   22  P  P     . DG  A 1 2  ? -15.432 4.057   4.579   1.00 75.39  ? 2   DG  A P     1 
ATOM   23  O  OP1   . DG  A 1 2  ? -15.698 4.450   5.979   1.00 80.49  ? 2   DG  A OP1   1 
ATOM   24  O  OP2   . DG  A 1 2  ? -15.679 4.999   3.474   1.00 76.47  ? 2   DG  A OP2   1 
ATOM   25  O  "O5'" . DG  A 1 2  ? -13.919 3.576   4.506   1.00 62.26  ? 2   DG  A "O5'" 1 
ATOM   26  C  "C5'" . DG  A 1 2  ? -13.270 3.052   5.675   1.00 50.62  ? 2   DG  A "C5'" 1 
ATOM   27  C  "C4'" . DG  A 1 2  ? -11.850 2.647   5.358   1.00 58.46  ? 2   DG  A "C4'" 1 
ATOM   28  O  "O4'" . DG  A 1 2  ? -11.843 1.421   4.595   1.00 44.69  ? 2   DG  A "O4'" 1 
ATOM   29  C  "C3'" . DG  A 1 2  ? -11.061 3.667   4.536   1.00 55.26  ? 2   DG  A "C3'" 1 
ATOM   30  O  "O3'" . DG  A 1 2  ? -9.801  3.905   5.163   1.00 72.25  ? 2   DG  A "O3'" 1 
ATOM   31  C  "C2'" . DG  A 1 2  ? -10.872 2.991   3.191   1.00 49.89  ? 2   DG  A "C2'" 1 
ATOM   32  C  "C1'" . DG  A 1 2  ? -10.888 1.524   3.560   1.00 47.22  ? 2   DG  A "C1'" 1 
ATOM   33  N  N9    . DG  A 1 2  ? -11.307 0.638   2.481   1.00 50.60  ? 2   DG  A N9    1 
ATOM   34  C  C8    . DG  A 1 2  ? -12.159 0.943   1.449   1.00 53.84  ? 2   DG  A C8    1 
ATOM   35  N  N7    . DG  A 1 2  ? -12.361 -0.058  0.637   1.00 54.53  ? 2   DG  A N7    1 
ATOM   36  C  C5    . DG  A 1 2  ? -11.597 -1.088  1.166   1.00 51.16  ? 2   DG  A C5    1 
ATOM   37  C  C6    . DG  A 1 2  ? -11.417 -2.423  0.715   1.00 50.20  ? 2   DG  A C6    1 
ATOM   38  O  O6    . DG  A 1 2  ? -11.908 -2.973  -0.274  1.00 57.17  ? 2   DG  A O6    1 
ATOM   39  N  N1    . DG  A 1 2  ? -10.555 -3.132  1.543   1.00 48.85  ? 2   DG  A N1    1 
ATOM   40  C  C2    . DG  A 1 2  ? -9.948  -2.624  2.665   1.00 45.64  ? 2   DG  A C2    1 
ATOM   41  N  N2    . DG  A 1 2  ? -9.154  -3.469  3.336   1.00 38.59  ? 2   DG  A N2    1 
ATOM   42  N  N3    . DG  A 1 2  ? -10.106 -1.381  3.095   1.00 38.46  ? 2   DG  A N3    1 
ATOM   43  C  C4    . DG  A 1 2  ? -10.938 -0.673  2.303   1.00 52.67  ? 2   DG  A C4    1 
ATOM   44  P  P     . DC  A 1 3  ? -9.233  5.385   5.264   1.00 68.66  ? 3   DC  A P     1 
ATOM   45  O  OP1   . DC  A 1 3  ? -8.666  5.551   6.614   1.00 75.25  ? 3   DC  A OP1   1 
ATOM   46  O  OP2   . DC  A 1 3  ? -10.272 6.312   4.784   1.00 70.19  ? 3   DC  A OP2   1 
ATOM   47  O  "O5'" . DC  A 1 3  ? -8.028  5.377   4.225   1.00 61.37  ? 3   DC  A "O5'" 1 
ATOM   48  C  "C5'" . DC  A 1 3  ? -6.706  5.050   4.676   1.00 61.55  ? 3   DC  A "C5'" 1 
ATOM   49  C  "C4'" . DC  A 1 3  ? -5.673  5.319   3.607   1.00 62.46  ? 3   DC  A "C4'" 1 
ATOM   50  O  "O4'" . DC  A 1 3  ? -5.844  4.399   2.519   1.00 57.15  ? 3   DC  A "O4'" 1 
ATOM   51  C  "C3'" . DC  A 1 3  ? -5.723  6.701   2.965   1.00 59.41  ? 3   DC  A "C3'" 1 
ATOM   52  O  "O3'" . DC  A 1 3  ? -4.815  7.580   3.633   1.00 55.39  ? 3   DC  A "O3'" 1 
ATOM   53  C  "C2'" . DC  A 1 3  ? -5.274  6.448   1.531   1.00 50.78  ? 3   DC  A "C2'" 1 
ATOM   54  C  "C1'" . DC  A 1 3  ? -5.170  4.930   1.402   1.00 45.50  ? 3   DC  A "C1'" 1 
ATOM   55  N  N1    . DC  A 1 3  ? -5.802  4.379   0.202   1.00 33.74  ? 3   DC  A N1    1 
ATOM   56  C  C2    . DC  A 1 3  ? -5.258  3.237   -0.384  1.00 34.71  ? 3   DC  A C2    1 
ATOM   57  O  O2    . DC  A 1 3  ? -4.247  2.729   0.119   1.00 39.75  ? 3   DC  A O2    1 
ATOM   58  N  N3    . DC  A 1 3  ? -5.845  2.714   -1.483  1.00 34.35  ? 3   DC  A N3    1 
ATOM   59  C  C4    . DC  A 1 3  ? -6.936  3.289   -1.992  1.00 32.91  ? 3   DC  A C4    1 
ATOM   60  N  N4    . DC  A 1 3  ? -7.480  2.742   -3.079  1.00 35.08  ? 3   DC  A N4    1 
ATOM   61  C  C5    . DC  A 1 3  ? -7.514  4.453   -1.411  1.00 41.46  ? 3   DC  A C5    1 
ATOM   62  C  C6    . DC  A 1 3  ? -6.925  4.955   -0.320  1.00 41.57  ? 3   DC  A C6    1 
ATOM   63  P  P     . DA  A 1 4  ? -5.146  9.114   3.794   1.00 56.15  ? 4   DA  A P     1 
ATOM   64  O  OP1   . DA  A 1 4  ? -4.043  9.724   4.543   1.00 68.20  ? 4   DA  A OP1   1 
ATOM   65  O  OP2   . DA  A 1 4  ? -6.528  9.240   4.286   1.00 78.60  ? 4   DA  A OP2   1 
ATOM   66  O  "O5'" . DA  A 1 4  ? -5.109  9.652   2.301   1.00 64.34  ? 4   DA  A "O5'" 1 
ATOM   67  C  "C5'" . DA  A 1 4  ? -4.019  10.470  1.853   1.00 61.62  ? 4   DA  A "C5'" 1 
ATOM   68  C  "C4'" . DA  A 1 4  ? -2.703  9.780   2.120   1.00 60.01  ? 4   DA  A "C4'" 1 
ATOM   69  O  "O4'" . DA  A 1 4  ? -2.722  8.472   1.515   1.00 53.77  ? 4   DA  A "O4'" 1 
ATOM   70  C  "C3'" . DA  A 1 4  ? -1.501  10.473  1.496   1.00 48.23  ? 4   DA  A "C3'" 1 
ATOM   71  O  "O3'" . DA  A 1 4  ? -0.305  10.035  2.131   1.00 49.91  ? 4   DA  A "O3'" 1 
ATOM   72  C  "C2'" . DA  A 1 4  ? -1.508  9.920   0.086   1.00 40.49  ? 4   DA  A "C2'" 1 
ATOM   73  C  "C1'" . DA  A 1 4  ? -1.999  8.493   0.290   1.00 43.08  ? 4   DA  A "C1'" 1 
ATOM   74  N  N9    . DA  A 1 4  ? -2.898  8.025   -0.760  1.00 39.54  ? 4   DA  A N9    1 
ATOM   75  C  C8    . DA  A 1 4  ? -3.908  8.719   -1.374  1.00 33.95  ? 4   DA  A C8    1 
ATOM   76  N  N7    . DA  A 1 4  ? -4.552  8.024   -2.277  1.00 36.02  ? 4   DA  A N7    1 
ATOM   77  C  C5    . DA  A 1 4  ? -3.931  6.784   -2.246  1.00 32.02  ? 4   DA  A C5    1 
ATOM   78  C  C6    . DA  A 1 4  ? -4.151  5.600   -2.967  1.00 37.57  ? 4   DA  A C6    1 
ATOM   79  N  N6    . DA  A 1 4  ? -5.100  5.463   -3.893  1.00 33.75  ? 4   DA  A N6    1 
ATOM   80  N  N1    . DA  A 1 4  ? -3.355  4.544   -2.695  1.00 35.17  ? 4   DA  A N1    1 
ATOM   81  C  C2    . DA  A 1 4  ? -2.408  4.680   -1.763  1.00 33.15  ? 4   DA  A C2    1 
ATOM   82  N  N3    . DA  A 1 4  ? -2.101  5.740   -1.023  1.00 37.70  ? 4   DA  A N3    1 
ATOM   83  C  C4    . DA  A 1 4  ? -2.912  6.771   -1.316  1.00 31.74  ? 4   DA  A C4    1 
ATOM   84  P  P     . DC  A 1 5  ? 1.047   10.787  1.832   1.00 47.87  ? 5   DC  A P     1 
ATOM   85  O  OP1   . DC  A 1 5  ? 1.833   10.821  3.074   1.00 54.72  ? 5   DC  A OP1   1 
ATOM   86  O  OP2   . DC  A 1 5  ? 0.715   12.049  1.150   1.00 40.88  ? 5   DC  A OP2   1 
ATOM   87  O  "O5'" . DC  A 1 5  ? 1.779   9.802   0.823   1.00 41.52  ? 5   DC  A "O5'" 1 
ATOM   88  C  "C5'" . DC  A 1 5  ? 2.617   8.750   1.315   1.00 37.59  ? 5   DC  A "C5'" 1 
ATOM   89  C  "C4'" . DC  A 1 5  ? 3.626   8.352   0.264   1.00 37.07  ? 5   DC  A "C4'" 1 
ATOM   90  O  "O4'" . DC  A 1 5  ? 2.939   8.094   -0.973  1.00 33.97  ? 5   DC  A "O4'" 1 
ATOM   91  C  "C3'" . DC  A 1 5  ? 4.652   9.430   -0.069  1.00 37.23  ? 5   DC  A "C3'" 1 
ATOM   92  O  "O3'" . DC  A 1 5  ? 5.836   9.298   0.734   1.00 54.70  ? 5   DC  A "O3'" 1 
ATOM   93  C  "C2'" . DC  A 1 5  ? 4.936   9.204   -1.546  1.00 34.86  ? 5   DC  A "C2'" 1 
ATOM   94  C  "C1'" . DC  A 1 5  ? 3.843   8.265   -2.046  1.00 33.32  ? 5   DC  A "C1'" 1 
ATOM   95  N  N1    . DC  A 1 5  ? 3.085   8.787   -3.195  1.00 37.99  ? 5   DC  A N1    1 
ATOM   96  C  C2    . DC  A 1 5  ? 2.896   7.974   -4.316  1.00 28.53  ? 5   DC  A C2    1 
ATOM   97  O  O2    . DC  A 1 5  ? 3.368   6.829   -4.312  1.00 33.04  ? 5   DC  A O2    1 
ATOM   98  N  N3    . DC  A 1 5  ? 2.200   8.453   -5.370  1.00 28.39  ? 5   DC  A N3    1 
ATOM   99  C  C4    . DC  A 1 5  ? 1.705   9.692   -5.334  1.00 34.80  ? 5   DC  A C4    1 
ATOM   100 N  N4    . DC  A 1 5  ? 1.026   10.125  -6.396  1.00 34.69  ? 5   DC  A N4    1 
ATOM   101 C  C5    . DC  A 1 5  ? 1.889   10.544  -4.208  1.00 31.79  ? 5   DC  A C5    1 
ATOM   102 C  C6    . DC  A 1 5  ? 2.580   10.057  -3.172  1.00 35.67  ? 5   DC  A C6    1 
ATOM   103 P  P     . DG  A 1 6  ? 6.737   10.576  1.078   1.00 48.61  ? 6   DG  A P     1 
ATOM   104 O  OP1   . DG  A 1 6  ? 7.306   10.388  2.422   1.00 53.74  ? 6   DG  A OP1   1 
ATOM   105 O  OP2   . DG  A 1 6  ? 5.945   11.782  0.775   1.00 47.70  ? 6   DG  A OP2   1 
ATOM   106 O  "O5'" . DG  A 1 6  ? 7.894   10.492  -0.011  1.00 56.20  ? 6   DG  A "O5'" 1 
ATOM   107 C  "C5'" . DG  A 1 6  ? 8.578   9.256   -0.250  1.00 52.53  ? 6   DG  A "C5'" 1 
ATOM   108 C  "C4'" . DG  A 1 6  ? 9.047   9.142   -1.684  1.00 43.84  ? 6   DG  A "C4'" 1 
ATOM   109 O  "O4'" . DG  A 1 6  ? 7.961   9.309   -2.620  1.00 38.75  ? 6   DG  A "O4'" 1 
ATOM   110 C  "C3'" . DG  A 1 6  ? 10.135  10.126  -2.121  1.00 44.95  ? 6   DG  A "C3'" 1 
ATOM   111 O  "O3'" . DG  A 1 6  ? 11.205  9.358   -2.656  1.00 60.91  ? 6   DG  A "O3'" 1 
ATOM   112 C  "C2'" . DG  A 1 6  ? 9.516   10.873  -3.289  1.00 31.25  ? 6   DG  A "C2'" 1 
ATOM   113 C  "C1'" . DG  A 1 6  ? 8.498   9.880   -3.789  1.00 29.92  ? 6   DG  A "C1'" 1 
ATOM   114 N  N9    . DG  A 1 6  ? 7.401   10.455  -4.558  1.00 30.18  ? 6   DG  A N9    1 
ATOM   115 C  C8    . DG  A 1 6  ? 7.030   11.775  -4.618  1.00 32.62  ? 6   DG  A C8    1 
ATOM   116 N  N7    . DG  A 1 6  ? 6.020   11.989  -5.415  1.00 25.26  ? 6   DG  A N7    1 
ATOM   117 C  C5    . DG  A 1 6  ? 5.706   10.733  -5.913  1.00 29.42  ? 6   DG  A C5    1 
ATOM   118 C  C6    . DG  A 1 6  ? 4.691   10.333  -6.827  1.00 24.23  ? 6   DG  A C6    1 
ATOM   119 O  O6    . DG  A 1 6  ? 3.842   11.030  -7.388  1.00 32.87  ? 6   DG  A O6    1 
ATOM   120 N  N1    . DG  A 1 6  ? 4.725   8.961   -7.061  1.00 30.90  ? 6   DG  A N1    1 
ATOM   121 C  C2    . DG  A 1 6  ? 5.619   8.088   -6.491  1.00 33.96  ? 6   DG  A C2    1 
ATOM   122 N  N2    . DG  A 1 6  ? 5.490   6.803   -6.843  1.00 30.38  ? 6   DG  A N2    1 
ATOM   123 N  N3    . DG  A 1 6  ? 6.567   8.448   -5.639  1.00 34.02  ? 6   DG  A N3    1 
ATOM   124 C  C4    . DG  A 1 6  ? 6.554   9.776   -5.398  1.00 34.31  ? 6   DG  A C4    1 
ATOM   125 P  P     . DT  A 1 7  ? 12.572  9.270   -1.882  1.00 70.21  ? 7   DT  A P     1 
ATOM   126 O  OP1   . DT  A 1 7  ? 12.355  8.433   -0.685  1.00 71.19  ? 7   DT  A OP1   1 
ATOM   127 O  OP2   . DT  A 1 7  ? 13.100  10.642  -1.733  1.00 54.37  ? 7   DT  A OP2   1 
ATOM   128 O  "O5'" . DT  A 1 7  ? 13.484  8.475   -2.906  1.00 64.65  ? 7   DT  A "O5'" 1 
ATOM   129 C  "C5'" . DT  A 1 7  ? 13.080  7.186   -3.374  1.00 63.09  ? 7   DT  A "C5'" 1 
ATOM   130 C  "C4'" . DT  A 1 7  ? 13.753  6.894   -4.692  1.00 62.15  ? 7   DT  A "C4'" 1 
ATOM   131 O  "O4'" . DT  A 1 7  ? 12.975  7.487   -5.757  1.00 53.94  ? 7   DT  A "O4'" 1 
ATOM   132 C  "C3'" . DT  A 1 7  ? 15.153  7.490   -4.820  1.00 59.93  ? 7   DT  A "C3'" 1 
ATOM   133 O  "O3'" . DT  A 1 7  ? 15.945  6.634   -5.642  1.00 73.38  ? 7   DT  A "O3'" 1 
ATOM   134 C  "C2'" . DT  A 1 7  ? 14.901  8.794   -5.551  1.00 59.25  ? 7   DT  A "C2'" 1 
ATOM   135 C  "C1'" . DT  A 1 7  ? 13.784  8.390   -6.489  1.00 58.41  ? 7   DT  A "C1'" 1 
ATOM   136 N  N1    . DT  A 1 7  ? 12.932  9.490   -6.943  1.00 52.42  ? 7   DT  A N1    1 
ATOM   137 C  C2    . DT  A 1 7  ? 12.321  9.361   -8.165  1.00 49.88  ? 7   DT  A C2    1 
ATOM   138 O  O2    . DT  A 1 7  ? 12.453  8.378   -8.872  1.00 43.03  ? 7   DT  A O2    1 
ATOM   139 N  N3    . DT  A 1 7  ? 11.544  10.431  -8.532  1.00 47.61  ? 7   DT  A N3    1 
ATOM   140 C  C4    . DT  A 1 7  ? 11.325  11.588  -7.812  1.00 41.41  ? 7   DT  A C4    1 
ATOM   141 O  O4    . DT  A 1 7  ? 10.600  12.464  -8.269  1.00 43.85  ? 7   DT  A O4    1 
ATOM   142 C  C5    . DT  A 1 7  ? 12.000  11.657  -6.538  1.00 41.27  ? 7   DT  A C5    1 
ATOM   143 C  C7    . DT  A 1 7  ? 11.820  12.873  -5.687  1.00 51.07  ? 7   DT  A C7    1 
ATOM   144 C  C6    . DT  A 1 7  ? 12.760  10.618  -6.173  1.00 39.87  ? 7   DT  A C6    1 
ATOM   145 P  P     . DA  B 2 1  ? 6.764   11.208  -18.047 1.00 138.71 ? 1   DA  B P     1 
ATOM   146 O  OP1   . DA  B 2 1  ? 7.724   12.028  -18.829 1.00 137.55 ? 1   DA  B OP1   1 
ATOM   147 O  OP2   . DA  B 2 1  ? 5.432   10.901  -18.624 1.00 149.04 ? 1   DA  B OP2   1 
ATOM   148 O  "O5'" . DA  B 2 1  ? 7.463   9.847   -17.586 1.00 114.58 ? 1   DA  B "O5'" 1 
ATOM   149 C  "C5'" . DA  B 2 1  ? 8.180   9.751   -16.337 1.00 80.72  ? 1   DA  B "C5'" 1 
ATOM   150 C  "C4'" . DA  B 2 1  ? 8.671   8.341   -16.099 1.00 61.16  ? 1   DA  B "C4'" 1 
ATOM   151 O  "O4'" . DA  B 2 1  ? 9.661   8.370   -15.049 1.00 52.04  ? 1   DA  B "O4'" 1 
ATOM   152 C  "C3'" . DA  B 2 1  ? 7.603   7.378   -15.594 1.00 55.06  ? 1   DA  B "C3'" 1 
ATOM   153 O  "O3'" . DA  B 2 1  ? 7.971   6.017   -15.841 1.00 58.66  ? 1   DA  B "O3'" 1 
ATOM   154 C  "C2'" . DA  B 2 1  ? 7.617   7.648   -14.103 1.00 54.13  ? 1   DA  B "C2'" 1 
ATOM   155 C  "C1'" . DA  B 2 1  ? 9.085   7.932   -13.824 1.00 49.90  ? 1   DA  B "C1'" 1 
ATOM   156 N  N9    . DA  B 2 1  ? 9.290   8.980   -12.831 1.00 44.09  ? 1   DA  B N9    1 
ATOM   157 C  C8    . DA  B 2 1  ? 10.038  8.919   -11.684 1.00 46.15  ? 1   DA  B C8    1 
ATOM   158 N  N7    . DA  B 2 1  ? 10.025  10.027  -10.986 1.00 46.54  ? 1   DA  B N7    1 
ATOM   159 C  C5    . DA  B 2 1  ? 9.214   10.876  -11.722 1.00 42.61  ? 1   DA  B C5    1 
ATOM   160 C  C6    . DA  B 2 1  ? 8.803   12.202  -11.519 1.00 39.56  ? 1   DA  B C6    1 
ATOM   161 N  N6    . DA  B 2 1  ? 9.170   12.938  -10.470 1.00 42.17  ? 1   DA  B N6    1 
ATOM   162 N  N1    . DA  B 2 1  ? 7.989   12.755  -12.443 1.00 39.34  ? 1   DA  B N1    1 
ATOM   163 C  C2    . DA  B 2 1  ? 7.621   12.016  -13.496 1.00 45.79  ? 1   DA  B C2    1 
ATOM   164 N  N3    . DA  B 2 1  ? 7.939   10.761  -13.797 1.00 50.86  ? 1   DA  B N3    1 
ATOM   165 C  C4    . DA  B 2 1  ? 8.750   10.242  -12.859 1.00 45.45  ? 1   DA  B C4    1 
ATOM   166 P  P     . DC  B 2 2  ? 6.848   4.884   -16.083 1.00 58.26  ? 2   DC  B P     1 
ATOM   167 O  OP1   . DC  B 2 2  ? 7.512   3.574   -16.074 1.00 64.57  ? 2   DC  B OP1   1 
ATOM   168 O  OP2   . DC  B 2 2  ? 6.016   5.283   -17.228 1.00 64.68  ? 2   DC  B OP2   1 
ATOM   169 O  "O5'" . DC  B 2 2  ? 5.947   4.983   -14.780 1.00 63.65  ? 2   DC  B "O5'" 1 
ATOM   170 C  "C5'" . DC  B 2 2  ? 4.516   4.963   -14.861 1.00 54.21  ? 2   DC  B "C5'" 1 
ATOM   171 C  "C4'" . DC  B 2 2  ? 3.949   4.468   -13.552 1.00 51.12  ? 2   DC  B "C4'" 1 
ATOM   172 O  "O4'" . DC  B 2 2  ? 4.140   5.465   -12.534 1.00 47.27  ? 2   DC  B "O4'" 1 
ATOM   173 C  "C3'" . DC  B 2 2  ? 2.449   4.199   -13.563 1.00 51.30  ? 2   DC  B "C3'" 1 
ATOM   174 O  "O3'" . DC  B 2 2  ? 2.237   2.815   -13.845 1.00 68.99  ? 2   DC  B "O3'" 1 
ATOM   175 C  "C2'" . DC  B 2 2  ? 2.018   4.518   -12.139 1.00 40.88  ? 2   DC  B "C2'" 1 
ATOM   176 C  "C1'" . DC  B 2 2  ? 3.193   5.252   -11.506 1.00 46.76  ? 2   DC  B "C1'" 1 
ATOM   177 N  N1    . DC  B 2 2  ? 2.836   6.559   -10.948 1.00 41.84  ? 2   DC  B N1    1 
ATOM   178 C  C2    . DC  B 2 2  ? 3.353   6.926   -9.707  1.00 37.78  ? 2   DC  B C2    1 
ATOM   179 O  O2    . DC  B 2 2  ? 4.097   6.136   -9.112  1.00 37.57  ? 2   DC  B O2    1 
ATOM   180 N  N3    . DC  B 2 2  ? 3.030   8.130   -9.187  1.00 35.63  ? 2   DC  B N3    1 
ATOM   181 C  C4    . DC  B 2 2  ? 2.237   8.958   -9.867  1.00 34.97  ? 2   DC  B C4    1 
ATOM   182 N  N4    . DC  B 2 2  ? 1.936   10.131  -9.312  1.00 34.71  ? 2   DC  B N4    1 
ATOM   183 C  C5    . DC  B 2 2  ? 1.686   8.603   -11.131 1.00 38.52  ? 2   DC  B C5    1 
ATOM   184 C  C6    . DC  B 2 2  ? 2.010   7.406   -11.631 1.00 38.08  ? 2   DC  B C6    1 
ATOM   185 P  P     . DG  B 2 3  ? 0.902   2.306   -14.562 1.00 63.50  ? 3   DG  B P     1 
ATOM   186 O  OP1   . DG  B 2 3  ? 1.031   0.855   -14.771 1.00 64.64  ? 3   DG  B OP1   1 
ATOM   187 O  OP2   . DG  B 2 3  ? 0.615   3.201   -15.695 1.00 76.09  ? 3   DG  B OP2   1 
ATOM   188 O  "O5'" . DG  B 2 3  ? -0.214  2.625   -13.479 1.00 73.55  ? 3   DG  B "O5'" 1 
ATOM   189 C  "C5'" . DG  B 2 3  ? -1.087  1.599   -12.978 1.00 66.70  ? 3   DG  B "C5'" 1 
ATOM   190 C  "C4'" . DG  B 2 3  ? -0.682  1.181   -11.584 1.00 46.86  ? 3   DG  B "C4'" 1 
ATOM   191 O  "O4'" . DG  B 2 3  ? -0.139  2.313   -10.863 1.00 35.53  ? 3   DG  B "O4'" 1 
ATOM   192 C  "C3'" . DG  B 2 3  ? -1.839  0.664   -10.730 1.00 37.63  ? 3   DG  B "C3'" 1 
ATOM   193 O  "O3'" . DG  B 2 3  ? -1.361  -0.299  -9.794  1.00 42.42  ? 3   DG  B "O3'" 1 
ATOM   194 C  "C2'" . DG  B 2 3  ? -2.260  1.900   -9.963  1.00 33.43  ? 3   DG  B "C2'" 1 
ATOM   195 C  "C1'" . DG  B 2 3  ? -0.918  2.559   -9.707  1.00 39.18  ? 3   DG  B "C1'" 1 
ATOM   196 N  N9    . DG  B 2 3  ? -0.995  4.001   -9.511  1.00 42.41  ? 3   DG  B N9    1 
ATOM   197 C  C8    . DG  B 2 3  ? -1.894  4.868   -10.081 1.00 41.82  ? 3   DG  B C8    1 
ATOM   198 N  N7    . DG  B 2 3  ? -1.736  6.102   -9.686  1.00 50.72  ? 3   DG  B N7    1 
ATOM   199 C  C5    . DG  B 2 3  ? -0.667  6.044   -8.804  1.00 43.61  ? 3   DG  B C5    1 
ATOM   200 C  C6    . DG  B 2 3  ? -0.033  7.075   -8.059  1.00 39.90  ? 3   DG  B C6    1 
ATOM   201 O  O6    . DG  B 2 3  ? -0.304  8.280   -8.028  1.00 40.60  ? 3   DG  B O6    1 
ATOM   202 N  N1    . DG  B 2 3  ? 1.008   6.579   -7.281  1.00 35.40  ? 3   DG  B N1    1 
ATOM   203 C  C2    . DG  B 2 3  ? 1.390   5.262   -7.227  1.00 31.82  ? 3   DG  B C2    1 
ATOM   204 N  N2    . DG  B 2 3  ? 2.420   4.981   -6.421  1.00 32.01  ? 3   DG  B N2    1 
ATOM   205 N  N3    . DG  B 2 3  ? 0.807   4.292   -7.913  1.00 36.82  ? 3   DG  B N3    1 
ATOM   206 C  C4    . DG  B 2 3  ? -0.206  4.752   -8.677  1.00 40.53  ? 3   DG  B C4    1 
ATOM   207 P  P     . DG  B 2 4  ? -1.961  -1.769  -9.769  1.00 45.91  ? 4   DG  B P     1 
ATOM   208 O  OP1   . DG  B 2 4  ? -1.174  -2.587  -10.703 1.00 50.36  ? 4   DG  B OP1   1 
ATOM   209 O  OP2   . DG  B 2 4  ? -3.421  -1.676  -9.930  1.00 37.63  ? 4   DG  B OP2   1 
ATOM   210 O  "O5'" . DG  B 2 4  ? -1.589  -2.265  -8.308  1.00 36.00  ? 4   DG  B "O5'" 1 
ATOM   211 C  "C5'" . DG  B 2 4  ? -0.225  -2.233  -7.874  1.00 44.18  ? 4   DG  B "C5'" 1 
ATOM   212 C  "C4'" . DG  B 2 4  ? -0.066  -2.985  -6.575  1.00 45.49  ? 4   DG  B "C4'" 1 
ATOM   213 O  "O4'" . DG  B 2 4  ? -0.571  -2.179  -5.496  1.00 39.06  ? 4   DG  B "O4'" 1 
ATOM   214 C  "C3'" . DG  B 2 4  ? -0.849  -4.287  -6.490  1.00 43.27  ? 4   DG  B "C3'" 1 
ATOM   215 O  "O3'" . DG  B 2 4  ? -0.197  -5.165  -5.573  1.00 41.08  ? 4   DG  B "O3'" 1 
ATOM   216 C  "C2'" . DG  B 2 4  ? -2.204  -3.828  -5.984  1.00 49.34  ? 4   DG  B "C2'" 1 
ATOM   217 C  "C1'" . DG  B 2 4  ? -1.889  -2.580  -5.163  1.00 46.14  ? 4   DG  B "C1'" 1 
ATOM   218 N  N9    . DG  B 2 4  ? -2.769  -1.450  -5.425  1.00 35.53  ? 4   DG  B N9    1 
ATOM   219 C  C8    . DG  B 2 4  ? -3.577  -1.273  -6.519  1.00 32.27  ? 4   DG  B C8    1 
ATOM   220 N  N7    . DG  B 2 4  ? -4.239  -0.151  -6.490  1.00 29.79  ? 4   DG  B N7    1 
ATOM   221 C  C5    . DG  B 2 4  ? -3.838  0.456   -5.310  1.00 29.32  ? 4   DG  B C5    1 
ATOM   222 C  C6    . DG  B 2 4  ? -4.214  1.703   -4.740  1.00 31.12  ? 4   DG  B C6    1 
ATOM   223 O  O6    . DG  B 2 4  ? -5.008  2.541   -5.179  1.00 38.05  ? 4   DG  B O6    1 
ATOM   224 N  N1    . DG  B 2 4  ? -3.564  1.932   -3.533  1.00 32.06  ? 4   DG  B N1    1 
ATOM   225 C  C2    . DG  B 2 4  ? -2.668  1.073   -2.948  1.00 31.45  ? 4   DG  B C2    1 
ATOM   226 N  N2    . DG  B 2 4  ? -2.147  1.472   -1.782  1.00 47.69  ? 4   DG  B N2    1 
ATOM   227 N  N3    . DG  B 2 4  ? -2.305  -0.088  -3.470  1.00 39.35  ? 4   DG  B N3    1 
ATOM   228 C  C4    . DG  B 2 4  ? -2.924  -0.330  -4.644  1.00 35.48  ? 4   DG  B C4    1 
ATOM   229 P  P     . DG  B 2 5  ? -0.508  -6.767  -5.504  1.00 53.28  ? 5   DG  B P     1 
ATOM   230 O  OP1   . DG  B 2 5  ? 0.765   -7.483  -5.364  1.00 55.74  ? 5   DG  B OP1   1 
ATOM   231 O  OP2   . DG  B 2 5  ? -1.444  -7.096  -6.598  1.00 36.84  ? 5   DG  B OP2   1 
ATOM   232 O  "O5'" . DG  B 2 5  ? -1.283  -6.887  -4.122  1.00 49.65  ? 5   DG  B "O5'" 1 
ATOM   233 C  "C5'" . DG  B 2 5  ? -0.853  -6.115  -2.995  1.00 44.74  ? 5   DG  B "C5'" 1 
ATOM   234 C  "C4'" . DG  B 2 5  ? -1.923  -6.118  -1.931  1.00 48.36  ? 5   DG  B "C4'" 1 
ATOM   235 O  "O4'" . DG  B 2 5  ? -2.641  -4.864  -1.944  1.00 48.71  ? 5   DG  B "O4'" 1 
ATOM   236 C  "C3'" . DG  B 2 5  ? -2.975  -7.214  -2.102  1.00 60.09  ? 5   DG  B "C3'" 1 
ATOM   237 O  "O3'" . DG  B 2 5  ? -3.187  -7.854  -0.848  1.00 68.08  ? 5   DG  B "O3'" 1 
ATOM   238 C  "C2'" . DG  B 2 5  ? -4.226  -6.458  -2.506  1.00 58.67  ? 5   DG  B "C2'" 1 
ATOM   239 C  "C1'" . DG  B 2 5  ? -4.020  -5.129  -1.817  1.00 49.17  ? 5   DG  B "C1'" 1 
ATOM   240 N  N9    . DG  B 2 5  ? -4.753  -4.020  -2.416  1.00 38.26  ? 5   DG  B N9    1 
ATOM   241 C  C8    . DG  B 2 5  ? -5.499  -4.049  -3.568  1.00 39.57  ? 5   DG  B C8    1 
ATOM   242 N  N7    . DG  B 2 5  ? -6.049  -2.901  -3.853  1.00 36.69  ? 5   DG  B N7    1 
ATOM   243 C  C5    . DG  B 2 5  ? -5.650  -2.065  -2.821  1.00 33.78  ? 5   DG  B C5    1 
ATOM   244 C  C6    . DG  B 2 5  ? -5.936  -0.692  -2.586  1.00 34.05  ? 5   DG  B C6    1 
ATOM   245 O  O6    . DG  B 2 5  ? -6.625  0.078   -3.263  1.00 43.42  ? 5   DG  B O6    1 
ATOM   246 N  N1    . DG  B 2 5  ? -5.328  -0.234  -1.422  1.00 41.33  ? 5   DG  B N1    1 
ATOM   247 C  C2    . DG  B 2 5  ? -4.544  -0.997  -0.592  1.00 40.75  ? 5   DG  B C2    1 
ATOM   248 N  N2    . DG  B 2 5  ? -4.045  -0.375  0.483   1.00 39.86  ? 5   DG  B N2    1 
ATOM   249 N  N3    . DG  B 2 5  ? -4.269  -2.276  -0.799  1.00 39.88  ? 5   DG  B N3    1 
ATOM   250 C  C4    . DG  B 2 5  ? -4.852  -2.742  -1.923  1.00 29.15  ? 5   DG  B C4    1 
ATOM   251 P  P     . DC  B 2 6  ? -3.510  -9.409  -0.783  1.00 70.94  ? 6   DC  B P     1 
ATOM   252 O  OP1   . DC  B 2 6  ? -2.249  -10.128 -0.530  1.00 90.42  ? 6   DC  B OP1   1 
ATOM   253 O  OP2   . DC  B 2 6  ? -4.347  -9.761  -1.944  1.00 60.28  ? 6   DC  B OP2   1 
ATOM   254 O  "O5'" . DC  B 2 6  ? -4.415  -9.519  0.512   1.00 73.61  ? 6   DC  B "O5'" 1 
ATOM   255 C  "C5'" . DC  B 2 6  ? -5.729  -10.077 0.424   1.00 67.80  ? 6   DC  B "C5'" 1 
ATOM   256 C  "C4'" . DC  B 2 6  ? -6.457  -9.826  1.721   1.00 58.03  ? 6   DC  B "C4'" 1 
ATOM   257 O  "O4'" . DC  B 2 6  ? -7.242  -8.620  1.607   1.00 42.79  ? 6   DC  B "O4'" 1 
ATOM   258 C  "C3'" . DC  B 2 6  ? -7.423  -10.932 2.136   1.00 59.86  ? 6   DC  B "C3'" 1 
ATOM   259 O  "O3'" . DC  B 2 6  ? -7.287  -11.123 3.540   1.00 58.42  ? 6   DC  B "O3'" 1 
ATOM   260 C  "C2'" . DC  B 2 6  ? -8.784  -10.369 1.776   1.00 61.74  ? 6   DC  B "C2'" 1 
ATOM   261 C  "C1'" . DC  B 2 6  ? -8.585  -8.876  1.961   1.00 53.45  ? 6   DC  B "C1'" 1 
ATOM   262 N  N1    . DC  B 2 6  ? -9.437  -8.041  1.106   1.00 47.66  ? 6   DC  B N1    1 
ATOM   263 C  C2    . DC  B 2 6  ? -9.821  -6.784  1.568   1.00 44.69  ? 6   DC  B C2    1 
ATOM   264 O  O2    . DC  B 2 6  ? -9.437  -6.415  2.685   1.00 40.15  ? 6   DC  B O2    1 
ATOM   265 N  N3    . DC  B 2 6  ? -10.607 -6.007  0.791   1.00 47.95  ? 6   DC  B N3    1 
ATOM   266 C  C4    . DC  B 2 6  ? -10.999 -6.443  -0.407  1.00 44.91  ? 6   DC  B C4    1 
ATOM   267 N  N4    . DC  B 2 6  ? -11.771 -5.641  -1.142  1.00 49.50  ? 6   DC  B N4    1 
ATOM   268 C  C5    . DC  B 2 6  ? -10.615 -7.719  -0.906  1.00 48.30  ? 6   DC  B C5    1 
ATOM   269 C  C6    . DC  B 2 6  ? -9.840  -8.479  -0.122  1.00 52.59  ? 6   DC  B C6    1 
ATOM   270 P  P     . DT  B 2 7  ? -7.775  -12.469 4.207   1.00 60.60  ? 7   DT  B P     1 
ATOM   271 O  OP1   . DT  B 2 7  ? -6.637  -13.034 4.951   1.00 66.98  ? 7   DT  B OP1   1 
ATOM   272 O  OP2   . DT  B 2 7  ? -8.448  -13.270 3.174   1.00 56.40  ? 7   DT  B OP2   1 
ATOM   273 O  "O5'" . DT  B 2 7  ? -8.839  -11.953 5.270   1.00 67.32  ? 7   DT  B "O5'" 1 
ATOM   274 C  "C5'" . DT  B 2 7  ? -8.396  -11.317 6.476   1.00 59.63  ? 7   DT  B "C5'" 1 
ATOM   275 C  "C4'" . DT  B 2 7  ? -9.333  -10.199 6.870   1.00 56.68  ? 7   DT  B "C4'" 1 
ATOM   276 O  "O4'" . DT  B 2 7  ? -9.626  -9.366  5.735   1.00 53.65  ? 7   DT  B "O4'" 1 
ATOM   277 C  "C3'" . DT  B 2 7  ? -10.702 -10.630 7.385   1.00 56.24  ? 7   DT  B "C3'" 1 
ATOM   278 O  "O3'" . DT  B 2 7  ? -10.673 -10.821 8.799   1.00 67.94  ? 7   DT  B "O3'" 1 
ATOM   279 C  "C2'" . DT  B 2 7  ? -11.575 -9.424  7.079   1.00 54.23  ? 7   DT  B "C2'" 1 
ATOM   280 C  "C1'" . DT  B 2 7  ? -10.802 -8.629  6.027   1.00 54.99  ? 7   DT  B "C1'" 1 
ATOM   281 N  N1    . DT  B 2 7  ? -11.532 -8.428  4.769   1.00 56.41  ? 7   DT  B N1    1 
ATOM   282 C  C2    . DT  B 2 7  ? -12.011 -7.171  4.484   1.00 61.59  ? 7   DT  B C2    1 
ATOM   283 O  O2    . DT  B 2 7  ? -11.862 -6.218  5.228   1.00 47.63  ? 7   DT  B O2    1 
ATOM   284 N  N3    . DT  B 2 7  ? -12.675 -7.071  3.289   1.00 45.96  ? 7   DT  B N3    1 
ATOM   285 C  C4    . DT  B 2 7  ? -12.907 -8.079  2.376   1.00 49.93  ? 7   DT  B C4    1 
ATOM   286 O  O4    . DT  B 2 7  ? -13.524 -7.840  1.346   1.00 53.95  ? 7   DT  B O4    1 
ATOM   287 C  C5    . DT  B 2 7  ? -12.382 -9.373  2.742   1.00 49.51  ? 7   DT  B C5    1 
ATOM   288 C  C7    . DT  B 2 7  ? -12.584 -10.528 1.814   1.00 53.20  ? 7   DT  B C7    1 
ATOM   289 C  C6    . DT  B 2 7  ? -11.728 -9.481  3.903   1.00 54.06  ? 7   DT  B C6    1 
ATOM   290 N  N     . THR C 3 1  ? -7.192  -0.366  3.857   1.00 41.13  ? 1   THR C N     1 
ATOM   291 C  CA    . THR C 3 1  ? -6.465  -0.462  5.115   1.00 47.42  ? 1   THR C CA    1 
ATOM   292 C  C     . THR C 3 1  ? -6.450  -1.907  5.610   1.00 47.14  ? 1   THR C C     1 
ATOM   293 O  O     . THR C 3 1  ? -7.203  -2.739  5.106   1.00 46.00  ? 1   THR C O     1 
ATOM   294 C  CB    . THR C 3 1  ? -7.111  0.403   6.184   1.00 41.06  ? 1   THR C CB    1 
ATOM   295 O  OG1   . THR C 3 1  ? -8.402  -0.149  6.482   1.00 43.31  ? 1   THR C OG1   1 
ATOM   296 C  CG2   . THR C 3 1  ? -7.308  1.801   5.676   1.00 42.43  ? 1   THR C CG2   1 
HETATM 297 N  N     . DVA C 3 2  ? -5.596  -2.197  6.587   1.00 54.38  ? 2   DVA C N     1 
HETATM 298 C  CA    . DVA C 3 2  ? -5.691  -3.454  7.328   1.00 51.33  ? 2   DVA C CA    1 
HETATM 299 C  CB    . DVA C 3 2  ? -5.294  -3.277  8.812   1.00 54.66  ? 2   DVA C CB    1 
HETATM 300 C  CG1   . DVA C 3 2  ? -4.894  -4.618  9.440   1.00 57.41  ? 2   DVA C CG1   1 
HETATM 301 C  CG2   . DVA C 3 2  ? -4.208  -2.252  8.947   1.00 64.08  ? 2   DVA C CG2   1 
HETATM 302 C  C     . DVA C 3 2  ? -4.994  -4.637  6.670   1.00 57.11  ? 2   DVA C C     1 
HETATM 303 O  O     . DVA C 3 2  ? -3.779  -4.615  6.453   1.00 54.30  ? 2   DVA C O     1 
ATOM   304 N  N     . PRO C 3 3  ? -5.783  -5.655  6.289   1.00 57.97  ? 3   PRO C N     1 
ATOM   305 C  CA    . PRO C 3 3  ? -7.247  -5.594  6.297   1.00 51.32  ? 3   PRO C CA    1 
ATOM   306 C  C     . PRO C 3 3  ? -7.871  -5.964  7.641   1.00 53.47  ? 3   PRO C C     1 
ATOM   307 O  O     . PRO C 3 3  ? -7.218  -6.632  8.444   1.00 54.68  ? 3   PRO C O     1 
ATOM   308 C  CB    . PRO C 3 3  ? -7.633  -6.607  5.215   1.00 48.71  ? 3   PRO C CB    1 
ATOM   309 C  CG    . PRO C 3 3  ? -6.552  -7.630  5.266   1.00 56.44  ? 3   PRO C CG    1 
ATOM   310 C  CD    . PRO C 3 3  ? -5.288  -6.926  5.725   1.00 61.06  ? 3   PRO C CD    1 
HETATM 311 N  N     . SAR C 3 4  ? -9.089  -5.491  7.900   1.00 56.74  ? 4   SAR C N     1 
HETATM 312 C  CA    . SAR C 3 4  ? -9.744  -4.513  7.048   1.00 59.13  ? 4   SAR C CA    1 
HETATM 313 C  C     . SAR C 3 4  ? -9.487  -3.075  7.556   1.00 61.16  ? 4   SAR C C     1 
HETATM 314 O  O     . SAR C 3 4  ? -8.609  -2.919  8.447   1.00 52.35  ? 4   SAR C O     1 
HETATM 315 C  CN    . SAR C 3 4  ? -9.888  -5.879  9.040   1.00 68.46  ? 4   SAR C CN    1 
HETATM 316 N  N     . MVA C 3 5  ? -10.220 -2.090  7.042   1.00 47.59  ? 5   MVA C N     1 
HETATM 317 C  CN    . MVA C 3 5  ? -11.276 -2.233  6.058   1.00 48.00  ? 5   MVA C CN    1 
HETATM 318 C  CA    . MVA C 3 5  ? -10.180 -0.721  7.536   1.00 59.02  ? 5   MVA C CA    1 
HETATM 319 C  CB    . MVA C 3 5  ? -11.075 -0.636  8.772   1.00 65.01  ? 5   MVA C CB    1 
HETATM 320 C  CG1   . MVA C 3 5  ? -10.326 -0.717  10.102  1.00 73.09  ? 5   MVA C CG1   1 
HETATM 321 C  CG2   . MVA C 3 5  ? -11.973 0.598   8.676   1.00 70.87  ? 5   MVA C CG2   1 
HETATM 322 C  C     . MVA C 3 5  ? -8.735  -0.260  7.811   1.00 47.43  ? 5   MVA C C     1 
HETATM 323 O  O     . MVA C 3 5  ? -8.453  0.820   8.391   1.00 51.89  ? 5   MVA C O     1 
HETATM 324 C  C1    . PXZ C 3 6  ? -7.280  0.279   1.661   1.00 37.29  ? 6   PXZ C C1    1 
HETATM 325 C  C0    . PXZ C 3 6  ? -6.281  0.103   2.862   1.00 46.46  ? 6   PXZ C C0    1 
HETATM 326 O  O1    . PXZ C 3 6  ? -5.482  0.970   3.112   1.00 50.22  ? 6   PXZ C O1    1 
HETATM 327 C  C2    . PXZ C 3 6  ? -7.919  1.617   1.320   1.00 44.26  ? 6   PXZ C C2    1 
HETATM 328 N  N2    . PXZ C 3 6  ? -7.626  2.794   2.147   1.00 70.25  ? 6   PXZ C N2    1 
HETATM 329 C  C3    . PXZ C 3 6  ? -8.865  1.737   0.126   1.00 46.05  ? 6   PXZ C C3    1 
HETATM 330 O  O3    . PXZ C 3 6  ? -9.390  2.763   -0.161  1.00 59.42  ? 6   PXZ C O3    1 
HETATM 331 C  C4    . PXZ C 3 6  ? -9.161  0.527   -0.735  1.00 39.33  ? 6   PXZ C C4    1 
HETATM 332 O  O5    . PXZ C 3 6  ? -8.791  -1.938  -1.180  1.00 45.76  ? 6   PXZ C O5    1 
HETATM 333 C  C6    . PXZ C 3 6  ? -8.541  -4.343  -1.593  1.00 43.67  ? 6   PXZ C C6    1 
HETATM 334 C  C7    . PXZ C 3 6  ? -7.997  -5.599  -1.290  1.00 40.44  ? 6   PXZ C C7    1 
HETATM 335 C  C8    . PXZ C 3 6  ? -7.133  -5.731  -0.187  1.00 42.74  ? 6   PXZ C C8    1 
HETATM 336 C  C9    . PXZ C 3 6  ? -6.820  -4.597  0.583   1.00 37.50  ? 6   PXZ C C9    1 
HETATM 337 C  "C0'" . PXZ C 3 6  ? -5.858  -4.637  1.807   1.00 44.05  ? 6   PXZ C "C0'" 1 
HETATM 338 O  "O1'" . PXZ C 3 6  ? -6.226  -5.093  2.850   1.00 47.27  ? 6   PXZ C "O1'" 1 
HETATM 339 N  N10   . PXZ C 3 6  ? -6.984  -2.191  1.087   1.00 32.55  ? 6   PXZ C N10   1 
HETATM 340 C  C11   . PXZ C 3 6  ? -7.587  -0.946  0.777   1.00 31.81  ? 6   PXZ C C11   1 
HETATM 341 C  C12   . PXZ C 3 6  ? -8.511  -0.825  -0.380  1.00 37.88  ? 6   PXZ C C12   1 
HETATM 342 C  C13   . PXZ C 3 6  ? -8.213  -3.244  -0.830  1.00 37.62  ? 6   PXZ C C13   1 
HETATM 343 C  C14   . PXZ C 3 6  ? -7.349  -3.371  0.270   1.00 39.88  ? 6   PXZ C C14   1 
HETATM 344 C  C15   . PXZ C 3 6  ? -10.113 0.662   -1.925  1.00 40.91  ? 6   PXZ C C15   1 
HETATM 345 C  C16   . PXZ C 3 6  ? -9.526  -4.116  -2.793  1.00 47.43  ? 6   PXZ C C16   1 
ATOM   346 N  N     . THR C 3 7  ? -4.565  -4.033  1.915   1.00 33.89  ? 7   THR C N     1 
ATOM   347 C  CA    . THR C 3 7  ? -3.524  -4.247  2.912   1.00 47.70  ? 7   THR C CA    1 
ATOM   348 C  C     . THR C 3 7  ? -2.991  -2.907  3.400   1.00 48.46  ? 7   THR C C     1 
ATOM   349 O  O     . THR C 3 7  ? -3.073  -1.913  2.678   1.00 48.56  ? 7   THR C O     1 
ATOM   350 C  CB    . THR C 3 7  ? -2.357  -5.071  2.345   1.00 65.14  ? 7   THR C CB    1 
ATOM   351 O  OG1   . THR C 3 7  ? -1.706  -4.316  1.308   1.00 63.90  ? 7   THR C OG1   1 
ATOM   352 C  CG2   . THR C 3 7  ? -2.836  -6.409  1.771   1.00 59.40  ? 7   THR C CG2   1 
HETATM 353 N  N     . DVA C 3 8  ? -2.582  -2.715  4.649   1.00 47.55  ? 8   DVA C N     1 
HETATM 354 C  CA    . DVA C 3 8  ? -1.746  -1.553  4.959   1.00 49.40  ? 8   DVA C CA    1 
HETATM 355 C  CB    . DVA C 3 8  ? -0.489  -1.930  5.816   1.00 64.39  ? 8   DVA C CB    1 
HETATM 356 C  CG1   . DVA C 3 8  ? -0.604  -1.443  7.258   1.00 76.26  ? 8   DVA C CG1   1 
HETATM 357 C  CG2   . DVA C 3 8  ? -0.231  -3.438  5.768   1.00 66.80  ? 8   DVA C CG2   1 
HETATM 358 C  C     . DVA C 3 8  ? -2.513  -0.327  5.483   1.00 48.99  ? 8   DVA C C     1 
HETATM 359 O  O     . DVA C 3 8  ? -3.261  -0.414  6.457   1.00 46.82  ? 8   DVA C O     1 
ATOM   360 N  N     . PRO C 3 9  ? -2.374  0.814   4.785   1.00 43.56  ? 9   PRO C N     1 
ATOM   361 C  CA    . PRO C 3 9  ? -1.715  0.943   3.480   1.00 42.71  ? 9   PRO C CA    1 
ATOM   362 C  C     . PRO C 3 9  ? -0.195  1.020   3.565   1.00 41.57  ? 9   PRO C C     1 
ATOM   363 O  O     . PRO C 3 9  ? 0.319   1.528   4.559   1.00 44.01  ? 9   PRO C O     1 
ATOM   364 C  CB    . PRO C 3 9  ? -2.281  2.255   2.946   1.00 38.16  ? 9   PRO C CB    1 
ATOM   365 C  CG    . PRO C 3 9  ? -2.464  3.075   4.164   1.00 37.43  ? 9   PRO C CG    1 
ATOM   366 C  CD    . PRO C 3 9  ? -2.895  2.110   5.256   1.00 43.17  ? 9   PRO C CD    1 
HETATM 367 N  N     . SAR C 3 10 ? 0.502   0.519   2.551   1.00 45.63  ? 10  SAR C N     1 
HETATM 368 C  CA    . SAR C 3 10 ? -0.114  -0.204  1.450   1.00 34.37  ? 10  SAR C CA    1 
HETATM 369 C  C     . SAR C 3 10 ? 0.112   -1.727  1.555   1.00 35.44  ? 10  SAR C C     1 
HETATM 370 O  O     . SAR C 3 10 ? 0.480   -2.188  2.667   1.00 41.60  ? 10  SAR C O     1 
HETATM 371 C  CN    . SAR C 3 10 ? 1.915   0.740   2.338   1.00 44.46  ? 10  SAR C CN    1 
HETATM 372 N  N     . MVA C 3 11 ? -0.119  -2.471  0.474   1.00 44.20  ? 11  MVA C N     1 
HETATM 373 C  CN    . MVA C 3 11 ? -0.942  -2.068  -0.656  1.00 50.27  ? 11  MVA C CN    1 
HETATM 374 C  CA    . MVA C 3 11 ? 0.200   -3.894  0.387   1.00 58.17  ? 11  MVA C CA    1 
HETATM 375 C  CB    . MVA C 3 11 ? 1.721   -4.097  0.339   1.00 69.65  ? 11  MVA C CB    1 
HETATM 376 C  CG1   . MVA C 3 11 ? 2.295   -4.484  1.702   1.00 79.35  ? 11  MVA C CG1   1 
HETATM 377 C  CG2   . MVA C 3 11 ? 2.068   -5.182  -0.677  1.00 69.05  ? 11  MVA C CG2   1 
HETATM 378 C  C     . MVA C 3 11 ? -0.429  -4.846  1.398   1.00 72.54  ? 11  MVA C C     1 
HETATM 379 O  O     . MVA C 3 11 ? 0.124   -6.020  1.403   1.00 84.10  ? 11  MVA C O     1 
HETATM 380 N  N     . DSN D 4 1  ? 9.055   7.134   -7.341  1.00 35.15  ? 1   DSN D N     1 
HETATM 381 C  CA    . DSN D 4 1  ? 10.128  6.545   -6.561  1.00 38.68  ? 1   DSN D CA    1 
HETATM 382 C  C     . DSN D 4 1  ? 9.582   5.718   -5.398  1.00 38.13  ? 1   DSN D C     1 
HETATM 383 O  O     . DSN D 4 1  ? 10.128  4.665   -5.063  1.00 39.32  ? 1   DSN D O     1 
HETATM 384 C  CB    . DSN D 4 1  ? 10.927  5.634   -7.457  1.00 49.67  ? 1   DSN D CB    1 
HETATM 385 O  OG    . DSN D 4 1  ? 9.981   4.886   -8.250  1.00 44.64  ? 1   DSN D OG    1 
ATOM   386 N  N     . ALA D 4 2  ? 8.511   6.208   -4.782  1.00 33.58  ? 2   ALA D N     1 
ATOM   387 C  CA    . ALA D 4 2  ? 7.833   5.492   -3.699  1.00 39.56  ? 2   ALA D CA    1 
ATOM   388 C  C     . ALA D 4 2  ? 7.144   4.229   -4.202  1.00 40.26  ? 2   ALA D C     1 
ATOM   389 O  O     . ALA D 4 2  ? 6.738   4.175   -5.357  1.00 41.99  ? 2   ALA D O     1 
ATOM   390 C  CB    . ALA D 4 2  ? 6.818   6.409   -3.040  1.00 33.58  ? 2   ALA D CB    1 
HETATM 391 N  N     . N2C D 4 3  ? 6.984   3.215   -3.348  1.00 38.42  ? 3   N2C D N     1 
HETATM 392 C  CA    . N2C D 4 3  ? 6.187   2.050   -3.723  1.00 33.98  ? 3   N2C D CA    1 
HETATM 393 C  CB    . N2C D 4 3  ? 7.009   0.771   -3.930  1.00 49.56  ? 3   N2C D CB    1 
HETATM 394 S  SG    . N2C D 4 3  ? 8.721   1.133   -4.419  1.00 57.80  ? 3   N2C D SG    1 
HETATM 395 C  CD    . N2C D 4 3  ? 9.834   0.760   -3.031  1.00 66.74  ? 3   N2C D CD    1 
HETATM 396 C  CN    . N2C D 4 3  ? 7.393   3.174   -1.955  1.00 42.00  ? 3   N2C D CN    1 
HETATM 397 C  C     . N2C D 4 3  ? 5.127   1.788   -2.645  1.00 39.65  ? 3   N2C D C     1 
HETATM 398 O  O     . N2C D 4 3  ? 5.197   0.836   -1.938  1.00 42.71  ? 3   N2C D O     1 
HETATM 399 N  N     . MVA D 4 4  ? 4.133   2.658   -2.569  1.00 39.83  ? 4   MVA D N     1 
HETATM 400 C  CN    . MVA D 4 4  ? 3.816   3.628   -3.611  1.00 31.56  ? 4   MVA D CN    1 
HETATM 401 C  CA    . MVA D 4 4  ? 3.070   2.499   -1.569  1.00 33.43  ? 4   MVA D CA    1 
HETATM 402 C  CB    . MVA D 4 4  ? 2.360   3.814   -1.241  1.00 31.93  ? 4   MVA D CB    1 
HETATM 403 C  CG1   . MVA D 4 4  ? 3.264   4.652   -0.338  1.00 40.91  ? 4   MVA D CG1   1 
HETATM 404 C  CG2   . MVA D 4 4  ? 1.073   3.537   -0.449  1.00 42.60  ? 4   MVA D CG2   1 
HETATM 405 C  C     . MVA D 4 4  ? 2.092   1.476   -2.126  1.00 40.68  ? 4   MVA D C     1 
HETATM 406 O  O     . MVA D 4 4  ? 1.503   0.641   -1.376  1.00 46.98  ? 4   MVA D O     1 
HETATM 407 N  N     . DSN D 4 5  ? 0.385   2.373   -5.295  1.00 37.34  ? 5   DSN D N     1 
HETATM 408 C  CA    . DSN D 4 5  ? 0.596   0.931   -5.419  1.00 37.57  ? 5   DSN D CA    1 
HETATM 409 C  C     . DSN D 4 5  ? 1.767   0.618   -6.343  1.00 35.47  ? 5   DSN D C     1 
HETATM 410 O  O     . DSN D 4 5  ? 2.487   -0.358  -6.134  1.00 41.30  ? 5   DSN D O     1 
HETATM 411 C  CB    . DSN D 4 5  ? 0.863   0.322   -4.053  1.00 36.20  ? 5   DSN D CB    1 
HETATM 412 O  OG    . DSN D 4 5  ? 1.919   0.988   -3.397  1.00 39.39  ? 5   DSN D OG    1 
ATOM   413 N  N     . ALA D 4 6  ? 1.941   1.440   -7.371  1.00 31.42  ? 6   ALA D N     1 
ATOM   414 C  CA    . ALA D 4 6  ? 3.103   1.328   -8.253  1.00 30.89  ? 6   ALA D CA    1 
ATOM   415 C  C     . ALA D 4 6  ? 4.368   1.678   -7.491  1.00 36.52  ? 6   ALA D C     1 
ATOM   416 O  O     . ALA D 4 6  ? 4.318   2.468   -6.555  1.00 42.78  ? 6   ALA D O     1 
ATOM   417 C  CB    . ALA D 4 6  ? 2.943   2.235   -9.459  1.00 29.78  ? 6   ALA D CB    1 
HETATM 418 N  N     . NCY D 4 7  ? 5.502   1.100   -7.883  1.00 34.18  ? 7   NCY D N     1 
HETATM 419 C  CA    . NCY D 4 7  ? 6.786   1.447   -7.271  1.00 41.41  ? 7   NCY D CA    1 
HETATM 420 C  CB    . NCY D 4 7  ? 7.411   0.279   -6.500  1.00 44.85  ? 7   NCY D CB    1 
HETATM 421 S  SG    . NCY D 4 7  ? 6.396   -0.315  -5.186  1.00 58.24  ? 7   NCY D SG    1 
HETATM 422 C  CN    . NCY D 4 7  ? 5.575   -0.022  -8.780  1.00 42.13  ? 7   NCY D CN    1 
HETATM 423 C  C     . NCY D 4 7  ? 7.863   1.896   -8.271  1.00 42.35  ? 7   NCY D C     1 
HETATM 424 O  O     . NCY D 4 7  ? 8.936   1.306   -8.399  1.00 48.32  ? 7   NCY D O     1 
HETATM 425 N  N     . MVA D 4 8  ? 7.597   3.000   -8.961  1.00 37.00  ? 8   MVA D N     1 
HETATM 426 C  CN    . MVA D 4 8  ? 6.650   4.034   -8.566  1.00 34.22  ? 8   MVA D CN    1 
HETATM 427 C  CA    . MVA D 4 8  ? 8.523   3.409   -10.017 1.00 41.21  ? 8   MVA D CA    1 
HETATM 428 C  CB    . MVA D 4 8  ? 7.803   4.220   -11.120 1.00 48.50  ? 8   MVA D CB    1 
HETATM 429 C  CG1   . MVA D 4 8  ? 7.020   3.240   -11.989 1.00 60.08  ? 8   MVA D CG1   1 
HETATM 430 C  CG2   . MVA D 4 8  ? 8.875   4.879   -11.984 1.00 49.40  ? 8   MVA D CG2   1 
HETATM 431 C  C     . MVA D 4 8  ? 9.727   4.157   -9.391  1.00 47.70  ? 8   MVA D C     1 
HETATM 432 O  O     . MVA D 4 8  ? 10.821  3.753   -9.869  1.00 62.07  ? 8   MVA D O     1 
HETATM 433 CO CO    . CO  E 5 .  ? 5.325   13.954  -5.853  0.50 28.14  ? 101 CO  A CO    1 
HETATM 434 CO CO    . CO  F 5 .  ? -5.927  0.431   -7.515  1.00 38.52  ? 101 CO  B CO    1 
HETATM 435 CO CO    . CO  G 5 .  ? -3.065  7.638   -10.282 1.00 73.26  ? 102 CO  B CO    1 
HETATM 436 N  N1    . QUI H 6 .  ? -0.523  4.758   -4.661  1.00 33.26  ? 101 QUI D N1    1 
HETATM 437 C  C2    . QUI H 6 .  ? -1.296  4.203   -5.583  1.00 37.22  ? 101 QUI D C2    1 
HETATM 438 C  C3    . QUI H 6 .  ? -2.300  4.936   -6.209  1.00 35.52  ? 101 QUI D C3    1 
HETATM 439 N  N4    . QUI H 6 .  ? -2.482  6.206   -5.881  1.00 36.35  ? 101 QUI D N4    1 
HETATM 440 C  C5    . QUI H 6 .  ? -1.879  8.124   -4.608  1.00 31.55  ? 101 QUI D C5    1 
HETATM 441 C  C6    . QUI H 6 .  ? -1.071  8.705   -3.639  1.00 35.25  ? 101 QUI D C6    1 
HETATM 442 C  C7    . QUI H 6 .  ? -0.074  7.964   -3.012  1.00 37.42  ? 101 QUI D C7    1 
HETATM 443 C  C8    . QUI H 6 .  ? 0.118   6.634   -3.357  1.00 34.67  ? 101 QUI D C8    1 
HETATM 444 C  C9    . QUI H 6 .  ? -0.709  6.044   -4.332  1.00 26.90  ? 101 QUI D C9    1 
HETATM 445 C  C10   . QUI H 6 .  ? -1.696  6.772   -4.950  1.00 27.31  ? 101 QUI D C10   1 
HETATM 446 C  C     . QUI H 6 .  ? -0.901  2.747   -5.797  1.00 34.74  ? 101 QUI D C     1 
HETATM 447 O  O1    . QUI H 6 .  ? -1.547  2.078   -6.636  1.00 38.67  ? 101 QUI D O1    1 
HETATM 448 N  N1    . QUI I 6 .  ? 7.589   8.595   -9.101  1.00 38.99  ? 102 QUI D N1    1 
HETATM 449 C  C2    . QUI I 6 .  ? 8.190   9.343   -8.185  1.00 46.35  ? 102 QUI D C2    1 
HETATM 450 C  C3    . QUI I 6 .  ? 7.910   10.699  -8.093  1.00 31.98  ? 102 QUI D C3    1 
HETATM 451 N  N4    . QUI I 6 .  ? 7.031   11.243  -8.898  1.00 32.36  ? 102 QUI D N4    1 
HETATM 452 C  C5    . QUI I 6 .  ? 5.507   11.137  -10.695 1.00 39.03  ? 102 QUI D C5    1 
HETATM 453 C  C6    . QUI I 6 .  ? 4.869   10.384  -11.666 1.00 42.06  ? 102 QUI D C6    1 
HETATM 454 C  C7    . QUI I 6 .  ? 5.139   9.022   -11.780 1.00 41.17  ? 102 QUI D C7    1 
HETATM 455 C  C8    . QUI I 6 .  ? 6.051   8.413   -10.926 1.00 40.36  ? 102 QUI D C8    1 
HETATM 456 C  C9    . QUI I 6 .  ? 6.713   9.176   -9.946  1.00 38.37  ? 102 QUI D C9    1 
HETATM 457 C  C10   . QUI I 6 .  ? 6.432   10.512  -9.836  1.00 35.70  ? 102 QUI D C10   1 
HETATM 458 C  C     . QUI I 6 .  ? 9.172   8.557   -7.321  1.00 41.49  ? 102 QUI D C     1 
HETATM 459 O  O1    . QUI I 6 .  ? 9.884   9.185   -6.494  1.00 48.41  ? 102 QUI D O1    1 
HETATM 460 O  O     . HOH J 7 .  ? 3.570   13.336  -6.704  1.00 40.94  ? 201 HOH A O     1 
HETATM 461 O  O     . HOH J 7 .  ? 1.309   12.960  -1.300  1.00 39.31  ? 202 HOH A O     1 
HETATM 462 O  O     . HOH J 7 .  ? 8.899   14.723  -7.456  0.50 41.96  ? 203 HOH A O     1 
HETATM 463 O  O     . HOH J 7 .  ? 4.245   12.773  -1.839  1.00 35.32  ? 204 HOH A O     1 
HETATM 464 O  O     . HOH J 7 .  ? -8.145  8.845   0.623   1.00 62.79  ? 205 HOH A O     1 
HETATM 465 O  O     . HOH J 7 .  ? 7.690   13.690  -2.059  1.00 47.89  ? 206 HOH A O     1 
HETATM 466 O  O     . HOH J 7 .  ? -3.360  12.087  -1.955  0.50 46.65  ? 207 HOH A O     1 
HETATM 467 O  O     . HOH J 7 .  ? 10.612  14.170  -2.777  1.00 47.46  ? 208 HOH A O     1 
HETATM 468 O  O     . HOH J 7 .  ? -1.131  12.566  -2.956  0.50 33.81  ? 209 HOH A O     1 
HETATM 469 O  O     . HOH J 7 .  ? 8.193   16.039  2.292   1.00 65.30  ? 210 HOH A O     1 
HETATM 470 O  O     . HOH J 7 .  ? 10.254  15.424  1.334   1.00 74.81  ? 211 HOH A O     1 
HETATM 471 O  O     . HOH K 7 .  ? -5.919  2.373   -7.608  1.00 46.15  ? 201 HOH B O     1 
HETATM 472 O  O     . HOH K 7 .  ? -5.195  0.127   -9.020  1.00 44.98  ? 202 HOH B O     1 
HETATM 473 O  O     . HOH K 7 .  ? -14.440 -8.899  -0.985  1.00 46.35  ? 203 HOH B O     1 
HETATM 474 O  O     . HOH K 7 .  ? -6.439  -1.150  -7.785  1.00 38.97  ? 204 HOH B O     1 
HETATM 475 O  O     . HOH K 7 .  ? -7.248  0.315   -6.017  1.00 40.53  ? 205 HOH B O     1 
HETATM 476 O  O     . HOH K 7 .  ? -13.283 -5.330  7.563   0.50 66.94  ? 206 HOH B O     1 
HETATM 477 O  O     . HOH K 7 .  ? -7.721  0.966   -8.312  1.00 38.97  ? 207 HOH B O     1 
HETATM 478 O  O     . HOH K 7 .  ? -4.461  -6.046  -13.667 0.25 58.04  ? 208 HOH B O     1 
HETATM 479 O  O     . HOH L 7 .  ? -11.243 -3.966  12.763  0.50 84.03  ? 101 HOH C O     1 
HETATM 480 O  O     . HOH L 7 .  ? -1.716  -8.953  10.348  1.00 85.69  ? 102 HOH C O     1 
HETATM 481 O  O     . HOH M 7 .  ? 6.230   13.751  -7.734  1.00 36.51  ? 201 HOH D O     1 
HETATM 482 O  O     . HOH M 7 .  ? 3.803   -3.521  -3.906  1.00 58.55  ? 202 HOH D O     1 
# 
loop_
_atom_site_anisotrop.id 
_atom_site_anisotrop.type_symbol 
_atom_site_anisotrop.pdbx_label_atom_id 
_atom_site_anisotrop.pdbx_label_alt_id 
_atom_site_anisotrop.pdbx_label_comp_id 
_atom_site_anisotrop.pdbx_label_asym_id 
_atom_site_anisotrop.pdbx_label_seq_id 
_atom_site_anisotrop.pdbx_PDB_ins_code 
_atom_site_anisotrop.U[1][1] 
_atom_site_anisotrop.U[2][2] 
_atom_site_anisotrop.U[3][3] 
_atom_site_anisotrop.U[1][2] 
_atom_site_anisotrop.U[1][3] 
_atom_site_anisotrop.U[2][3] 
_atom_site_anisotrop.pdbx_auth_seq_id 
_atom_site_anisotrop.pdbx_auth_comp_id 
_atom_site_anisotrop.pdbx_auth_asym_id 
_atom_site_anisotrop.pdbx_auth_atom_id 
1   P  P     . DA  A 1  ? 1.4462 1.5546 2.3263 -0.0956 0.2045  0.0799  1   DA  A P     
2   O  OP1   . DA  A 1  ? 1.5136 1.6352 2.5144 -0.0801 0.2122  0.0819  1   DA  A OP1   
3   O  OP2   . DA  A 1  ? 1.4438 1.5314 2.2723 -0.1019 0.1427  0.0878  1   DA  A OP2   
4   O  "O5'" . DA  A 1  ? 1.2065 1.3091 1.9899 -0.0952 0.2685  0.0514  1   DA  A "O5'" 
5   C  "C5'" . DA  A 1  ? 0.8911 0.9829 1.6121 -0.0886 0.2675  0.0322  1   DA  A "C5'" 
6   C  "C4'" . DA  A 1  ? 0.7041 0.7850 1.3255 -0.0926 0.3241  0.0084  1   DA  A "C4'" 
7   O  "O4'" . DA  A 1  ? 0.5646 0.6355 1.0955 -0.1096 0.3236  0.0214  1   DA  A "O4'" 
8   C  "C3'" . DA  A 1  ? 0.4661 0.5353 1.0240 -0.0858 0.3256  -0.0132 1   DA  A "C3'" 
9   O  "O3'" . DA  A 1  ? 0.7258 0.7774 1.1960 -0.0921 0.3747  -0.0360 1   DA  A "O3'" 
10  C  "C2'" . DA  A 1  ? 0.6104 0.6709 1.1003 -0.0941 0.2862  0.0028  1   DA  A "C2'" 
11  C  "C1'" . DA  A 1  ? 0.5460 0.6022 0.9990 -0.1104 0.3005  0.0200  1   DA  A "C1'" 
12  N  N9    . DA  A 1  ? 0.6160 0.6582 1.0547 -0.1139 0.2487  0.0437  1   DA  A N9    
13  C  C8    . DA  A 1  ? 0.6317 0.6700 1.1298 -0.1109 0.1975  0.0559  1   DA  A C8    
14  N  N7    . DA  A 1  ? 0.5870 0.5997 1.0408 -0.1173 0.1621  0.0715  1   DA  A N7    
15  C  C5    . DA  A 1  ? 0.6112 0.6165 0.9860 -0.1221 0.1901  0.0734  1   DA  A C5    
16  C  C6    . DA  A 1  ? 0.5464 0.5259 0.8582 -0.1284 0.1751  0.0891  1   DA  A C6    
17  N  N6    . DA  A 1  ? 0.6733 0.6244 0.9857 -0.1297 0.1330  0.0998  1   DA  A N6    
18  N  N1    . DA  A 1  ? 0.5161 0.4936 0.7608 -0.1355 0.2032  0.0938  1   DA  A N1    
19  C  C2    . DA  A 1  ? 0.5853 0.5797 0.8118 -0.1398 0.2460  0.0799  1   DA  A C2    
20  N  N3    . DA  A 1  ? 0.6645 0.6793 0.9412 -0.1340 0.2715  0.0588  1   DA  A N3    
21  C  C4    . DA  A 1  ? 0.6751 0.6976 1.0338 -0.1231 0.2404  0.0581  1   DA  A C4    
22  P  P     . DG  A 2  ? 0.8063 0.8389 1.2194 -0.0862 0.3882  -0.0658 2   DG  A P     
23  O  OP1   . DG  A 2  ? 0.8974 0.9057 1.2552 -0.0972 0.4394  -0.0880 2   DG  A OP1   
24  O  OP2   . DG  A 2  ? 0.7838 0.8276 1.2940 -0.0682 0.3618  -0.0678 2   DG  A OP2   
25  O  "O5'" . DG  A 2  ? 0.6812 0.7049 0.9797 -0.0953 0.3629  -0.0585 2   DG  A "O5'" 
26  C  "C5'" . DG  A 2  ? 0.5806 0.5835 0.7590 -0.1143 0.3783  -0.0578 2   DG  A "C5'" 
27  C  "C4'" . DG  A 2  ? 0.7097 0.7053 0.8061 -0.1190 0.3441  -0.0444 2   DG  A "C4'" 
28  O  "O4'" . DG  A 2  ? 0.5255 0.5278 0.6449 -0.1142 0.3044  -0.0158 2   DG  A "O4'" 
29  C  "C3'" . DG  A 2  ? 0.6691 0.6638 0.7667 -0.1015 0.3110  -0.0562 2   DG  A "C3'" 
30  O  "O3'" . DG  A 2  ? 0.9261 0.9023 0.9166 -0.1121 0.3016  -0.0589 2   DG  A "O3'" 
31  C  "C2'" . DG  A 2  ? 0.5860 0.5884 0.7211 -0.0863 0.2564  -0.0347 2   DG  A "C2'" 
32  C  "C1'" . DG  A 2  ? 0.5638 0.5619 0.6686 -0.0979 0.2531  -0.0109 2   DG  A "C1'" 
33  N  N9    . DG  A 2  ? 0.5884 0.5879 0.7465 -0.0905 0.2194  0.0070  2   DG  A N9    
34  C  C8    . DG  A 2  ? 0.5976 0.6055 0.8425 -0.0825 0.2016  0.0062  2   DG  A C8    
35  N  N7    . DG  A 2  ? 0.6049 0.6018 0.8651 -0.0841 0.1689  0.0238  2   DG  A N7    
36  C  C5    . DG  A 2  ? 0.5907 0.5734 0.7799 -0.0893 0.1692  0.0356  2   DG  A C5    
37  C  C6    . DG  A 2  ? 0.5912 0.5521 0.7641 -0.0922 0.1445  0.0538  2   DG  A C6    
38  O  O6    . DG  A 2  ? 0.6736 0.6190 0.8797 -0.0938 0.1169  0.0604  2   DG  A O6    
39  N  N1    . DG  A 2  ? 0.5983 0.5502 0.7077 -0.0960 0.1518  0.0655  2   DG  A N1    
40  C  C2    . DG  A 2  ? 0.5721 0.5327 0.6294 -0.1017 0.1739  0.0626  2   DG  A C2    
41  N  N2    . DG  A 2  ? 0.5047 0.4527 0.5087 -0.1089 0.1678  0.0829  2   DG  A N2    
42  N  N3    . DG  A 2  ? 0.4764 0.4516 0.5334 -0.1026 0.1976  0.0424  2   DG  A N3    
43  C  C4    . DG  A 2  ? 0.6288 0.6151 0.7573 -0.0939 0.1966  0.0286  2   DG  A C4    
44  P  P     . DC  A 3  ? 0.8930 0.8575 0.8584 -0.1097 0.3061  -0.0856 3   DC  A P     
45  O  OP1   . DC  A 3  ? 1.0212 0.9581 0.8799 -0.1348 0.3204  -0.0924 3   DC  A OP1   
46  O  OP2   . DC  A 3  ? 0.8753 0.8492 0.9425 -0.0947 0.3295  -0.1062 3   DC  A OP2   
47  O  "O5'" . DC  A 3  ? 0.8026 0.7732 0.7560 -0.0945 0.2467  -0.0700 3   DC  A "O5'" 
48  C  "C5'" . DC  A 3  ? 0.8363 0.7978 0.7046 -0.1058 0.2214  -0.0549 3   DC  A "C5'" 
49  C  "C4'" . DC  A 3  ? 0.8412 0.8110 0.7211 -0.0887 0.1784  -0.0463 3   DC  A "C4'" 
50  O  "O4'" . DC  A 3  ? 0.7554 0.7340 0.6822 -0.0727 0.1569  -0.0296 3   DC  A "O4'" 
51  C  "C3'" . DC  A 3  ? 0.7906 0.7607 0.7061 -0.0778 0.1764  -0.0680 3   DC  A "C3'" 
52  O  "O3'" . DC  A 3  ? 0.7637 0.7215 0.6194 -0.0908 0.1741  -0.0777 3   DC  A "O3'" 
53  C  "C2'" . DC  A 3  ? 0.6666 0.6457 0.6172 -0.0596 0.1398  -0.0536 3   DC  A "C2'" 
54  C  "C1'" . DC  A 3  ? 0.6015 0.5825 0.5451 -0.0583 0.1299  -0.0303 3   DC  A "C1'" 
55  N  N1    . DC  A 3  ? 0.4369 0.4159 0.4293 -0.0470 0.1164  -0.0248 3   DC  A N1    
56  C  C2    . DC  A 3  ? 0.4557 0.4267 0.4364 -0.0418 0.0992  -0.0076 3   DC  A C2    
57  O  O2    . DC  A 3  ? 0.5309 0.5028 0.4768 -0.0430 0.0953  0.0057  3   DC  A O2    
58  N  N3    . DC  A 3  ? 0.4462 0.4039 0.4551 -0.0376 0.0861  -0.0050 3   DC  A N3    
59  C  C4    . DC  A 3  ? 0.4124 0.3704 0.4678 -0.0394 0.0820  -0.0127 3   DC  A C4    
60  N  N4    . DC  A 3  ? 0.4400 0.3792 0.5137 -0.0416 0.0608  -0.0065 3   DC  A N4    
61  C  C5    . DC  A 3  ? 0.5048 0.4780 0.5926 -0.0408 0.0987  -0.0265 3   DC  A C5    
62  C  C6    . DC  A 3  ? 0.5159 0.4965 0.5670 -0.0442 0.1195  -0.0352 3   DC  A C6    
63  P  P     . DA  A 4  ? 0.7739 0.7170 0.6425 -0.0922 0.1952  -0.1097 4   DA  A P     
64  O  OP1   . DA  A 4  ? 0.9591 0.8843 0.7482 -0.1120 0.1844  -0.1138 4   DA  A OP1   
65  O  OP2   . DA  A 4  ? 1.0475 0.9838 0.9550 -0.0937 0.2433  -0.1301 4   DA  A OP2   
66  O  "O5'" . DA  A 4  ? 0.8494 0.8060 0.7893 -0.0693 0.1660  -0.1058 4   DA  A "O5'" 
67  C  "C5'" . DA  A 4  ? 0.8218 0.7765 0.7432 -0.0685 0.1382  -0.1043 4   DA  A "C5'" 
68  C  "C4'" . DA  A 4  ? 0.8183 0.7800 0.6820 -0.0771 0.1138  -0.0817 4   DA  A "C4'" 
69  O  "O4'" . DA  A 4  ? 0.7281 0.7038 0.6112 -0.0660 0.1028  -0.0592 4   DA  A "O4'" 
70  C  "C3'" . DA  A 4  ? 0.6682 0.6356 0.5289 -0.0749 0.0840  -0.0737 4   DA  A "C3'" 
71  O  "O3'" . DA  A 4  ? 0.7030 0.6760 0.5175 -0.0884 0.0654  -0.0538 4   DA  A "O3'" 
72  C  "C2'" . DA  A 4  ? 0.5511 0.5309 0.4565 -0.0560 0.0690  -0.0590 4   DA  A "C2'" 
73  C  "C1'" . DA  A 4  ? 0.5825 0.5663 0.4878 -0.0530 0.0778  -0.0472 4   DA  A "C1'" 
74  N  N9    . DA  A 4  ? 0.5241 0.5055 0.4727 -0.0410 0.0767  -0.0463 4   DA  A N9    
75  C  C8    . DA  A 4  ? 0.4401 0.4156 0.4343 -0.0369 0.0771  -0.0578 4   DA  A C8    
76  N  N7    . DA  A 4  ? 0.4589 0.4294 0.4804 -0.0321 0.0668  -0.0490 4   DA  A N7    
77  C  C5    . DA  A 4  ? 0.4190 0.3894 0.4083 -0.0309 0.0657  -0.0353 4   DA  A C5    
78  C  C6    . DA  A 4  ? 0.4930 0.4513 0.4831 -0.0283 0.0584  -0.0246 4   DA  A C6    
79  N  N6    . DA  A 4  ? 0.4406 0.3839 0.4577 -0.0306 0.0451  -0.0240 4   DA  A N6    
80  N  N1    . DA  A 4  ? 0.4713 0.4292 0.4358 -0.0255 0.0623  -0.0126 4   DA  A N1    
81  C  C2    . DA  A 4  ? 0.4479 0.4205 0.3910 -0.0272 0.0666  -0.0068 4   DA  A C2    
82  N  N3    . DA  A 4  ? 0.5062 0.4897 0.4367 -0.0341 0.0684  -0.0142 4   DA  A N3    
83  C  C4    . DA  A 4  ? 0.4245 0.4045 0.3769 -0.0349 0.0711  -0.0313 4   DA  A C4    
84  P  P     . DC  A 5  ? 0.6754 0.6564 0.4869 -0.0930 0.0371  -0.0431 5   DC  A P     
85  O  OP1   . DC  A 5  ? 0.7842 0.7574 0.5376 -0.1199 0.0223  -0.0331 5   DC  A OP1   
86  O  OP2   . DC  A 5  ? 0.5810 0.5528 0.4196 -0.0868 0.0402  -0.0636 5   DC  A OP2   
87  O  "O5'" . DC  A 5  ? 0.5741 0.5789 0.4244 -0.0753 0.0230  -0.0155 5   DC  A "O5'" 
88  C  "C5'" . DC  A 5  ? 0.5214 0.5399 0.3669 -0.0793 0.0094  0.0133  5   DC  A "C5'" 
89  C  "C4'" . DC  A 5  ? 0.4921 0.5301 0.3860 -0.0630 0.0012  0.0335  5   DC  A "C4'" 
90  O  "O4'" . DC  A 5  ? 0.4486 0.4781 0.3641 -0.0446 0.0186  0.0209  5   DC  A "O4'" 
91  C  "C3'" . DC  A 5  ? 0.4854 0.5348 0.3942 -0.0685 -0.0138 0.0377  5   DC  A "C3'" 
92  O  "O3'" . DC  A 5  ? 0.6987 0.7656 0.6139 -0.0832 -0.0397 0.0662  5   DC  A "O3'" 
93  C  "C2'" . DC  A 5  ? 0.4402 0.4949 0.3893 -0.0488 -0.0004 0.0399  5   DC  A "C2'" 
94  C  "C1'" . DC  A 5  ? 0.4281 0.4654 0.3723 -0.0356 0.0184  0.0291  5   DC  A "C1'" 
95  N  N1    . DC  A 5  ? 0.4949 0.5132 0.4353 -0.0307 0.0265  0.0106  5   DC  A N1    
96  C  C2    . DC  A 5  ? 0.3794 0.3814 0.3232 -0.0206 0.0394  0.0104  5   DC  A C2    
97  O  O2    . DC  A 5  ? 0.4315 0.4357 0.3882 -0.0120 0.0497  0.0225  5   DC  A O2    
98  N  N3    . DC  A 5  ? 0.3897 0.3684 0.3207 -0.0231 0.0383  -0.0017 5   DC  A N3    
99  C  C4    . DC  A 5  ? 0.4716 0.4480 0.4026 -0.0309 0.0254  -0.0112 5   DC  A C4    
100 N  N4    . DC  A 5  ? 0.4805 0.4328 0.4049 -0.0358 0.0169  -0.0163 5   DC  A N4    
101 C  C5    . DC  A 5  ? 0.4266 0.4191 0.3621 -0.0370 0.0186  -0.0151 5   DC  A C5    
102 C  C6    . DC  A 5  ? 0.4709 0.4814 0.4030 -0.0388 0.0194  -0.0051 5   DC  A C6    
103 P  P     . DG  A 6  ? 0.6220 0.6939 0.5309 -0.1042 -0.0651 0.0704  6   DG  A P     
104 O  OP1   . DG  A 6  ? 0.6976 0.7687 0.5753 -0.1318 -0.0970 0.0929  6   DG  A OP1   
105 O  OP2   . DG  A 6  ? 0.6275 0.6762 0.5088 -0.1062 -0.0526 0.0360  6   DG  A OP2   
106 O  "O5'" . DG  A 6  ? 0.6830 0.7854 0.6668 -0.0888 -0.0647 0.0926  6   DG  A "O5'" 
107 C  "C5'" . DG  A 6  ? 0.6096 0.7345 0.6519 -0.0735 -0.0605 0.1213  6   DG  A "C5'" 
108 C  "C4'" . DG  A 6  ? 0.4783 0.6133 0.5740 -0.0519 -0.0311 0.1209  6   DG  A "C4'" 
109 O  "O4'" . DG  A 6  ? 0.4363 0.5428 0.4931 -0.0417 -0.0048 0.0888  6   DG  A "O4'" 
110 C  "C3'" . DG  A 6  ? 0.4717 0.6282 0.6081 -0.0596 -0.0380 0.1328  6   DG  A "C3'" 
111 O  "O3'" . DG  A 6  ? 0.6366 0.8201 0.8577 -0.0444 -0.0208 0.1591  6   DG  A "O3'" 
112 C  "C2'" . DG  A 6  ? 0.3164 0.4500 0.4209 -0.0546 -0.0138 0.1040  6   DG  A "C2'" 
113 C  "C1'" . DG  A 6  ? 0.3167 0.4252 0.3948 -0.0377 0.0117  0.0866  6   DG  A "C1'" 
114 N  N9    . DG  A 6  ? 0.3468 0.4237 0.3762 -0.0383 0.0207  0.0589  6   DG  A N9    
115 C  C8    . DG  A 6  ? 0.3895 0.4557 0.3943 -0.0509 0.0065  0.0457  6   DG  A C8    
116 N  N7    . DG  A 6  ? 0.3151 0.3530 0.2916 -0.0489 0.0133  0.0278  6   DG  A N7    
117 C  C5    . DG  A 6  ? 0.3730 0.3997 0.3453 -0.0366 0.0330  0.0272  6   DG  A C5    
118 C  C6    . DG  A 6  ? 0.3285 0.3217 0.2705 -0.0344 0.0412  0.0143  6   DG  A C6    
119 O  O6    . DG  A 6  ? 0.4524 0.4231 0.3734 -0.0424 0.0294  0.0044  6   DG  A O6    
120 N  N1    . DG  A 6  ? 0.4158 0.4002 0.3582 -0.0238 0.0611  0.0164  6   DG  A N1    
121 C  C2    . DG  A 6  ? 0.4347 0.4418 0.4138 -0.0132 0.0727  0.0311  6   DG  A C2    
122 N  N2    . DG  A 6  ? 0.3954 0.3840 0.3747 -0.0027 0.0933  0.0298  6   DG  A N2    
123 N  N3    . DG  A 6  ? 0.4111 0.4534 0.4278 -0.0151 0.0609  0.0483  6   DG  A N3    
124 C  C4    . DG  A 6  ? 0.4163 0.4656 0.4218 -0.0285 0.0409  0.0445  6   DG  A C4    
125 P  P     . DT  A 7  ? 0.7133 0.9382 1.0164 -0.0552 -0.0537 0.2037  7   DT  A P     
126 O  OP1   . DT  A 7  ? 0.7301 0.9532 1.0213 -0.0626 -0.0846 0.2223  7   DT  A OP1   
127 O  OP2   . DT  A 7  ? 0.5105 0.7461 0.8093 -0.0783 -0.0793 0.2073  7   DT  A OP2   
128 O  "O5'" . DT  A 7  ? 0.6014 0.8483 1.0066 -0.0296 -0.0110 0.2201  7   DT  A "O5'" 
129 C  "C5'" . DT  A 7  ? 0.5844 0.8131 0.9998 -0.0049 0.0257  0.2113  7   DT  A "C5'" 
130 C  "C4'" . DT  A 7  ? 0.5516 0.7818 1.0279 0.0146  0.0835  0.2071  7   DT  A "C4'" 
131 O  "O4'" . DT  A 7  ? 0.4901 0.6818 0.8777 0.0117  0.1131  0.1682  7   DT  A "O4'" 
132 C  "C3'" . DT  A 7  ? 0.4746 0.7501 1.0525 0.0095  0.0837  0.2377  7   DT  A "C3'" 
133 O  "O3'" . DT  A 7  ? 0.6103 0.8937 1.2842 0.0334  0.1408  0.2458  7   DT  A "O3'" 
134 C  "C2'" . DT  A 7  ? 0.4938 0.7545 1.0028 -0.0059 0.0925  0.2130  7   DT  A "C2'" 
135 C  "C1'" . DT  A 7  ? 0.5319 0.7387 0.9487 0.0041  0.1317  0.1723  7   DT  A "C1'" 
136 N  N1    . DT  A 7  ? 0.4991 0.6758 0.8171 -0.0125 0.1222  0.1451  7   DT  A N1    
137 C  C2    . DT  A 7  ? 0.5037 0.6352 0.7564 -0.0104 0.1609  0.1173  7   DT  A C2    
138 O  O2    . DT  A 7  ? 0.4208 0.5311 0.6829 0.0034  0.2065  0.1096  7   DT  A O2    
139 N  N3    . DT  A 7  ? 0.5095 0.6155 0.6840 -0.0276 0.1426  0.0997  7   DT  A N3    
140 C  C4    . DT  A 7  ? 0.4313 0.5506 0.5914 -0.0430 0.0975  0.1026  7   DT  A C4    
141 O  O4    . DT  A 7  ? 0.4911 0.5828 0.5920 -0.0553 0.0864  0.0869  7   DT  A O4    
142 C  C5    . DT  A 7  ? 0.3962 0.5572 0.6145 -0.0458 0.0643  0.1262  7   DT  A C5    
143 C  C7    . DT  A 7  ? 0.5273 0.6926 0.7207 -0.0662 0.0187  0.1256  7   DT  A C7    
144 C  C6    . DT  A 7  ? 0.3451 0.5332 0.6367 -0.0324 0.0745  0.1484  7   DT  A C6    
145 P  P     . DA  B 1  ? 2.0578 1.6928 1.5196 -0.1912 0.1940  -0.0014 1   DA  B P     
146 O  OP1   . DA  B 1  ? 2.0475 1.6806 1.4981 -0.2073 0.2148  0.0057  1   DA  B OP1   
147 O  OP2   . DA  B 1  ? 2.2324 1.8094 1.6211 -0.2132 0.1512  -0.0066 1   DA  B OP2   
148 O  "O5'" . DA  B 1  ? 1.7280 1.3818 1.2438 -0.1591 0.2481  -0.0173 1   DA  B "O5'" 
149 C  "C5'" . DA  B 1  ? 1.2409 0.9654 0.8606 -0.1281 0.2663  -0.0073 1   DA  B "C5'" 
150 C  "C4'" . DA  B 1  ? 0.9761 0.7045 0.6434 -0.1010 0.3080  -0.0201 1   DA  B "C4'" 
151 O  "O4'" . DA  B 1  ? 0.7979 0.5987 0.5809 -0.0748 0.3249  -0.0032 1   DA  B "O4'" 
152 C  "C3'" . DA  B 1  ? 0.9104 0.6204 0.5612 -0.0916 0.2891  -0.0302 1   DA  B "C3'" 
153 O  "O3'" . DA  B 1  ? 0.9592 0.6438 0.6259 -0.0765 0.3278  -0.0452 1   DA  B "O3'" 
154 C  "C2'" . DA  B 1  ? 0.8411 0.6266 0.5889 -0.0668 0.2564  -0.0131 1   DA  B "C2'" 
155 C  "C1'" . DA  B 1  ? 0.7424 0.5782 0.5753 -0.0541 0.2896  0.0020  1   DA  B "C1'" 
156 N  N9    . DA  B 1  ? 0.6279 0.5253 0.5221 -0.0506 0.2463  0.0220  1   DA  B N9    
157 C  C8    . DA  B 1  ? 0.6005 0.5600 0.5928 -0.0321 0.2367  0.0409  1   DA  B C8    
158 N  N7    . DA  B 1  ? 0.5876 0.5815 0.5994 -0.0394 0.1942  0.0528  1   DA  B N7    
159 C  C5    . DA  B 1  ? 0.5763 0.5322 0.5104 -0.0602 0.1764  0.0419  1   DA  B C5    
160 C  C6    . DA  B 1  ? 0.5406 0.5021 0.4605 -0.0748 0.1351  0.0457  1   DA  B C6    
161 N  N6    . DA  B 1  ? 0.5420 0.5463 0.5139 -0.0730 0.1065  0.0570  1   DA  B N6    
162 N  N1    . DA  B 1  ? 0.5767 0.4923 0.4255 -0.0944 0.1217  0.0383  1   DA  B N1    
163 C  C2    . DA  B 1  ? 0.6979 0.5618 0.4800 -0.1032 0.1456  0.0275  1   DA  B C2    
164 N  N3    . DA  B 1  ? 0.7702 0.6173 0.5449 -0.0931 0.1885  0.0180  1   DA  B N3    
165 C  C4    . DA  B 1  ? 0.6561 0.5539 0.5168 -0.0688 0.2040  0.0258  1   DA  B C4    
166 P  P     . DC  B 2  ? 0.9936 0.6200 0.5999 -0.0824 0.3157  -0.0624 2   DC  B P     
167 O  OP1   . DC  B 2  ? 1.0620 0.6767 0.7146 -0.0618 0.3606  -0.0717 2   DC  B OP1   
168 O  OP2   . DC  B 2  ? 1.1327 0.6944 0.6303 -0.1204 0.2886  -0.0695 2   DC  B OP2   
169 O  "O5'" . DC  B 2  ? 1.0362 0.7055 0.6767 -0.0684 0.2739  -0.0518 2   DC  B "O5'" 
170 C  "C5'" . DC  B 2  ? 0.9447 0.5843 0.5309 -0.0850 0.2240  -0.0550 2   DC  B "C5'" 
171 C  "C4'" . DC  B 2  ? 0.8653 0.5523 0.5249 -0.0610 0.1963  -0.0473 2   DC  B "C4'" 
172 O  "O4'" . DC  B 2  ? 0.7708 0.5271 0.4983 -0.0494 0.1695  -0.0304 2   DC  B "O4'" 
173 C  "C3'" . DC  B 2  ? 0.8885 0.5481 0.5127 -0.0747 0.1528  -0.0501 2   DC  B "C3'" 
174 O  "O3'" . DC  B 2  ? 1.1376 0.7496 0.7340 -0.0737 0.1745  -0.0638 2   DC  B "O3'" 
175 C  "C2'" . DC  B 2  ? 0.7071 0.4343 0.4118 -0.0555 0.1223  -0.0367 2   DC  B "C2'" 
176 C  "C1'" . DC  B 2  ? 0.7443 0.5269 0.5053 -0.0405 0.1358  -0.0259 2   DC  B "C1'" 
177 N  N1    . DC  B 2  ? 0.6620 0.4813 0.4463 -0.0446 0.1006  -0.0175 2   DC  B N1    
178 C  C2    . DC  B 2  ? 0.5719 0.4468 0.4169 -0.0299 0.0957  -0.0075 2   DC  B C2    
179 O  O2    . DC  B 2  ? 0.5495 0.4456 0.4324 -0.0146 0.1147  -0.0006 2   DC  B O2    
180 N  N3    . DC  B 2  ? 0.5315 0.4304 0.3918 -0.0351 0.0686  -0.0047 2   DC  B N3    
181 C  C4    . DC  B 2  ? 0.5401 0.4151 0.3734 -0.0506 0.0461  -0.0083 2   DC  B C4    
182 N  N4    . DC  B 2  ? 0.5212 0.4172 0.3803 -0.0531 0.0237  -0.0070 2   DC  B N4    
183 C  C5    . DC  B 2  ? 0.6210 0.4438 0.3986 -0.0668 0.0431  -0.0122 2   DC  B C5    
184 C  C6    . DC  B 2  ? 0.6354 0.4293 0.3821 -0.0652 0.0711  -0.0184 2   DC  B C6    
185 P  P     . DG  B 3  ? 1.1155 0.6612 0.6361 -0.1024 0.1423  -0.0719 3   DG  B P     
186 O  OP1   . DG  B 3  ? 1.1534 0.6503 0.6522 -0.0978 0.1765  -0.0883 3   DG  B OP1   
187 O  OP2   . DG  B 3  ? 1.3175 0.8184 0.7550 -0.1380 0.1201  -0.0711 3   DG  B OP2   
188 O  "O5'" . DG  B 3  ? 1.2017 0.8021 0.7909 -0.0937 0.0925  -0.0558 3   DG  B "O5'" 
189 C  "C5'" . DG  B 3  ? 1.1096 0.7045 0.7202 -0.0897 0.0795  -0.0557 3   DG  B "C5'" 
190 C  "C4'" . DG  B 3  ? 0.8099 0.4663 0.5042 -0.0577 0.0953  -0.0477 3   DG  B "C4'" 
191 O  "O4'" . DG  B 3  ? 0.6302 0.3480 0.3716 -0.0453 0.0919  -0.0373 3   DG  B "O4'" 
192 C  "C3'" . DG  B 3  ? 0.6730 0.3488 0.4078 -0.0556 0.0696  -0.0394 3   DG  B "C3'" 
193 O  "O3'" . DG  B 3  ? 0.7119 0.4096 0.4903 -0.0340 0.0920  -0.0343 3   DG  B "O3'" 
194 C  "C2'" . DG  B 3  ? 0.5852 0.3178 0.3671 -0.0524 0.0459  -0.0290 3   DG  B "C2'" 
195 C  "C1'" . DG  B 3  ? 0.6436 0.4075 0.4377 -0.0383 0.0683  -0.0277 3   DG  B "C1'" 
196 N  N9    . DG  B 3  ? 0.6684 0.4638 0.4792 -0.0418 0.0496  -0.0237 3   DG  B N9    
197 C  C8    . DG  B 3  ? 0.6686 0.4506 0.4697 -0.0589 0.0189  -0.0226 3   DG  B C8    
198 N  N7    . DG  B 3  ? 0.7612 0.5756 0.5903 -0.0562 0.0099  -0.0195 3   DG  B N7    
199 C  C5    . DG  B 3  ? 0.6523 0.5022 0.5024 -0.0393 0.0338  -0.0186 3   DG  B C5    
200 C  C6    . DG  B 3  ? 0.5838 0.4715 0.4606 -0.0336 0.0339  -0.0158 3   DG  B C6    
201 O  O6    . DG  B 3  ? 0.5860 0.4819 0.4747 -0.0395 0.0174  -0.0170 3   DG  B O6    
202 N  N1    . DG  B 3  ? 0.5127 0.4264 0.4059 -0.0215 0.0522  -0.0096 3   DG  B N1    
203 C  C2    . DG  B 3  ? 0.4693 0.3755 0.3644 -0.0123 0.0705  -0.0054 3   DG  B C2    
204 N  N2    . DG  B 3  ? 0.4513 0.3874 0.3776 -0.0023 0.0794  0.0073  3   DG  B N2    
205 N  N3    . DG  B 3  ? 0.5530 0.4216 0.4246 -0.0148 0.0759  -0.0113 3   DG  B N3    
206 C  C4    . DG  B 3  ? 0.6179 0.4592 0.4627 -0.0300 0.0562  -0.0184 3   DG  B C4    
207 P  P     . DG  B 4  ? 0.7704 0.4298 0.5443 -0.0365 0.0942  -0.0365 4   DG  B P     
208 O  OP1   . DG  B 4  ? 0.8615 0.4602 0.5919 -0.0363 0.1284  -0.0525 4   DG  B OP1   
209 O  OP2   . DG  B 4  ? 0.6720 0.3199 0.4381 -0.0576 0.0569  -0.0337 4   DG  B OP2   
210 O  "O5'" . DG  B 4  ? 0.6049 0.3163 0.4467 -0.0142 0.1029  -0.0190 4   DG  B "O5'" 
211 C  "C5'" . DG  B 4  ? 0.6879 0.4272 0.5636 0.0058  0.1266  -0.0111 4   DG  B "C5'" 
212 C  "C4'" . DG  B 4  ? 0.6763 0.4476 0.6046 0.0182  0.1244  0.0106  4   DG  B "C4'" 
213 O  "O4'" . DG  B 4  ? 0.5738 0.3945 0.5157 0.0126  0.1024  0.0219  4   DG  B "O4'" 
214 C  "C3'" . DG  B 4  ? 0.6600 0.3965 0.5875 0.0142  0.1220  0.0123  4   DG  B "C3'" 
215 O  "O3'" . DG  B 4  ? 0.6104 0.3627 0.5878 0.0285  0.1284  0.0345  4   DG  B "O3'" 
216 C  "C2'" . DG  B 4  ? 0.7318 0.4893 0.6536 -0.0019 0.0952  0.0151  4   DG  B "C2'" 
217 C  "C1'" . DG  B 4  ? 0.6672 0.4811 0.6048 0.0008  0.0886  0.0224  4   DG  B "C1'" 
218 N  N9    . DG  B 4  ? 0.5333 0.3580 0.4588 -0.0114 0.0735  0.0116  4   DG  B N9    
219 C  C8    . DG  B 4  ? 0.5112 0.3019 0.4129 -0.0249 0.0603  -0.0006 4   DG  B C8    
220 N  N7    . DG  B 4  ? 0.4688 0.2811 0.3821 -0.0325 0.0447  -0.0032 4   DG  B N7    
221 C  C5    . DG  B 4  ? 0.4396 0.2980 0.3765 -0.0236 0.0536  0.0025  4   DG  B C5    
222 C  C6    . DG  B 4  ? 0.4451 0.3355 0.4019 -0.0260 0.0497  -0.0011 4   DG  B C6    
223 O  O6    . DG  B 4  ? 0.5273 0.4174 0.5011 -0.0330 0.0363  -0.0071 4   DG  B O6    
224 N  N1    . DG  B 4  ? 0.4465 0.3671 0.4048 -0.0212 0.0616  0.0043  4   DG  B N1    
225 C  C2    . DG  B 4  ? 0.4400 0.3643 0.3907 -0.0155 0.0687  0.0181  4   DG  B C2    
226 N  N2    . DG  B 4  ? 0.6389 0.5888 0.5841 -0.0186 0.0706  0.0260  4   DG  B N2    
227 N  N3    . DG  B 4  ? 0.5485 0.4486 0.4980 -0.0092 0.0720  0.0247  4   DG  B N3    
228 C  C4    . DG  B 4  ? 0.5144 0.3803 0.4533 -0.0132 0.0677  0.0132  4   DG  B C4    
229 P  P     . DG  B 5  ? 0.7741 0.4834 0.7669 0.0309  0.1341  0.0407  5   DG  B P     
230 O  OP1   . DG  B 5  ? 0.7884 0.4936 0.8358 0.0524  0.1552  0.0543  5   DG  B OP1   
231 O  OP2   . DG  B 5  ? 0.6033 0.2538 0.5428 0.0149  0.1341  0.0157  5   DG  B OP2   
232 O  "O5'" . DG  B 5  ? 0.7094 0.4577 0.7194 0.0211  0.1091  0.0658  5   DG  B "O5'" 
233 C  "C5'" . DG  B 5  ? 0.6232 0.4277 0.6492 0.0210  0.0972  0.0857  5   DG  B "C5'" 
234 C  "C4'" . DG  B 5  ? 0.6656 0.4910 0.6808 0.0033  0.0826  0.0979  5   DG  B "C4'" 
235 O  "O4'" . DG  B 5  ? 0.6703 0.5189 0.6613 -0.0072 0.0795  0.0809  5   DG  B "O4'" 
236 C  "C3'" . DG  B 5  ? 0.8258 0.6165 0.8407 -0.0057 0.0816  0.0980  5   DG  B "C3'" 
237 O  "O3'" . DG  B 5  ? 0.9182 0.7235 0.9451 -0.0151 0.0740  0.1269  5   DG  B "O3'" 
238 C  "C2'" . DG  B 5  ? 0.8129 0.6080 0.8081 -0.0200 0.0770  0.0782  5   DG  B "C2'" 
239 C  "C1'" . DG  B 5  ? 0.6792 0.5211 0.6679 -0.0216 0.0769  0.0774  5   DG  B "C1'" 
240 N  N9    . DG  B 5  ? 0.5407 0.3903 0.5227 -0.0274 0.0738  0.0564  5   DG  B N9    
241 C  C8    . DG  B 5  ? 0.5683 0.3881 0.5470 -0.0335 0.0648  0.0419  5   DG  B C8    
242 N  N7    . DG  B 5  ? 0.5246 0.3607 0.5087 -0.0389 0.0575  0.0310  5   DG  B N7    
243 C  C5    . DG  B 5  ? 0.4730 0.3492 0.4612 -0.0348 0.0680  0.0337  5   DG  B C5    
244 C  C6    . DG  B 5  ? 0.4642 0.3672 0.4623 -0.0367 0.0696  0.0233  5   DG  B C6    
245 O  O6    . DG  B 5  ? 0.5770 0.4785 0.5944 -0.0406 0.0592  0.0134  5   DG  B O6    
246 N  N1    . DG  B 5  ? 0.5524 0.4813 0.5368 -0.0363 0.0819  0.0271  5   DG  B N1    
247 C  C2    . DG  B 5  ? 0.5504 0.4818 0.5159 -0.0364 0.0850  0.0446  5   DG  B C2    
248 N  N2    . DG  B 5  ? 0.5403 0.4912 0.4828 -0.0434 0.0896  0.0485  5   DG  B N2    
249 N  N3    . DG  B 5  ? 0.5449 0.4563 0.5142 -0.0323 0.0810  0.0589  5   DG  B N3    
250 C  C4    . DG  B 5  ? 0.4146 0.2981 0.3947 -0.0304 0.0759  0.0498  5   DG  B C4    
251 P  P     . DC  B 6  ? 0.9603 0.7273 1.0077 -0.0174 0.0719  0.1433  6   DC  B P     
252 O  OP1   . DC  B 6  ? 1.1976 0.9563 1.2818 -0.0014 0.0703  0.1668  6   DC  B OP1   
253 O  OP2   . DC  B 6  ? 0.8432 0.5679 0.8793 -0.0213 0.0755  0.1179  6   DC  B OP2   
254 O  "O5'" . DC  B 6  ? 0.9891 0.7809 1.0267 -0.0405 0.0656  0.1654  6   DC  B "O5'" 
255 C  "C5'" . DC  B 6  ? 0.9199 0.6957 0.9605 -0.0563 0.0671  0.1629  6   DC  B "C5'" 
256 C  "C4'" . DC  B 6  ? 0.7898 0.5980 0.8171 -0.0788 0.0726  0.1800  6   DC  B "C4'" 
257 O  "O4'" . DC  B 6  ? 0.5894 0.4254 0.6108 -0.0847 0.0848  0.1560  6   DC  B "O4'" 
258 C  "C3'" . DC  B 6  ? 0.8138 0.6051 0.8556 -0.0972 0.0730  0.1994  6   DC  B "C3'" 
259 O  "O3'" . DC  B 6  ? 0.7983 0.6052 0.8160 -0.1157 0.0752  0.2301  6   DC  B "O3'" 
260 C  "C2'" . DC  B 6  ? 0.8274 0.6331 0.8853 -0.1086 0.0840  0.1789  6   DC  B "C2'" 
261 C  "C1'" . DC  B 6  ? 0.7162 0.5583 0.7563 -0.1038 0.0957  0.1597  6   DC  B "C1'" 
262 N  N1    . DC  B 6  ? 0.6303 0.4824 0.6980 -0.1021 0.0975  0.1340  6   DC  B N1    
263 C  C2    . DC  B 6  ? 0.5800 0.4674 0.6506 -0.1055 0.1165  0.1204  6   DC  B C2    
264 O  O2    . DC  B 6  ? 0.5285 0.4327 0.5642 -0.1127 0.1337  0.1265  6   DC  B O2    
265 N  N3    . DC  B 6  ? 0.6046 0.5019 0.7154 -0.1034 0.1138  0.1021  6   DC  B N3    
266 C  C4    . DC  B 6  ? 0.5670 0.4381 0.7013 -0.1029 0.0882  0.0988  6   DC  B C4    
267 N  N4    . DC  B 6  ? 0.6083 0.4885 0.7839 -0.1049 0.0775  0.0872  6   DC  B N4    
268 C  C5    . DC  B 6  ? 0.6306 0.4588 0.7456 -0.1027 0.0710  0.1080  6   DC  B C5    
269 C  C6    . DC  B 6  ? 0.6962 0.5176 0.7846 -0.0999 0.0789  0.1245  6   DC  B C6    
270 P  P     . DT  B 7  ? 0.8305 0.6153 0.8569 -0.1353 0.0705  0.2645  7   DT  B P     
271 O  OP1   . DT  B 7  ? 0.9184 0.6935 0.9330 -0.1360 0.0501  0.3009  7   DT  B OP1   
272 O  OP2   . DT  B 7  ? 0.7748 0.5273 0.8409 -0.1299 0.0661  0.2532  7   DT  B OP2   
273 O  "O5'" . DT  B 7  ? 0.9153 0.7287 0.9139 -0.1656 0.0969  0.2679  7   DT  B "O5'" 
274 C  "C5'" . DT  B 7  ? 0.8323 0.6632 0.7703 -0.1838 0.1049  0.2804  7   DT  B "C5'" 
275 C  "C4'" . DT  B 7  ? 0.7914 0.6501 0.7120 -0.1978 0.1436  0.2540  7   DT  B "C4'" 
276 O  "O4'" . DT  B 7  ? 0.7332 0.6068 0.6984 -0.1735 0.1477  0.2169  7   DT  B "O4'" 
277 C  "C3'" . DT  B 7  ? 0.7792 0.6415 0.7160 -0.2233 0.1754  0.2610  7   DT  B "C3'" 
278 O  "O3'" . DT  B 7  ? 0.9507 0.8081 0.8227 -0.2496 0.1900  0.2810  7   DT  B "O3'" 
279 C  "C2'" . DT  B 7  ? 0.7331 0.6251 0.7024 -0.2178 0.2099  0.2235  7   DT  B "C2'" 
280 C  "C1'" . DT  B 7  ? 0.7367 0.6335 0.7193 -0.1860 0.1855  0.1979  7   DT  B "C1'" 
281 N  N1    . DT  B 7  ? 0.7279 0.6314 0.7839 -0.1689 0.1787  0.1771  7   DT  B N1    
282 C  C2    . DT  B 7  ? 0.7758 0.7042 0.8602 -0.1616 0.1968  0.1489  7   DT  B C2    
283 O  O2    . DT  B 7  ? 0.6056 0.5481 0.6559 -0.1669 0.2239  0.1359  7   DT  B O2    
284 N  N3    . DT  B 7  ? 0.5547 0.4847 0.7069 -0.1507 0.1794  0.1377  7   DT  B N3    
285 C  C4    . DT  B 7  ? 0.6039 0.5084 0.7848 -0.1496 0.1480  0.1479  7   DT  B C4    
286 O  O4    . DT  B 7  ? 0.6390 0.5415 0.8694 -0.1463 0.1291  0.1381  7   DT  B O4    
287 C  C5    . DT  B 7  ? 0.6195 0.4953 0.7664 -0.1558 0.1370  0.1719  7   DT  B C5    
288 C  C7    . DT  B 7  ? 0.6715 0.5085 0.8415 -0.1563 0.1070  0.1800  7   DT  B C7    
289 C  C6    . DT  B 7  ? 0.6938 0.5731 0.7870 -0.1636 0.1516  0.1871  7   DT  B C6    
290 N  N     . THR C 1  ? 0.5604 0.5252 0.4770 -0.1004 0.1702  0.0423  1   THR C N     
291 C  CA    . THR C 1  ? 0.6676 0.6242 0.5099 -0.1215 0.1722  0.0558  1   THR C CA    
292 C  C     . THR C 1  ? 0.6725 0.6185 0.5001 -0.1333 0.1638  0.0880  1   THR C C     
293 O  O     . THR C 1  ? 0.6427 0.5878 0.5174 -0.1270 0.1662  0.0940  1   THR C O     
294 C  CB    . THR C 1  ? 0.6015 0.5530 0.4057 -0.1434 0.2134  0.0348  1   THR C CB    
295 O  OG1   . THR C 1  ? 0.6188 0.5720 0.4550 -0.1523 0.2477  0.0346  1   THR C OG1   
296 C  CG2   . THR C 1  ? 0.6061 0.5649 0.4415 -0.1300 0.2250  0.0026  1   THR C CG2   
297 N  N     . DVA C 2  ? 0.7891 0.7243 0.5528 -0.1531 0.1490  0.1117  2   DVA C N     
298 C  CA    . DVA C 2  ? 0.7630 0.6842 0.5032 -0.1726 0.1432  0.1455  2   DVA C CA    
299 C  CB    . DVA C 2  ? 0.8443 0.7471 0.4855 -0.2124 0.1434  0.1620  2   DVA C CB    
300 C  CG1   . DVA C 2  ? 0.8876 0.7770 0.5167 -0.2245 0.1127  0.2061  2   DVA C CG1   
301 C  CG2   . DVA C 2  ? 0.9752 0.8795 0.5799 -0.2142 0.1209  0.1552  2   DVA C CG2   
302 C  C     . DVA C 2  ? 0.8225 0.7396 0.6078 -0.1539 0.1075  0.1747  2   DVA C C     
303 O  O     . DVA C 2  ? 0.7841 0.7036 0.5754 -0.1430 0.0769  0.1889  2   DVA C O     
304 N  N     . PRO C 3  ? 0.8221 0.7317 0.6488 -0.1491 0.1141  0.1818  3   PRO C N     
305 C  CA    . PRO C 3  ? 0.7297 0.6436 0.5768 -0.1573 0.1494  0.1638  3   PRO C CA    
306 C  C     . PRO C 3  ? 0.7769 0.6820 0.5726 -0.1932 0.1746  0.1804  3   PRO C C     
307 O  O     . PRO C 3  ? 0.8141 0.7029 0.5604 -0.2125 0.1544  0.2141  3   PRO C O     
308 C  CB    . PRO C 3  ? 0.6780 0.5823 0.5903 -0.1393 0.1357  0.1687  3   PRO C CB    
309 C  CG    . PRO C 3  ? 0.7839 0.6695 0.6911 -0.1341 0.1045  0.2000  3   PRO C CG    
310 C  CD    . PRO C 3  ? 0.8523 0.7466 0.7211 -0.1340 0.0879  0.2068  3   PRO C CD    
311 N  N     . SAR C 4  ? 0.8108 0.7253 0.6197 -0.2039 0.2192  0.1587  4   SAR C N     
312 C  CA    . SAR C 4  ? 0.8134 0.7481 0.6853 -0.1830 0.2369  0.1232  4   SAR C CA    
313 C  C     . SAR C 4  ? 0.8531 0.7908 0.6799 -0.1883 0.2603  0.0949  4   SAR C C     
314 O  O     . SAR C 4  ? 0.7744 0.6974 0.5174 -0.2049 0.2487  0.1039  4   SAR C O     
315 C  CN    . SAR C 4  ? 0.9697 0.8811 0.7503 -0.2293 0.2480  0.1673  4   SAR C CN    
316 N  N     . MVA C 5  ? 0.6562 0.6102 0.5417 -0.1743 0.2845  0.0640  5   MVA C N     
317 C  CN    . MVA C 5  ? 0.6206 0.5926 0.6107 -0.1575 0.2861  0.0585  5   MVA C CN    
318 C  CA    . MVA C 5  ? 0.8106 0.7636 0.6683 -0.1757 0.3087  0.0328  5   MVA C CA    
319 C  CB    . MVA C 5  ? 0.8960 0.8421 0.7321 -0.1920 0.3469  0.0221  5   MVA C CB    
320 C  CG1   . MVA C 5  ? 1.0460 0.9642 0.7667 -0.2180 0.3404  0.0298  5   MVA C CG1   
321 C  CG2   . MVA C 5  ? 0.9476 0.9007 0.8443 -0.1793 0.3833  -0.0144 5   MVA C CG2   
322 C  C     . MVA C 5  ? 0.6966 0.6349 0.4706 -0.1812 0.2794  0.0358  5   MVA C C     
323 O  O     . MVA C 5  ? 0.7709 0.6989 0.5016 -0.1864 0.2879  0.0128  5   MVA C O     
324 C  C1    . PXZ C 6  ? 0.4865 0.4538 0.4766 -0.0697 0.1404  0.0245  6   PXZ C C1    
325 C  C0    . PXZ C 6  ? 0.6249 0.5908 0.5495 -0.0818 0.1428  0.0375  6   PXZ C C0    
326 O  O1    . PXZ C 6  ? 0.6817 0.6510 0.5754 -0.0828 0.1381  0.0306  6   PXZ C O1    
327 C  C2    . PXZ C 6  ? 0.5585 0.5360 0.5870 -0.0655 0.1499  0.0017  6   PXZ C C2    
328 N  N2    . PXZ C 6  ? 0.8956 0.8779 0.8955 -0.0712 0.1702  -0.0154 6   PXZ C N2    
329 C  C3    . PXZ C 6  ? 0.5588 0.5353 0.6554 -0.0588 0.1345  -0.0012 6   PXZ C C3    
330 O  O3    . PXZ C 6  ? 0.7110 0.6954 0.8511 -0.0555 0.1369  -0.0135 6   PXZ C O3    
331 C  C4    . PXZ C 6  ? 0.4748 0.4344 0.5851 -0.0595 0.1108  0.0139  6   PXZ C C4    
332 O  O5    . PXZ C 6  ? 0.5804 0.5007 0.6575 -0.0632 0.0904  0.0402  6   PXZ C O5    
333 C  C6    . PXZ C 6  ? 0.5773 0.4477 0.6342 -0.0667 0.0750  0.0626  6   PXZ C C6    
334 C  C7    . PXZ C 6  ? 0.5491 0.3983 0.5891 -0.0653 0.0754  0.0782  6   PXZ C C7    
335 C  C8    . PXZ C 6  ? 0.5799 0.4450 0.5988 -0.0627 0.0854  0.0931  6   PXZ C C8    
336 C  C9    . PXZ C 6  ? 0.5087 0.4058 0.5104 -0.0641 0.0960  0.0882  6   PXZ C C9    
337 C  "C0'" . PXZ C 6  ? 0.5993 0.5085 0.5658 -0.0694 0.0979  0.1074  6   PXZ C "C0'" 
338 O  "O1'" . PXZ C 6  ? 0.6444 0.5562 0.5955 -0.0865 0.1064  0.1241  6   PXZ C "O1'" 
339 N  N10   . PXZ C 6  ? 0.4356 0.3738 0.4275 -0.0664 0.1148  0.0590  6   PXZ C N10   
340 C  C11   . PXZ C 6  ? 0.4134 0.3651 0.4300 -0.0648 0.1222  0.0377  6   PXZ C C11   
341 C  C12   . PXZ C 6  ? 0.4756 0.4208 0.5430 -0.0616 0.1090  0.0303  6   PXZ C C12   
342 C  C13   . PXZ C 6  ? 0.4926 0.3953 0.5413 -0.0636 0.0901  0.0564  6   PXZ C C13   
343 C  C14   . PXZ C 6  ? 0.5289 0.4428 0.5436 -0.0637 0.1014  0.0675  6   PXZ C C14   
344 C  C15   . PXZ C 6  ? 0.4785 0.4299 0.6459 -0.0615 0.0854  0.0150  6   PXZ C C15   
345 C  C16   . PXZ C 6  ? 0.6208 0.4742 0.7070 -0.0749 0.0530  0.0540  6   PXZ C C16   
346 N  N     . THR C 7  ? 0.4742 0.3929 0.4207 -0.0612 0.0880  0.1097  7   THR C N     
347 C  CA    . THR C 7  ? 0.6555 0.5800 0.5771 -0.0689 0.0755  0.1363  7   THR C CA    
348 C  C     . THR C 7  ? 0.6696 0.6133 0.5581 -0.0760 0.0744  0.1263  7   THR C C     
349 O  O     . THR C 7  ? 0.6655 0.6167 0.5630 -0.0657 0.0805  0.1003  7   THR C O     
350 C  CB    . THR C 7  ? 0.8690 0.7817 0.8244 -0.0500 0.0585  0.1547  7   THR C CB    
351 O  OG1   . THR C 7  ? 0.8466 0.7639 0.8174 -0.0315 0.0600  0.1344  7   THR C OG1   
352 C  CG2   . THR C 7  ? 0.7963 0.6789 0.7817 -0.0428 0.0613  0.1600  7   THR C CG2   
353 N  N     . DVA C 8  ? 0.6731 0.6199 0.5138 -0.0989 0.0669  0.1439  8   DVA C N     
354 C  CA    . DVA C 8  ? 0.7025 0.6605 0.5139 -0.1052 0.0562  0.1380  8   DVA C CA    
355 C  CB    . DVA C 8  ? 0.8989 0.8572 0.6905 -0.1208 0.0202  0.1785  8   DVA C CB    
356 C  CG1   . DVA C 8  ? 1.0836 1.0288 0.7851 -0.1617 0.0173  0.1850  8   DVA C CG1   
357 C  CG2   . DVA C 8  ? 0.9181 0.8682 0.7517 -0.1132 0.0046  0.2138  8   DVA C CG2   
358 C  C     . DVA C 8  ? 0.7127 0.6698 0.4789 -0.1218 0.0820  0.1068  8   DVA C C     
359 O  O     . DVA C 8  ? 0.7047 0.6496 0.4248 -0.1463 0.1028  0.1053  8   DVA C O     
360 N  N     . PRO C 9  ? 0.6352 0.6016 0.4183 -0.1082 0.0855  0.0805  9   PRO C N     
361 C  CA    . PRO C 9  ? 0.6037 0.5806 0.4386 -0.0810 0.0711  0.0775  9   PRO C CA    
362 C  C     . PRO C 9  ? 0.5852 0.5719 0.4224 -0.0800 0.0421  0.1004  9   PRO C C     
363 O  O     . PRO C 9  ? 0.6311 0.6177 0.4232 -0.1026 0.0283  0.1098  9   PRO C O     
364 C  CB    . PRO C 9  ? 0.5423 0.5224 0.3851 -0.0755 0.0862  0.0438  9   PRO C CB    
365 C  CG    . PRO C 9  ? 0.5536 0.5271 0.3416 -0.1000 0.0991  0.0328  9   PRO C CG    
366 C  CD    . PRO C 9  ? 0.6430 0.6049 0.3922 -0.1213 0.1087  0.0501  9   PRO C CD    
367 N  N     . SAR C 10 ? 0.6177 0.6092 0.5069 -0.0568 0.0346  0.1093  10  SAR C N     
368 C  CA    . SAR C 10 ? 0.4683 0.4465 0.3911 -0.0378 0.0496  0.0982  10  SAR C CA    
369 C  C     . SAR C 10 ? 0.4773 0.4431 0.4261 -0.0321 0.0445  0.1247  10  SAR C C     
370 O  O     . SAR C 10 ? 0.5580 0.5279 0.4945 -0.0471 0.0282  0.1539  10  SAR C O     
371 C  CN    . SAR C 10 ? 0.5880 0.5949 0.5064 -0.0499 0.0151  0.1271  10  SAR C CN    
372 N  N     . MVA C 11 ? 0.5855 0.5308 0.5630 -0.0151 0.0558  0.1158  11  MVA C N     
373 C  CN    . MVA C 11 ? 0.6694 0.5995 0.6411 -0.0097 0.0687  0.0852  11  MVA C CN    
374 C  CA    . MVA C 11 ? 0.7578 0.6837 0.7688 -0.0059 0.0547  0.1368  11  MVA C CA    
375 C  CB    . MVA C 11 ? 0.8834 0.8203 0.9426 0.0080  0.0465  0.1596  11  MVA C CB    
376 C  CG1   . MVA C 11 ? 0.9979 0.9512 1.0660 -0.0065 0.0179  0.2020  11  MVA C CG1   
377 C  CG2   . MVA C 11 ? 0.8710 0.7762 0.9763 0.0300  0.0655  0.1565  11  MVA C CG2   
378 C  C     . MVA C 11 ? 0.9457 0.8639 0.9466 -0.0211 0.0473  0.1595  11  MVA C C     
379 O  O     . MVA C 11 ? 1.0841 0.9868 1.1244 -0.0118 0.0411  0.1839  11  MVA C O     
380 N  N     . DSN D 1  ? 0.3898 0.4417 0.5040 0.0076  0.1364  0.0724  1   DSN D N     
381 C  CA    . DSN D 1  ? 0.3922 0.4836 0.5940 0.0183  0.1343  0.1014  1   DSN D CA    
382 C  C     . DSN D 1  ? 0.3830 0.4791 0.5867 0.0222  0.1073  0.1107  1   DSN D C     
383 O  O     . DSN D 1  ? 0.3736 0.4808 0.6397 0.0356  0.1143  0.1308  1   DSN D O     
384 C  CB    . DSN D 1  ? 0.5175 0.5988 0.7709 0.0350  0.1867  0.1033  1   DSN D CB    
385 O  OG    . DSN D 1  ? 0.4954 0.5211 0.6797 0.0385  0.2125  0.0748  1   DSN D OG    
386 N  N     . ALA D 2  ? 0.3498 0.4361 0.4900 0.0096  0.0786  0.0976  2   ALA D N     
387 C  CA    . ALA D 2  ? 0.4312 0.5156 0.5562 0.0082  0.0581  0.1032  2   ALA D CA    
388 C  C     . ALA D 2  ? 0.4542 0.5070 0.5686 0.0221  0.0823  0.0922  2   ALA D C     
389 O  O     . ALA D 2  ? 0.4964 0.5178 0.5812 0.0259  0.1077  0.0703  2   ALA D O     
390 C  CB    . ALA D 2  ? 0.3791 0.4558 0.4409 -0.0089 0.0349  0.0863  2   ALA D CB    
391 N  N     . N2C D 3  ? 0.4246 0.4798 0.5554 0.0254  0.0714  0.1085  3   N2C D N     
392 C  CA    . N2C D 3  ? 0.3848 0.4060 0.5002 0.0351  0.0897  0.0972  3   N2C D CA    
393 C  CB    . N2C D 3  ? 0.5609 0.5773 0.7449 0.0540  0.1105  0.1152  3   N2C D CB    
394 S  SG    . N2C D 3  ? 0.6254 0.6725 0.8983 0.0653  0.1301  0.1335  3   N2C D SG    
395 C  CD    . N2C D 3  ? 0.6895 0.7859 1.0605 0.0650  0.0906  0.1878  3   N2C D CD    
396 C  CN    . N2C D 3  ? 0.4546 0.5372 0.6041 0.0138  0.0362  0.1380  3   N2C D CN    
397 C  C     . N2C D 3  ? 0.4703 0.4889 0.5474 0.0234  0.0667  0.0990  3   N2C D C     
398 O  O     . N2C D 3  ? 0.5013 0.5215 0.5999 0.0250  0.0583  0.1196  3   N2C D O     
399 N  N     . MVA D 4  ? 0.4918 0.5044 0.5169 0.0109  0.0597  0.0777  4   MVA D N     
400 C  CN    . MVA D 4  ? 0.3995 0.3997 0.4000 0.0093  0.0685  0.0537  4   MVA D CN    
401 C  CA    . MVA D 4  ? 0.4232 0.4325 0.4144 -0.0015 0.0487  0.0757  4   MVA D CA    
402 C  CB    . MVA D 4  ? 0.4156 0.4280 0.3697 -0.0155 0.0428  0.0557  4   MVA D CB    
403 C  CG1   . MVA D 4  ? 0.5243 0.5581 0.4721 -0.0292 0.0235  0.0682  4   MVA D CG1   
404 C  CG2   . MVA D 4  ? 0.5628 0.5657 0.4899 -0.0257 0.0468  0.0476  4   MVA D CG2   
405 C  C     . MVA D 4  ? 0.5267 0.5071 0.5120 0.0054  0.0630  0.0654  4   MVA D C     
406 O  O     . MVA D 4  ? 0.6097 0.5851 0.5901 0.0005  0.0598  0.0751  4   MVA D O     
407 N  N     . DSN D 5  ? 0.5257 0.4368 0.4562 0.0018  0.0776  0.0105  5   DSN D N     
408 C  CA    . DSN D 5  ? 0.5332 0.4225 0.4716 0.0098  0.0911  0.0168  5   DSN D CA    
409 C  C     . DSN D 5  ? 0.5116 0.3818 0.4542 0.0195  0.1149  0.0150  5   DSN D C     
410 O  O     . DSN D 5  ? 0.5751 0.4429 0.5513 0.0322  0.1303  0.0263  5   DSN D O     
411 C  CB    . DSN D 5  ? 0.4974 0.4136 0.4645 0.0138  0.0864  0.0379  5   DSN D CB    
412 O  OG    . DSN D 5  ? 0.5199 0.4706 0.5061 0.0152  0.0799  0.0518  5   DSN D OG    
413 N  N     . ALA D 6  ? 0.4757 0.3301 0.3881 0.0125  0.1201  0.0018  6   ALA D N     
414 C  CA    . ALA D 6  ? 0.4741 0.3114 0.3880 0.0188  0.1517  -0.0019 6   ALA D CA    
415 C  C     . ALA D 6  ? 0.5076 0.3956 0.4844 0.0312  0.1556  0.0184  6   ALA D C     
416 O  O     . ALA D 6  ? 0.5689 0.4968 0.5599 0.0269  0.1288  0.0295  6   ALA D O     
417 C  CB    . ALA D 6  ? 0.4892 0.2967 0.3457 0.0018  0.1530  -0.0171 6   ALA D CB    
418 N  N     . NCY D 7  ? 0.4657 0.3492 0.4838 0.0447  0.1894  0.0236  7   NCY D N     
419 C  CA    . NCY D 7  ? 0.5153 0.4491 0.6092 0.0544  0.1898  0.0483  7   NCY D CA    
420 C  CB    . NCY D 7  ? 0.5268 0.4768 0.7003 0.0719  0.1930  0.0733  7   NCY D CB    
421 S  SG    . NCY D 7  ? 0.6991 0.6564 0.8575 0.0660  0.1520  0.0869  7   NCY D SG    
422 C  CN    . NCY D 7  ? 0.5887 0.4184 0.5938 0.0510  0.2276  0.0083  7   NCY D CN    
423 C  C     . NCY D 7  ? 0.5220 0.4525 0.6346 0.0569  0.2279  0.0437  7   NCY D C     
424 O  O     . NCY D 7  ? 0.5700 0.5092 0.7566 0.0728  0.2607  0.0553  7   NCY D O     
425 N  N     . MVA D 8  ? 0.4775 0.3973 0.5311 0.0400  0.2244  0.0294  8   MVA D N     
426 C  CN    . MVA D 8  ? 0.4546 0.3849 0.4608 0.0241  0.1810  0.0257  8   MVA D CN    
427 C  CA    . MVA D 8  ? 0.5341 0.4421 0.5897 0.0372  0.2657  0.0234  8   MVA D CA    
428 C  CB    . MVA D 8  ? 0.6758 0.5385 0.6284 0.0124  0.2639  0.0015  8   MVA D CB    
429 C  CG1   . MVA D 8  ? 0.8716 0.6620 0.7491 0.0055  0.2843  -0.0230 8   MVA D CG1   
430 C  CG2   . MVA D 8  ? 0.6857 0.5478 0.6436 0.0053  0.3021  0.0021  8   MVA D CG2   
431 C  C     . MVA D 8  ? 0.5661 0.5379 0.7084 0.0420  0.2577  0.0511  8   MVA D C     
432 O  O     . MVA D 8  ? 0.7258 0.7014 0.9312 0.0536  0.3042  0.0570  8   MVA D O     
433 CO CO    . CO  E .  ? 0.3658 0.3794 0.3242 -0.0644 -0.0077 0.0116  101 CO  A CO    
434 CO CO    . CO  F .  ? 0.5848 0.3731 0.5058 -0.0572 0.0066  -0.0055 101 CO  B CO    
435 CO CO    . CO  G .  ? 1.0418 0.8472 0.8948 -0.0762 -0.0396 -0.0115 102 CO  B CO    
436 N  N1    . QUI H .  ? 0.4636 0.4063 0.3938 -0.0128 0.0545  -0.0029 101 QUI D N1    
437 C  C2    . QUI H .  ? 0.5267 0.4394 0.4479 -0.0158 0.0519  -0.0080 101 QUI D C2    
438 C  C3    . QUI H .  ? 0.5086 0.4083 0.4326 -0.0254 0.0356  -0.0155 101 QUI D C3    
439 N  N4    . QUI H .  ? 0.5071 0.4248 0.4492 -0.0277 0.0281  -0.0199 101 QUI D N4    
440 C  C5    . QUI H .  ? 0.4287 0.3825 0.3874 -0.0278 0.0307  -0.0284 101 QUI D C5    
441 C  C6    . QUI H .  ? 0.4725 0.4446 0.4223 -0.0293 0.0359  -0.0298 101 QUI D C6    
442 C  C7    . QUI H .  ? 0.5010 0.4863 0.4345 -0.0280 0.0407  -0.0173 101 QUI D C7    
443 C  C8    . QUI H .  ? 0.4681 0.4480 0.4012 -0.0209 0.0461  -0.0060 101 QUI D C8    
444 C  C9    . QUI H .  ? 0.3769 0.3334 0.3118 -0.0185 0.0468  -0.0104 101 QUI D C9    
445 C  C10   . QUI H .  ? 0.3834 0.3270 0.3274 -0.0240 0.0363  -0.0201 101 QUI D C10   
446 C  C     . QUI H .  ? 0.5042 0.3972 0.4188 -0.0091 0.0653  -0.0019 101 QUI D C     
447 O  O1    . QUI H .  ? 0.5722 0.4284 0.4687 -0.0149 0.0631  -0.0076 101 QUI D O1    
448 N  N1    . QUI I .  ? 0.5053 0.4896 0.4866 -0.0195 0.1335  0.0353  102 QUI D N1    
449 C  C2    . QUI I .  ? 0.5698 0.5965 0.5949 -0.0216 0.1106  0.0506  102 QUI D C2    
450 C  C3    . QUI I .  ? 0.3940 0.4227 0.3986 -0.0367 0.0834  0.0475  102 QUI D C3    
451 N  N4    . QUI I .  ? 0.4280 0.4213 0.3803 -0.0471 0.0772  0.0336  102 QUI D N4    
452 C  C5    . QUI I .  ? 0.5713 0.4854 0.4260 -0.0643 0.0771  0.0149  102 QUI D C5    
453 C  C6    . QUI I .  ? 0.6444 0.5103 0.4434 -0.0719 0.0869  0.0058  102 QUI D C6    
454 C  C7    . QUI I .  ? 0.6384 0.4919 0.4339 -0.0605 0.1197  -0.0005 102 QUI D C7    
455 C  C8    . QUI I .  ? 0.5932 0.4874 0.4528 -0.0398 0.1402  0.0070  102 QUI D C8    
456 C  C9    . QUI I .  ? 0.5315 0.4777 0.4486 -0.0347 0.1240  0.0213  102 QUI D C9    
457 C  C10   . QUI I .  ? 0.4982 0.4514 0.4066 -0.0477 0.0942  0.0228  102 QUI D C10   
458 C  C     . QUI I .  ? 0.4708 0.5356 0.5701 -0.0086 0.1146  0.0729  102 QUI D C     
459 O  O1    . QUI I .  ? 0.5322 0.6342 0.6731 -0.0153 0.0896  0.0920  102 QUI D O1    
460 O  O     . HOH J .  ? 0.5472 0.5246 0.4836 -0.0570 -0.0032 -0.0032 201 HOH A O     
461 O  O     . HOH J .  ? 0.5340 0.5178 0.4417 -0.0654 0.0160  -0.0524 202 HOH A O     
462 O  O     . HOH J .  ? 0.4740 0.5931 0.5273 -0.0146 0.0233  0.0311  203 HOH A O     
463 O  O     . HOH J .  ? 0.4667 0.4907 0.3844 -0.0720 -0.0146 -0.0059 204 HOH A O     
464 O  O     . HOH J .  ? 0.7534 0.7346 0.8979 -0.0423 0.1737  -0.0953 205 HOH A O     
465 O  O     . HOH J .  ? 0.5872 0.6653 0.5671 -0.0929 -0.0532 0.0484  206 HOH A O     
466 O  O     . HOH J .  ? 0.5867 0.5568 0.6289 -0.0388 0.0514  -0.0857 207 HOH A O     
467 O  O     . HOH J .  ? 0.5224 0.6642 0.6168 -0.1040 -0.0703 0.1064  208 HOH A O     
468 O  O     . HOH J .  ? 0.4349 0.4190 0.4308 -0.0315 0.0204  -0.0701 209 HOH A O     
469 O  O     . HOH J .  ? 0.8855 0.8963 0.6994 -0.1935 -0.1366 0.0281  210 HOH A O     
470 O  O     . HOH J .  ? 0.9400 1.0255 0.8770 -0.1841 -0.1652 0.0931  211 HOH A O     
471 O  O     . HOH K .  ? 0.6640 0.4833 0.6063 -0.0572 -0.0064 -0.0081 201 HOH B O     
472 O  O     . HOH K .  ? 0.7128 0.4386 0.5578 -0.0675 0.0051  -0.0158 202 HOH B O     
473 O  O     . HOH K .  ? 0.5449 0.3877 0.8285 -0.1568 0.0575  0.1400  203 HOH B O     
474 O  O     . HOH K .  ? 0.6089 0.3557 0.5162 -0.0663 0.0039  -0.0026 204 HOH B O     
475 O  O     . HOH K .  ? 0.5677 0.4048 0.5674 -0.0561 0.0111  0.0051  205 HOH B O     
476 O  O     . HOH K .  ? 0.8538 0.8206 0.8691 -0.2065 0.3193  0.1205  206 HOH B O     
477 O  O     . HOH K .  ? 0.5826 0.3569 0.5410 -0.0831 -0.0400 0.0028  207 HOH B O     
478 O  O     . HOH K .  ? 0.8808 0.6428 0.6815 0.0537  -0.1120 -0.0241 208 HOH B O     
479 O  O     . HOH L .  ? 1.2326 1.1180 0.8421 -0.2856 0.3526  0.1083  101 HOH C O     
480 O  O     . HOH L .  ? 1.2233 1.0814 0.9514 -0.2198 -0.0503 0.3688  102 HOH C O     
481 O  O     . HOH M .  ? 0.4765 0.4803 0.4302 -0.0666 0.0147  0.0265  201 HOH D O     
482 O  O     . HOH M .  ? 0.7383 0.6260 0.8604 0.0630  0.1290  0.0954  202 HOH D O     
# 
